data_7FV9
# 
_entry.id   7FV9 
# 
_audit_conform.dict_name       mmcif_pdbx.dic 
_audit_conform.dict_version    5.392 
_audit_conform.dict_location   http://mmcif.pdb.org/dictionaries/ascii/mmcif_pdbx.dic 
# 
loop_
_database_2.database_id 
_database_2.database_code 
_database_2.pdbx_database_accession 
_database_2.pdbx_DOI 
PDB   7FV9         pdb_00007fv9 10.2210/pdb7fv9/pdb 
WWPDB D_1001405390 ?            ?                   
# 
loop_
_pdbx_audit_revision_history.ordinal 
_pdbx_audit_revision_history.data_content_type 
_pdbx_audit_revision_history.major_revision 
_pdbx_audit_revision_history.minor_revision 
_pdbx_audit_revision_history.revision_date 
1 'Structure model' 1 0 2023-03-29 
2 'Structure model' 1 1 2024-05-22 
# 
_pdbx_audit_revision_details.ordinal             1 
_pdbx_audit_revision_details.revision_ordinal    1 
_pdbx_audit_revision_details.data_content_type   'Structure model' 
_pdbx_audit_revision_details.provider            repository 
_pdbx_audit_revision_details.type                'Initial release' 
_pdbx_audit_revision_details.description         ? 
_pdbx_audit_revision_details.details             ? 
# 
_pdbx_audit_revision_group.ordinal             1 
_pdbx_audit_revision_group.revision_ordinal    2 
_pdbx_audit_revision_group.data_content_type   'Structure model' 
_pdbx_audit_revision_group.group               'Data collection' 
# 
loop_
_pdbx_audit_revision_category.ordinal 
_pdbx_audit_revision_category.revision_ordinal 
_pdbx_audit_revision_category.data_content_type 
_pdbx_audit_revision_category.category 
1 2 'Structure model' chem_comp_atom 
2 2 'Structure model' chem_comp_bond 
# 
_pdbx_database_status.entry_id                        7FV9 
_pdbx_database_status.status_code                     REL 
_pdbx_database_status.status_code_sf                  REL 
_pdbx_database_status.status_code_mr                  ? 
_pdbx_database_status.status_code_cs                  ? 
_pdbx_database_status.recvd_initial_deposition_date   2023-03-09 
_pdbx_database_status.status_code_nmr_data            ? 
_pdbx_database_status.deposit_site                    RCSB 
_pdbx_database_status.process_site                    RCSB 
_pdbx_database_status.SG_entry                        ? 
_pdbx_database_status.pdb_format_compatible           Y 
_pdbx_database_status.methods_development_category    ? 
# 
_pdbx_contact_author.id                 1 
_pdbx_contact_author.email              frank.von-delft@diamond.ac.uk 
_pdbx_contact_author.name_first         Frank 
_pdbx_contact_author.name_last          'von Delft' 
_pdbx_contact_author.role               'principal investigator/group leader' 
_pdbx_contact_author.identifier_ORCID   0000-0003-0378-0017 
_pdbx_contact_author.name_mi            ? 
# 
loop_
_audit_author.name 
_audit_author.pdbx_ordinal 
'Grosjean, H.'   1 
'Tomlinson, C.'  2 
'Bradshaw, W.J.' 3 
'Koekemoer, L.'  4 
'Krojer, T.'     5 
'Fearon, D.'     6 
'Biggin, P.C.'   7 
'von Delft, F.'  8 
# 
_citation.id                        primary 
_citation.title                     'PanDDA analysis group deposition' 
_citation.journal_abbrev            'To Be Published' 
_citation.journal_volume            ? 
_citation.page_first                ? 
_citation.page_last                 ? 
_citation.year                      ? 
_citation.journal_id_ASTM           ? 
_citation.country                   ? 
_citation.journal_id_ISSN           ? 
_citation.journal_id_CSD            0353 
_citation.book_publisher            ? 
_citation.pdbx_database_id_PubMed   ? 
_citation.pdbx_database_id_DOI      ? 
# 
loop_
_citation_author.citation_id 
_citation_author.name 
_citation_author.identifier_ORCID 
_citation_author.ordinal 
primary 'Grosjean, H.'   ? 1 
primary 'Tomlinson, C.'  ? 2 
primary 'Bradshaw, W.J.' ? 3 
primary 'Koekemoer, L.'  ? 4 
primary 'Krojer, T.'     ? 5 
primary 'Fearon, D.'     ? 6 
primary 'Biggin, P.C.'   ? 7 
primary 'von Delft, F.'  ? 8 
# 
loop_
_entity.id 
_entity.type 
_entity.src_method 
_entity.pdbx_description 
_entity.formula_weight 
_entity.pdbx_number_of_molecules 
_entity.pdbx_ec 
_entity.pdbx_mutation 
_entity.pdbx_fragment 
_entity.details 
1 polymer     man 'PH-interacting protein'                                                         17627.859 1   ? ? ? ? 
2 non-polymer syn '4-(5-methylfuran-2-carbonyl)-N-[(thiophen-2-yl)methyl]piperazine-1-carboxamide' 333.405   1   ? ? ? ? 
3 water       nat water                                                                            18.015    202 ? ? ? ? 
# 
_entity_name_com.entity_id   1 
_entity_name_com.name        
'PHIP,DDB1- and CUL4-associated factor 14,IRS-1 PH domain-binding protein,WD repeat-containing protein 11' 
# 
_entity_poly.entity_id                      1 
_entity_poly.type                           'polypeptide(L)' 
_entity_poly.nstd_linkage                   no 
_entity_poly.nstd_monomer                   no 
_entity_poly.pdbx_seq_one_letter_code       
;MHHHHHHSSGVDLGTENLYFQSMSYDIQAWKKQCEELLNLIFQCEDSEPFRQPVDLLEYPDYRDIIDTPMDFATVRETLE
AGNYESPMELCKDVRLIFSNSKAYTPSKRSRIYSMSLRLSAFFEEHISSVLSDYKSALRFHKRNTITKR
;
_entity_poly.pdbx_seq_one_letter_code_can   
;MHHHHHHSSGVDLGTENLYFQSMSYDIQAWKKQCEELLNLIFQCEDSEPFRQPVDLLEYPDYRDIIDTPMDFATVRETLE
AGNYESPMELCKDVRLIFSNSKAYTPSKRSRIYSMSLRLSAFFEEHISSVLSDYKSALRFHKRNTITKR
;
_entity_poly.pdbx_strand_id                 A 
_entity_poly.pdbx_target_identifier         ? 
# 
loop_
_pdbx_entity_nonpoly.entity_id 
_pdbx_entity_nonpoly.name 
_pdbx_entity_nonpoly.comp_id 
2 '4-(5-methylfuran-2-carbonyl)-N-[(thiophen-2-yl)methyl]piperazine-1-carboxamide' ZLC 
3 water                                                                            HOH 
# 
loop_
_entity_poly_seq.entity_id 
_entity_poly_seq.num 
_entity_poly_seq.mon_id 
_entity_poly_seq.hetero 
1 1   MET n 
1 2   HIS n 
1 3   HIS n 
1 4   HIS n 
1 5   HIS n 
1 6   HIS n 
1 7   HIS n 
1 8   SER n 
1 9   SER n 
1 10  GLY n 
1 11  VAL n 
1 12  ASP n 
1 13  LEU n 
1 14  GLY n 
1 15  THR n 
1 16  GLU n 
1 17  ASN n 
1 18  LEU n 
1 19  TYR n 
1 20  PHE n 
1 21  GLN n 
1 22  SER n 
1 23  MET n 
1 24  SER n 
1 25  TYR n 
1 26  ASP n 
1 27  ILE n 
1 28  GLN n 
1 29  ALA n 
1 30  TRP n 
1 31  LYS n 
1 32  LYS n 
1 33  GLN n 
1 34  CYS n 
1 35  GLU n 
1 36  GLU n 
1 37  LEU n 
1 38  LEU n 
1 39  ASN n 
1 40  LEU n 
1 41  ILE n 
1 42  PHE n 
1 43  GLN n 
1 44  CYS n 
1 45  GLU n 
1 46  ASP n 
1 47  SER n 
1 48  GLU n 
1 49  PRO n 
1 50  PHE n 
1 51  ARG n 
1 52  GLN n 
1 53  PRO n 
1 54  VAL n 
1 55  ASP n 
1 56  LEU n 
1 57  LEU n 
1 58  GLU n 
1 59  TYR n 
1 60  PRO n 
1 61  ASP n 
1 62  TYR n 
1 63  ARG n 
1 64  ASP n 
1 65  ILE n 
1 66  ILE n 
1 67  ASP n 
1 68  THR n 
1 69  PRO n 
1 70  MET n 
1 71  ASP n 
1 72  PHE n 
1 73  ALA n 
1 74  THR n 
1 75  VAL n 
1 76  ARG n 
1 77  GLU n 
1 78  THR n 
1 79  LEU n 
1 80  GLU n 
1 81  ALA n 
1 82  GLY n 
1 83  ASN n 
1 84  TYR n 
1 85  GLU n 
1 86  SER n 
1 87  PRO n 
1 88  MET n 
1 89  GLU n 
1 90  LEU n 
1 91  CYS n 
1 92  LYS n 
1 93  ASP n 
1 94  VAL n 
1 95  ARG n 
1 96  LEU n 
1 97  ILE n 
1 98  PHE n 
1 99  SER n 
1 100 ASN n 
1 101 SER n 
1 102 LYS n 
1 103 ALA n 
1 104 TYR n 
1 105 THR n 
1 106 PRO n 
1 107 SER n 
1 108 LYS n 
1 109 ARG n 
1 110 SER n 
1 111 ARG n 
1 112 ILE n 
1 113 TYR n 
1 114 SER n 
1 115 MET n 
1 116 SER n 
1 117 LEU n 
1 118 ARG n 
1 119 LEU n 
1 120 SER n 
1 121 ALA n 
1 122 PHE n 
1 123 PHE n 
1 124 GLU n 
1 125 GLU n 
1 126 HIS n 
1 127 ILE n 
1 128 SER n 
1 129 SER n 
1 130 VAL n 
1 131 LEU n 
1 132 SER n 
1 133 ASP n 
1 134 TYR n 
1 135 LYS n 
1 136 SER n 
1 137 ALA n 
1 138 LEU n 
1 139 ARG n 
1 140 PHE n 
1 141 HIS n 
1 142 LYS n 
1 143 ARG n 
1 144 ASN n 
1 145 THR n 
1 146 ILE n 
1 147 THR n 
1 148 LYS n 
1 149 ARG n 
# 
_entity_src_gen.entity_id                          1 
_entity_src_gen.pdbx_src_id                        1 
_entity_src_gen.pdbx_alt_source_flag               sample 
_entity_src_gen.pdbx_seq_type                      'Biological sequence' 
_entity_src_gen.pdbx_beg_seq_num                   1 
_entity_src_gen.pdbx_end_seq_num                   149 
_entity_src_gen.gene_src_common_name               human 
_entity_src_gen.gene_src_genus                     ? 
_entity_src_gen.pdbx_gene_src_gene                 'PHIP, DCAF14, WDR11' 
_entity_src_gen.gene_src_species                   ? 
_entity_src_gen.gene_src_strain                    ? 
_entity_src_gen.gene_src_tissue                    ? 
_entity_src_gen.gene_src_tissue_fraction           ? 
_entity_src_gen.gene_src_details                   ? 
_entity_src_gen.pdbx_gene_src_fragment             ? 
_entity_src_gen.pdbx_gene_src_scientific_name      'Homo sapiens' 
_entity_src_gen.pdbx_gene_src_ncbi_taxonomy_id     9606 
_entity_src_gen.pdbx_gene_src_variant              ? 
_entity_src_gen.pdbx_gene_src_cell_line            ? 
_entity_src_gen.pdbx_gene_src_atcc                 ? 
_entity_src_gen.pdbx_gene_src_organ                ? 
_entity_src_gen.pdbx_gene_src_organelle            ? 
_entity_src_gen.pdbx_gene_src_cell                 ? 
_entity_src_gen.pdbx_gene_src_cellular_location    ? 
_entity_src_gen.host_org_common_name               ? 
_entity_src_gen.pdbx_host_org_scientific_name      'Escherichia coli' 
_entity_src_gen.pdbx_host_org_ncbi_taxonomy_id     562 
_entity_src_gen.host_org_genus                     ? 
_entity_src_gen.pdbx_host_org_gene                 ? 
_entity_src_gen.pdbx_host_org_organ                ? 
_entity_src_gen.host_org_species                   ? 
_entity_src_gen.pdbx_host_org_tissue               ? 
_entity_src_gen.pdbx_host_org_tissue_fraction      ? 
_entity_src_gen.pdbx_host_org_strain               ? 
_entity_src_gen.pdbx_host_org_variant              ? 
_entity_src_gen.pdbx_host_org_cell_line            ? 
_entity_src_gen.pdbx_host_org_atcc                 ? 
_entity_src_gen.pdbx_host_org_culture_collection   ? 
_entity_src_gen.pdbx_host_org_cell                 ? 
_entity_src_gen.pdbx_host_org_organelle            ? 
_entity_src_gen.pdbx_host_org_cellular_location    ? 
_entity_src_gen.pdbx_host_org_vector_type          ? 
_entity_src_gen.pdbx_host_org_vector               ? 
_entity_src_gen.host_org_details                   ? 
_entity_src_gen.expression_system_id               ? 
_entity_src_gen.plasmid_name                       ? 
_entity_src_gen.plasmid_details                    ? 
_entity_src_gen.pdbx_description                   ? 
# 
loop_
_chem_comp.id 
_chem_comp.type 
_chem_comp.mon_nstd_flag 
_chem_comp.name 
_chem_comp.pdbx_synonyms 
_chem_comp.formula 
_chem_comp.formula_weight 
ALA 'L-peptide linking' y ALANINE                                                                          ? 'C3 H7 N O2'      
89.093  
ARG 'L-peptide linking' y ARGININE                                                                         ? 'C6 H15 N4 O2 1'  
175.209 
ASN 'L-peptide linking' y ASPARAGINE                                                                       ? 'C4 H8 N2 O3'     
132.118 
ASP 'L-peptide linking' y 'ASPARTIC ACID'                                                                  ? 'C4 H7 N O4'      
133.103 
CYS 'L-peptide linking' y CYSTEINE                                                                         ? 'C3 H7 N O2 S'    
121.158 
GLN 'L-peptide linking' y GLUTAMINE                                                                        ? 'C5 H10 N2 O3'    
146.144 
GLU 'L-peptide linking' y 'GLUTAMIC ACID'                                                                  ? 'C5 H9 N O4'      
147.129 
GLY 'peptide linking'   y GLYCINE                                                                          ? 'C2 H5 N O2'      
75.067  
HIS 'L-peptide linking' y HISTIDINE                                                                        ? 'C6 H10 N3 O2 1'  
156.162 
HOH non-polymer         . WATER                                                                            ? 'H2 O'            
18.015  
ILE 'L-peptide linking' y ISOLEUCINE                                                                       ? 'C6 H13 N O2'     
131.173 
LEU 'L-peptide linking' y LEUCINE                                                                          ? 'C6 H13 N O2'     
131.173 
LYS 'L-peptide linking' y LYSINE                                                                           ? 'C6 H15 N2 O2 1'  
147.195 
MET 'L-peptide linking' y METHIONINE                                                                       ? 'C5 H11 N O2 S'   
149.211 
PHE 'L-peptide linking' y PHENYLALANINE                                                                    ? 'C9 H11 N O2'     
165.189 
PRO 'L-peptide linking' y PROLINE                                                                          ? 'C5 H9 N O2'      
115.130 
SER 'L-peptide linking' y SERINE                                                                           ? 'C3 H7 N O3'      
105.093 
THR 'L-peptide linking' y THREONINE                                                                        ? 'C4 H9 N O3'      
119.119 
TRP 'L-peptide linking' y TRYPTOPHAN                                                                       ? 'C11 H12 N2 O2'   
204.225 
TYR 'L-peptide linking' y TYROSINE                                                                         ? 'C9 H11 N O3'     
181.189 
VAL 'L-peptide linking' y VALINE                                                                           ? 'C5 H11 N O2'     
117.146 
ZLC non-polymer         . '4-(5-methylfuran-2-carbonyl)-N-[(thiophen-2-yl)methyl]piperazine-1-carboxamide' ? 'C16 H19 N3 O3 S' 
333.405 
# 
loop_
_pdbx_poly_seq_scheme.asym_id 
_pdbx_poly_seq_scheme.entity_id 
_pdbx_poly_seq_scheme.seq_id 
_pdbx_poly_seq_scheme.mon_id 
_pdbx_poly_seq_scheme.ndb_seq_num 
_pdbx_poly_seq_scheme.pdb_seq_num 
_pdbx_poly_seq_scheme.auth_seq_num 
_pdbx_poly_seq_scheme.pdb_mon_id 
_pdbx_poly_seq_scheme.auth_mon_id 
_pdbx_poly_seq_scheme.pdb_strand_id 
_pdbx_poly_seq_scheme.pdb_ins_code 
_pdbx_poly_seq_scheme.hetero 
A 1 1   MET 1   1292 ?    ?   ?   A . n 
A 1 2   HIS 2   1293 ?    ?   ?   A . n 
A 1 3   HIS 3   1294 ?    ?   ?   A . n 
A 1 4   HIS 4   1295 ?    ?   ?   A . n 
A 1 5   HIS 5   1296 ?    ?   ?   A . n 
A 1 6   HIS 6   1297 ?    ?   ?   A . n 
A 1 7   HIS 7   1298 ?    ?   ?   A . n 
A 1 8   SER 8   1299 ?    ?   ?   A . n 
A 1 9   SER 9   1300 ?    ?   ?   A . n 
A 1 10  GLY 10  1301 ?    ?   ?   A . n 
A 1 11  VAL 11  1302 ?    ?   ?   A . n 
A 1 12  ASP 12  1303 ?    ?   ?   A . n 
A 1 13  LEU 13  1304 ?    ?   ?   A . n 
A 1 14  GLY 14  1305 ?    ?   ?   A . n 
A 1 15  THR 15  1306 ?    ?   ?   A . n 
A 1 16  GLU 16  1307 ?    ?   ?   A . n 
A 1 17  ASN 17  1308 ?    ?   ?   A . n 
A 1 18  LEU 18  1309 ?    ?   ?   A . n 
A 1 19  TYR 19  1310 ?    ?   ?   A . n 
A 1 20  PHE 20  1311 ?    ?   ?   A . n 
A 1 21  GLN 21  1312 ?    ?   ?   A . n 
A 1 22  SER 22  1313 ?    ?   ?   A . n 
A 1 23  MET 23  1314 ?    ?   ?   A . n 
A 1 24  SER 24  1315 1315 SER SER A . n 
A 1 25  TYR 25  1316 1316 TYR TYR A . n 
A 1 26  ASP 26  1317 1317 ASP ASP A . n 
A 1 27  ILE 27  1318 1318 ILE ILE A . n 
A 1 28  GLN 28  1319 1319 GLN GLN A . n 
A 1 29  ALA 29  1320 1320 ALA ALA A . n 
A 1 30  TRP 30  1321 1321 TRP TRP A . n 
A 1 31  LYS 31  1322 1322 LYS LYS A . n 
A 1 32  LYS 32  1323 1323 LYS LYS A . n 
A 1 33  GLN 33  1324 1324 GLN GLN A . n 
A 1 34  CYS 34  1325 1325 CYS CYS A . n 
A 1 35  GLU 35  1326 1326 GLU GLU A . n 
A 1 36  GLU 36  1327 1327 GLU GLU A . n 
A 1 37  LEU 37  1328 1328 LEU LEU A . n 
A 1 38  LEU 38  1329 1329 LEU LEU A . n 
A 1 39  ASN 39  1330 1330 ASN ASN A . n 
A 1 40  LEU 40  1331 1331 LEU LEU A . n 
A 1 41  ILE 41  1332 1332 ILE ILE A . n 
A 1 42  PHE 42  1333 1333 PHE PHE A . n 
A 1 43  GLN 43  1334 1334 GLN GLN A . n 
A 1 44  CYS 44  1335 1335 CYS CYS A . n 
A 1 45  GLU 45  1336 1336 GLU GLU A . n 
A 1 46  ASP 46  1337 1337 ASP ASP A . n 
A 1 47  SER 47  1338 1338 SER SER A . n 
A 1 48  GLU 48  1339 1339 GLU GLU A . n 
A 1 49  PRO 49  1340 1340 PRO PRO A . n 
A 1 50  PHE 50  1341 1341 PHE PHE A . n 
A 1 51  ARG 51  1342 1342 ARG ARG A . n 
A 1 52  GLN 52  1343 1343 GLN GLN A . n 
A 1 53  PRO 53  1344 1344 PRO PRO A . n 
A 1 54  VAL 54  1345 1345 VAL VAL A . n 
A 1 55  ASP 55  1346 1346 ASP ASP A . n 
A 1 56  LEU 56  1347 1347 LEU LEU A . n 
A 1 57  LEU 57  1348 1348 LEU LEU A . n 
A 1 58  GLU 58  1349 1349 GLU GLU A . n 
A 1 59  TYR 59  1350 1350 TYR TYR A . n 
A 1 60  PRO 60  1351 1351 PRO PRO A . n 
A 1 61  ASP 61  1352 1352 ASP ASP A . n 
A 1 62  TYR 62  1353 1353 TYR TYR A . n 
A 1 63  ARG 63  1354 1354 ARG ARG A . n 
A 1 64  ASP 64  1355 1355 ASP ASP A . n 
A 1 65  ILE 65  1356 1356 ILE ILE A . n 
A 1 66  ILE 66  1357 1357 ILE ILE A . n 
A 1 67  ASP 67  1358 1358 ASP ASP A . n 
A 1 68  THR 68  1359 1359 THR THR A . n 
A 1 69  PRO 69  1360 1360 PRO PRO A . n 
A 1 70  MET 70  1361 1361 MET MET A . n 
A 1 71  ASP 71  1362 1362 ASP ASP A . n 
A 1 72  PHE 72  1363 1363 PHE PHE A . n 
A 1 73  ALA 73  1364 1364 ALA ALA A . n 
A 1 74  THR 74  1365 1365 THR THR A . n 
A 1 75  VAL 75  1366 1366 VAL VAL A . n 
A 1 76  ARG 76  1367 1367 ARG ARG A . n 
A 1 77  GLU 77  1368 1368 GLU GLU A . n 
A 1 78  THR 78  1369 1369 THR THR A . n 
A 1 79  LEU 79  1370 1370 LEU LEU A . n 
A 1 80  GLU 80  1371 1371 GLU GLU A . n 
A 1 81  ALA 81  1372 1372 ALA ALA A . n 
A 1 82  GLY 82  1373 1373 GLY GLY A . n 
A 1 83  ASN 83  1374 1374 ASN ASN A . n 
A 1 84  TYR 84  1375 1375 TYR TYR A . n 
A 1 85  GLU 85  1376 1376 GLU GLU A . n 
A 1 86  SER 86  1377 1377 SER SER A . n 
A 1 87  PRO 87  1378 1378 PRO PRO A . n 
A 1 88  MET 88  1379 1379 MET MET A . n 
A 1 89  GLU 89  1380 1380 GLU GLU A . n 
A 1 90  LEU 90  1381 1381 LEU LEU A . n 
A 1 91  CYS 91  1382 1382 CYS CYS A . n 
A 1 92  LYS 92  1383 1383 LYS LYS A . n 
A 1 93  ASP 93  1384 1384 ASP ASP A . n 
A 1 94  VAL 94  1385 1385 VAL VAL A . n 
A 1 95  ARG 95  1386 1386 ARG ARG A . n 
A 1 96  LEU 96  1387 1387 LEU LEU A . n 
A 1 97  ILE 97  1388 1388 ILE ILE A . n 
A 1 98  PHE 98  1389 1389 PHE PHE A . n 
A 1 99  SER 99  1390 1390 SER SER A . n 
A 1 100 ASN 100 1391 1391 ASN ASN A . n 
A 1 101 SER 101 1392 1392 SER SER A . n 
A 1 102 LYS 102 1393 1393 LYS LYS A . n 
A 1 103 ALA 103 1394 1394 ALA ALA A . n 
A 1 104 TYR 104 1395 1395 TYR TYR A . n 
A 1 105 THR 105 1396 1396 THR THR A . n 
A 1 106 PRO 106 1397 1397 PRO PRO A . n 
A 1 107 SER 107 1398 1398 SER SER A . n 
A 1 108 LYS 108 1399 1399 LYS LYS A . n 
A 1 109 ARG 109 1400 1400 ARG ARG A . n 
A 1 110 SER 110 1401 1401 SER SER A . n 
A 1 111 ARG 111 1402 1402 ARG ARG A . n 
A 1 112 ILE 112 1403 1403 ILE ILE A . n 
A 1 113 TYR 113 1404 1404 TYR TYR A . n 
A 1 114 SER 114 1405 1405 SER SER A . n 
A 1 115 MET 115 1406 1406 MET MET A . n 
A 1 116 SER 116 1407 1407 SER SER A . n 
A 1 117 LEU 117 1408 1408 LEU LEU A . n 
A 1 118 ARG 118 1409 1409 ARG ARG A . n 
A 1 119 LEU 119 1410 1410 LEU LEU A . n 
A 1 120 SER 120 1411 1411 SER SER A . n 
A 1 121 ALA 121 1412 1412 ALA ALA A . n 
A 1 122 PHE 122 1413 1413 PHE PHE A . n 
A 1 123 PHE 123 1414 1414 PHE PHE A . n 
A 1 124 GLU 124 1415 1415 GLU GLU A . n 
A 1 125 GLU 125 1416 1416 GLU GLU A . n 
A 1 126 HIS 126 1417 1417 HIS HIS A . n 
A 1 127 ILE 127 1418 1418 ILE ILE A . n 
A 1 128 SER 128 1419 1419 SER SER A . n 
A 1 129 SER 129 1420 1420 SER SER A . n 
A 1 130 VAL 130 1421 1421 VAL VAL A . n 
A 1 131 LEU 131 1422 1422 LEU LEU A . n 
A 1 132 SER 132 1423 1423 SER SER A . n 
A 1 133 ASP 133 1424 1424 ASP ASP A . n 
A 1 134 TYR 134 1425 1425 TYR TYR A . n 
A 1 135 LYS 135 1426 1426 LYS LYS A . n 
A 1 136 SER 136 1427 1427 SER SER A . n 
A 1 137 ALA 137 1428 1428 ALA ALA A . n 
A 1 138 LEU 138 1429 1429 LEU LEU A . n 
A 1 139 ARG 139 1430 1430 ARG ARG A . n 
A 1 140 PHE 140 1431 1431 PHE PHE A . n 
A 1 141 HIS 141 1432 1432 HIS HIS A . n 
A 1 142 LYS 142 1433 1433 LYS LYS A . n 
A 1 143 ARG 143 1434 1434 ARG ARG A . n 
A 1 144 ASN 144 1435 1435 ASN ASN A . n 
A 1 145 THR 145 1436 ?    ?   ?   A . n 
A 1 146 ILE 146 1437 ?    ?   ?   A . n 
A 1 147 THR 147 1438 ?    ?   ?   A . n 
A 1 148 LYS 148 1439 ?    ?   ?   A . n 
A 1 149 ARG 149 1440 ?    ?   ?   A . n 
# 
loop_
_pdbx_nonpoly_scheme.asym_id 
_pdbx_nonpoly_scheme.entity_id 
_pdbx_nonpoly_scheme.mon_id 
_pdbx_nonpoly_scheme.ndb_seq_num 
_pdbx_nonpoly_scheme.pdb_seq_num 
_pdbx_nonpoly_scheme.auth_seq_num 
_pdbx_nonpoly_scheme.pdb_mon_id 
_pdbx_nonpoly_scheme.auth_mon_id 
_pdbx_nonpoly_scheme.pdb_strand_id 
_pdbx_nonpoly_scheme.pdb_ins_code 
B 2 ZLC 1   1901 1901 ZLC LIG A . 
C 3 HOH 1   2001 26   HOH HOH A . 
C 3 HOH 2   2002 1771 HOH HOH A . 
C 3 HOH 3   2003 1678 HOH HOH A . 
C 3 HOH 4   2004 1641 HOH HOH A . 
C 3 HOH 5   2005 1605 HOH HOH A . 
C 3 HOH 6   2006 1609 HOH HOH A . 
C 3 HOH 7   2007 1767 HOH HOH A . 
C 3 HOH 8   2008 1712 HOH HOH A . 
C 3 HOH 9   2009 1647 HOH HOH A . 
C 3 HOH 10  2010 13   HOH HOH A . 
C 3 HOH 11  2011 1602 HOH HOH A . 
C 3 HOH 12  2012 27   HOH HOH A . 
C 3 HOH 13  2013 1620 HOH HOH A . 
C 3 HOH 14  2014 1603 HOH HOH A . 
C 3 HOH 15  2015 1622 HOH HOH A . 
C 3 HOH 16  2016 1625 HOH HOH A . 
C 3 HOH 17  2017 24   HOH HOH A . 
C 3 HOH 18  2018 1624 HOH HOH A . 
C 3 HOH 19  2019 1629 HOH HOH A . 
C 3 HOH 20  2020 1607 HOH HOH A . 
C 3 HOH 21  2021 1748 HOH HOH A . 
C 3 HOH 22  2022 1    HOH HOH A . 
C 3 HOH 23  2023 1676 HOH HOH A . 
C 3 HOH 24  2024 1608 HOH HOH A . 
C 3 HOH 25  2025 1626 HOH HOH A . 
C 3 HOH 26  2026 1615 HOH HOH A . 
C 3 HOH 27  2027 21   HOH HOH A . 
C 3 HOH 28  2028 1630 HOH HOH A . 
C 3 HOH 29  2029 1714 HOH HOH A . 
C 3 HOH 30  2030 1610 HOH HOH A . 
C 3 HOH 31  2031 1616 HOH HOH A . 
C 3 HOH 32  2032 1661 HOH HOH A . 
C 3 HOH 33  2033 1759 HOH HOH A . 
C 3 HOH 34  2034 1604 HOH HOH A . 
C 3 HOH 35  2035 1636 HOH HOH A . 
C 3 HOH 36  2036 1684 HOH HOH A . 
C 3 HOH 37  2037 1655 HOH HOH A . 
C 3 HOH 38  2038 1627 HOH HOH A . 
C 3 HOH 39  2039 1621 HOH HOH A . 
C 3 HOH 40  2040 1670 HOH HOH A . 
C 3 HOH 41  2041 1671 HOH HOH A . 
C 3 HOH 42  2042 1644 HOH HOH A . 
C 3 HOH 43  2043 1672 HOH HOH A . 
C 3 HOH 44  2044 1658 HOH HOH A . 
C 3 HOH 45  2045 1673 HOH HOH A . 
C 3 HOH 46  2046 28   HOH HOH A . 
C 3 HOH 47  2047 6    HOH HOH A . 
C 3 HOH 48  2048 1660 HOH HOH A . 
C 3 HOH 49  2049 1645 HOH HOH A . 
C 3 HOH 50  2050 1688 HOH HOH A . 
C 3 HOH 51  2051 1664 HOH HOH A . 
C 3 HOH 52  2052 1677 HOH HOH A . 
C 3 HOH 53  2053 1633 HOH HOH A . 
C 3 HOH 54  2054 1628 HOH HOH A . 
C 3 HOH 55  2055 1668 HOH HOH A . 
C 3 HOH 56  2056 4    HOH HOH A . 
C 3 HOH 57  2057 1632 HOH HOH A . 
C 3 HOH 58  2058 1649 HOH HOH A . 
C 3 HOH 59  2059 1732 HOH HOH A . 
C 3 HOH 60  2060 1687 HOH HOH A . 
C 3 HOH 61  2061 1617 HOH HOH A . 
C 3 HOH 62  2062 11   HOH HOH A . 
C 3 HOH 63  2063 22   HOH HOH A . 
C 3 HOH 64  2064 5    HOH HOH A . 
C 3 HOH 65  2065 1674 HOH HOH A . 
C 3 HOH 66  2066 1612 HOH HOH A . 
C 3 HOH 67  2067 1665 HOH HOH A . 
C 3 HOH 68  2068 1613 HOH HOH A . 
C 3 HOH 69  2069 1683 HOH HOH A . 
C 3 HOH 70  2070 1682 HOH HOH A . 
C 3 HOH 71  2071 1666 HOH HOH A . 
C 3 HOH 72  2072 1725 HOH HOH A . 
C 3 HOH 73  2073 1675 HOH HOH A . 
C 3 HOH 74  2074 1650 HOH HOH A . 
C 3 HOH 75  2075 1643 HOH HOH A . 
C 3 HOH 76  2076 1637 HOH HOH A . 
C 3 HOH 77  2077 1697 HOH HOH A . 
C 3 HOH 78  2078 1619 HOH HOH A . 
C 3 HOH 79  2079 1689 HOH HOH A . 
C 3 HOH 80  2080 1700 HOH HOH A . 
C 3 HOH 81  2081 1744 HOH HOH A . 
C 3 HOH 82  2082 1652 HOH HOH A . 
C 3 HOH 83  2083 1623 HOH HOH A . 
C 3 HOH 84  2084 1701 HOH HOH A . 
C 3 HOH 85  2085 1606 HOH HOH A . 
C 3 HOH 86  2086 1681 HOH HOH A . 
C 3 HOH 87  2087 1648 HOH HOH A . 
C 3 HOH 88  2088 1686 HOH HOH A . 
C 3 HOH 89  2089 1669 HOH HOH A . 
C 3 HOH 90  2090 1708 HOH HOH A . 
C 3 HOH 91  2091 1679 HOH HOH A . 
C 3 HOH 92  2092 1601 HOH HOH A . 
C 3 HOH 93  2093 30   HOH HOH A . 
C 3 HOH 94  2094 1733 HOH HOH A . 
C 3 HOH 95  2095 1735 HOH HOH A . 
C 3 HOH 96  2096 1693 HOH HOH A . 
C 3 HOH 97  2097 1709 HOH HOH A . 
C 3 HOH 98  2098 1634 HOH HOH A . 
C 3 HOH 99  2099 1713 HOH HOH A . 
C 3 HOH 100 2100 1640 HOH HOH A . 
C 3 HOH 101 2101 1663 HOH HOH A . 
C 3 HOH 102 2102 1699 HOH HOH A . 
C 3 HOH 103 2103 1721 HOH HOH A . 
C 3 HOH 104 2104 1680 HOH HOH A . 
C 3 HOH 105 2105 1690 HOH HOH A . 
C 3 HOH 106 2106 1692 HOH HOH A . 
C 3 HOH 107 2107 1694 HOH HOH A . 
C 3 HOH 108 2108 1702 HOH HOH A . 
C 3 HOH 109 2109 1651 HOH HOH A . 
C 3 HOH 110 2110 1723 HOH HOH A . 
C 3 HOH 111 2111 1737 HOH HOH A . 
C 3 HOH 112 2112 1706 HOH HOH A . 
C 3 HOH 113 2113 1801 HOH HOH A . 
C 3 HOH 114 2114 1715 HOH HOH A . 
C 3 HOH 115 2115 1726 HOH HOH A . 
C 3 HOH 116 2116 1667 HOH HOH A . 
C 3 HOH 117 2117 1719 HOH HOH A . 
C 3 HOH 118 2118 1638 HOH HOH A . 
C 3 HOH 119 2119 1711 HOH HOH A . 
C 3 HOH 120 2120 1685 HOH HOH A . 
C 3 HOH 121 2121 8    HOH HOH A . 
C 3 HOH 122 2122 1738 HOH HOH A . 
C 3 HOH 123 2123 1718 HOH HOH A . 
C 3 HOH 124 2124 1657 HOH HOH A . 
C 3 HOH 125 2125 1724 HOH HOH A . 
C 3 HOH 126 2126 31   HOH HOH A . 
C 3 HOH 127 2127 23   HOH HOH A . 
C 3 HOH 128 2128 1720 HOH HOH A . 
C 3 HOH 129 2129 1747 HOH HOH A . 
C 3 HOH 130 2130 1734 HOH HOH A . 
C 3 HOH 131 2131 1695 HOH HOH A . 
C 3 HOH 132 2132 29   HOH HOH A . 
C 3 HOH 133 2133 7    HOH HOH A . 
C 3 HOH 134 2134 1710 HOH HOH A . 
C 3 HOH 135 2135 9    HOH HOH A . 
C 3 HOH 136 2136 1750 HOH HOH A . 
C 3 HOH 137 2137 1722 HOH HOH A . 
C 3 HOH 138 2138 1741 HOH HOH A . 
C 3 HOH 139 2139 1703 HOH HOH A . 
C 3 HOH 140 2140 1716 HOH HOH A . 
C 3 HOH 141 2141 1729 HOH HOH A . 
C 3 HOH 142 2142 1728 HOH HOH A . 
C 3 HOH 143 2143 1611 HOH HOH A . 
C 3 HOH 144 2144 1740 HOH HOH A . 
C 3 HOH 145 2145 1736 HOH HOH A . 
C 3 HOH 146 2146 1730 HOH HOH A . 
C 3 HOH 147 2147 1758 HOH HOH A . 
C 3 HOH 148 2148 25   HOH HOH A . 
C 3 HOH 149 2149 20   HOH HOH A . 
C 3 HOH 150 2150 1635 HOH HOH A . 
C 3 HOH 151 2151 1727 HOH HOH A . 
C 3 HOH 152 2152 1742 HOH HOH A . 
C 3 HOH 153 2153 1753 HOH HOH A . 
C 3 HOH 154 2154 1756 HOH HOH A . 
C 3 HOH 155 2155 1751 HOH HOH A . 
C 3 HOH 156 2156 1755 HOH HOH A . 
C 3 HOH 157 2157 1642 HOH HOH A . 
C 3 HOH 158 2158 1777 HOH HOH A . 
C 3 HOH 159 2159 1766 HOH HOH A . 
C 3 HOH 160 2160 1762 HOH HOH A . 
C 3 HOH 161 2161 1752 HOH HOH A . 
C 3 HOH 162 2162 1743 HOH HOH A . 
C 3 HOH 163 2163 1754 HOH HOH A . 
C 3 HOH 164 2164 1773 HOH HOH A . 
C 3 HOH 165 2165 1731 HOH HOH A . 
C 3 HOH 166 2166 1765 HOH HOH A . 
C 3 HOH 167 2167 1769 HOH HOH A . 
C 3 HOH 168 2168 1746 HOH HOH A . 
C 3 HOH 169 2169 1763 HOH HOH A . 
C 3 HOH 170 2170 1795 HOH HOH A . 
C 3 HOH 171 2171 1784 HOH HOH A . 
C 3 HOH 172 2172 18   HOH HOH A . 
C 3 HOH 173 2173 14   HOH HOH A . 
C 3 HOH 174 2174 1768 HOH HOH A . 
C 3 HOH 175 2175 1781 HOH HOH A . 
C 3 HOH 176 2176 17   HOH HOH A . 
C 3 HOH 177 2177 1779 HOH HOH A . 
C 3 HOH 178 2178 1760 HOH HOH A . 
C 3 HOH 179 2179 1775 HOH HOH A . 
C 3 HOH 180 2180 1782 HOH HOH A . 
C 3 HOH 181 2181 1778 HOH HOH A . 
C 3 HOH 182 2182 1774 HOH HOH A . 
C 3 HOH 183 2183 1787 HOH HOH A . 
C 3 HOH 184 2184 1796 HOH HOH A . 
C 3 HOH 185 2185 1783 HOH HOH A . 
C 3 HOH 186 2186 1791 HOH HOH A . 
C 3 HOH 187 2187 16   HOH HOH A . 
C 3 HOH 188 2188 1786 HOH HOH A . 
C 3 HOH 189 2189 1785 HOH HOH A . 
C 3 HOH 190 2190 1789 HOH HOH A . 
C 3 HOH 191 2191 19   HOH HOH A . 
C 3 HOH 192 2192 15   HOH HOH A . 
C 3 HOH 193 2193 1770 HOH HOH A . 
C 3 HOH 194 2194 1792 HOH HOH A . 
C 3 HOH 195 2195 1790 HOH HOH A . 
C 3 HOH 196 2196 1794 HOH HOH A . 
C 3 HOH 197 2197 1780 HOH HOH A . 
C 3 HOH 198 2198 1797 HOH HOH A . 
C 3 HOH 199 2199 1798 HOH HOH A . 
C 3 HOH 200 2200 1761 HOH HOH A . 
C 3 HOH 201 2201 1799 HOH HOH A . 
C 3 HOH 202 2202 1800 HOH HOH A . 
# 
loop_
_pdbx_unobs_or_zero_occ_atoms.id 
_pdbx_unobs_or_zero_occ_atoms.PDB_model_num 
_pdbx_unobs_or_zero_occ_atoms.polymer_flag 
_pdbx_unobs_or_zero_occ_atoms.occupancy_flag 
_pdbx_unobs_or_zero_occ_atoms.auth_asym_id 
_pdbx_unobs_or_zero_occ_atoms.auth_comp_id 
_pdbx_unobs_or_zero_occ_atoms.auth_seq_id 
_pdbx_unobs_or_zero_occ_atoms.PDB_ins_code 
_pdbx_unobs_or_zero_occ_atoms.auth_atom_id 
_pdbx_unobs_or_zero_occ_atoms.label_alt_id 
_pdbx_unobs_or_zero_occ_atoms.label_asym_id 
_pdbx_unobs_or_zero_occ_atoms.label_comp_id 
_pdbx_unobs_or_zero_occ_atoms.label_seq_id 
_pdbx_unobs_or_zero_occ_atoms.label_atom_id 
1 1 Y 1 A GLN 1334 ? CD  ? A GLN 43 CD  
2 1 Y 1 A GLN 1334 ? OE1 ? A GLN 43 OE1 
3 1 Y 1 A GLN 1334 ? NE2 ? A GLN 43 NE2 
# 
loop_
_software.pdbx_ordinal 
_software.name 
_software.version 
_software.date 
_software.type 
_software.contact_author 
_software.contact_author_email 
_software.classification 
_software.location 
_software.language 
_software.citation_id 
1 REFMAC      5.8.0267 ?               program 'Garib N. Murshudov' garib@ysbl.york.ac.uk    refinement        
http://www.ccp4.ac.uk/dist/html/refmac5.html        Fortran_77 ? 
2 Aimless     .        ?               program 'Phil Evans'         ?                        'data scaling'    
http://www.mrc-lmb.cam.ac.uk/harry/pre/aimless.html ?          ? 
3 PDB_EXTRACT 3.23     'SEP. 23, 2016' package PDB                  deposit@deposit.rcsb.org 'data extraction' 
http://sw-tools.pdb.org/apps/PDB_EXTRACT/           C++        ? 
4 XDS         .        ?               program ?                    ?                        'data reduction'  ? ?          ? 
5 REFMAC      .        ?               program ?                    ?                        phasing           ? ?          ? 
# 
_cell.entry_id           7FV9 
_cell.length_a           81.711 
_cell.length_b           27.470 
_cell.length_c           56.685 
_cell.angle_alpha        90.000 
_cell.angle_beta         100.420 
_cell.angle_gamma        90.000 
_cell.Z_PDB              4 
_cell.pdbx_unique_axis   ? 
# 
_symmetry.entry_id                         7FV9 
_symmetry.space_group_name_H-M             'C 1 2 1' 
_symmetry.pdbx_full_space_group_name_H-M   ? 
_symmetry.cell_setting                     ? 
_symmetry.Int_Tables_number                5 
# 
_exptl.crystals_number   1 
_exptl.entry_id          7FV9 
_exptl.method            'X-RAY DIFFRACTION' 
# 
_exptl_crystal.id                    1 
_exptl_crystal.density_meas          ? 
_exptl_crystal.density_Matthews      1.77 
_exptl_crystal.density_percent_sol   30.69 
_exptl_crystal.description           ? 
# 
_exptl_crystal_grow.crystal_id      1 
_exptl_crystal_grow.method          'VAPOR DIFFUSION, SITTING DROP' 
_exptl_crystal_grow.pH              5.6 
_exptl_crystal_grow.temp            277 
_exptl_crystal_grow.pdbx_details    '20% PEG 8000, 0.04M potassium phosphate' 
_exptl_crystal_grow.temp_details    ? 
_exptl_crystal_grow.pdbx_pH_range   ? 
# 
_diffrn.id                     1 
_diffrn.ambient_temp           100 
_diffrn.crystal_id             1 
_diffrn.ambient_temp_details   ? 
# 
_diffrn_detector.detector               PIXEL 
_diffrn_detector.type                   'DECTRIS PILATUS 6M' 
_diffrn_detector.pdbx_collection_date   2022-09-24 
_diffrn_detector.diffrn_id              1 
_diffrn_detector.details                ? 
# 
_diffrn_radiation.diffrn_id                        1 
_diffrn_radiation.wavelength_id                    1 
_diffrn_radiation.pdbx_diffrn_protocol             'SINGLE WAVELENGTH' 
_diffrn_radiation.pdbx_monochromatic_or_laue_m_l   ? 
_diffrn_radiation.monochromator                    ? 
_diffrn_radiation.pdbx_scattering_type             x-ray 
# 
_diffrn_radiation_wavelength.id           1 
_diffrn_radiation_wavelength.wavelength   0.92124 
_diffrn_radiation_wavelength.wt           1.0 
# 
_diffrn_source.diffrn_id                   1 
_diffrn_source.source                      SYNCHROTRON 
_diffrn_source.type                        'DIAMOND BEAMLINE I04-1' 
_diffrn_source.pdbx_wavelength_list        0.92124 
_diffrn_source.pdbx_synchrotron_site       Diamond 
_diffrn_source.pdbx_synchrotron_beamline   I04-1 
_diffrn_source.pdbx_wavelength             ? 
# 
_reflns.entry_id                     7FV9 
_reflns.pdbx_diffrn_id               1 
_reflns.pdbx_ordinal                 1 
_reflns.observed_criterion_sigma_I   ? 
_reflns.observed_criterion_sigma_F   ? 
_reflns.d_resolution_low             55.750 
_reflns.d_resolution_high            1.174 
_reflns.number_obs                   28436 
_reflns.number_all                   ? 
_reflns.percent_possible_obs         87.200 
_reflns.pdbx_Rmerge_I_obs            ? 
_reflns.pdbx_Rsym_value              ? 
_reflns.pdbx_netI_over_sigmaI        14.500 
_reflns.B_iso_Wilson_estimate        ? 
_reflns.pdbx_redundancy              4.500 
_reflns.pdbx_Rrim_I_all              0.056 
_reflns.pdbx_Rpim_I_all              0.025 
_reflns.pdbx_CC_half                 0.999 
_reflns.pdbx_netI_over_av_sigmaI     ? 
_reflns.pdbx_number_measured_all     127770 
_reflns.pdbx_scaling_rejects         ? 
_reflns.pdbx_chi_squared             ? 
_reflns.Rmerge_F_all                 ? 
_reflns.Rmerge_F_obs                 ? 
_reflns.observed_criterion_F_max     ? 
_reflns.observed_criterion_F_min     ? 
_reflns.observed_criterion_I_max     ? 
_reflns.observed_criterion_I_min     ? 
_reflns.pdbx_d_res_high_opt          ? 
_reflns.pdbx_d_res_low_opt           ? 
_reflns.details                      ? 
# 
loop_
_reflns_shell.pdbx_diffrn_id 
_reflns_shell.pdbx_ordinal 
_reflns_shell.d_res_high 
_reflns_shell.d_res_low 
_reflns_shell.number_measured_obs 
_reflns_shell.number_measured_all 
_reflns_shell.number_unique_obs 
_reflns_shell.pdbx_rejects 
_reflns_shell.Rmerge_I_obs 
_reflns_shell.meanI_over_sigI_obs 
_reflns_shell.pdbx_Rsym_value 
_reflns_shell.pdbx_chi_squared 
_reflns_shell.pdbx_redundancy 
_reflns_shell.percent_possible_obs 
_reflns_shell.pdbx_netI_over_sigmaI_obs 
_reflns_shell.number_possible 
_reflns_shell.number_unique_all 
_reflns_shell.Rmerge_F_all 
_reflns_shell.Rmerge_F_obs 
_reflns_shell.Rmerge_I_all 
_reflns_shell.meanI_over_sigI_all 
_reflns_shell.percent_possible_all 
_reflns_shell.pdbx_Rrim_I_all 
_reflns_shell.pdbx_Rpim_I_all 
_reflns_shell.pdbx_CC_half 
1 1 1.174 1.319  ? 2403 ? ? ? ? ? ? 1.700 ? 2.000  ? 1423 ? ? ? ? 41.100 0.469 0.325 0.790 
1 2 3.696 55.750 ? 7236 ? ? ? ? ? ? 5.100 ? 40.500 ? 1422 ? ? ? ? 98.700 0.042 0.018 0.998 
# 
_refine.entry_id                                 7FV9 
_refine.pdbx_refine_id                           'X-RAY DIFFRACTION' 
_refine.ls_d_res_high                            1.1700 
_refine.ls_d_res_low                             55.7500 
_refine.pdbx_ls_sigma_F                          0.000 
_refine.pdbx_data_cutoff_high_absF               ? 
_refine.pdbx_data_cutoff_low_absF                ? 
_refine.ls_percent_reflns_obs                    67.9100 
_refine.ls_number_reflns_obs                     27018 
_refine.ls_number_reflns_all                     ? 
_refine.pdbx_ls_cross_valid_method               THROUGHOUT 
_refine.ls_matrix_type                           ? 
_refine.pdbx_R_Free_selection_details            RANDOM 
_refine.details                                  
'HYDROGENS HAVE BEEN ADDED IN THE RIDING POSITIONS U VALUES      : REFINED INDIVIDUALLY' 
_refine.ls_R_factor_all                          ? 
_refine.ls_R_factor_obs                          0.1873 
_refine.ls_R_factor_R_work                       0.1851 
_refine.ls_wR_factor_R_work                      ? 
_refine.ls_R_factor_R_free                       0.2272 
_refine.ls_wR_factor_R_free                      ? 
_refine.ls_percent_reflns_R_free                 5.0000 
_refine.ls_number_reflns_R_free                  1418 
_refine.ls_number_reflns_R_work                  ? 
_refine.ls_R_factor_R_free_error                 ? 
_refine.B_iso_mean                               13.7640 
_refine.solvent_model_param_bsol                 ? 
_refine.solvent_model_param_ksol                 ? 
_refine.pdbx_isotropic_thermal_model             ? 
_refine.aniso_B[1][1]                            0.0700 
_refine.aniso_B[2][2]                            0.0700 
_refine.aniso_B[3][3]                            -0.2100 
_refine.aniso_B[1][2]                            0.0000 
_refine.aniso_B[1][3]                            0.2500 
_refine.aniso_B[2][3]                            0.0000 
_refine.correlation_coeff_Fo_to_Fc               0.9570 
_refine.correlation_coeff_Fo_to_Fc_free          0.9310 
_refine.overall_SU_R_Cruickshank_DPI             ? 
_refine.pdbx_overall_SU_R_free_Cruickshank_DPI   ? 
_refine.pdbx_overall_SU_R_Blow_DPI               ? 
_refine.pdbx_overall_SU_R_free_Blow_DPI          ? 
_refine.overall_SU_R_free                        ? 
_refine.pdbx_overall_ESU_R                       0.1180 
_refine.pdbx_overall_ESU_R_Free                  0.1060 
_refine.overall_SU_ML                            0.0910 
_refine.overall_SU_B                             2.0150 
_refine.solvent_model_details                    MASK 
_refine.pdbx_solvent_vdw_probe_radii             1.2000 
_refine.pdbx_solvent_ion_probe_radii             0.8000 
_refine.pdbx_solvent_shrinkage_radii             0.8000 
_refine.ls_number_parameters                     ? 
_refine.ls_number_restraints                     ? 
_refine.pdbx_starting_model                      7av9 
_refine.pdbx_method_to_determine_struct          'FOURIER SYNTHESIS' 
_refine.pdbx_stereochemistry_target_values       'MAXIMUM LIKELIHOOD' 
_refine.pdbx_stereochem_target_val_spec_case     ? 
_refine.overall_FOM_work_R_set                   ? 
_refine.B_iso_max                                53.720 
_refine.B_iso_min                                5.550 
_refine.pdbx_overall_phase_error                 ? 
_refine.occupancy_max                            ? 
_refine.occupancy_min                            ? 
_refine.pdbx_diffrn_id                           1 
_refine.pdbx_TLS_residual_ADP_flag               ? 
_refine.pdbx_ls_sigma_I                          ? 
_refine.pdbx_data_cutoff_high_rms_absF           ? 
_refine.ls_R_factor_R_free_error_details         ? 
# 
_refine_hist.cycle_id                         final 
_refine_hist.pdbx_refine_id                   'X-RAY DIFFRACTION' 
_refine_hist.d_res_high                       1.1700 
_refine_hist.d_res_low                        55.7500 
_refine_hist.pdbx_number_atoms_ligand         23 
_refine_hist.number_atoms_solvent             202 
_refine_hist.number_atoms_total               1228 
_refine_hist.pdbx_number_residues_total       121 
_refine_hist.pdbx_B_iso_mean_ligand           10.14 
_refine_hist.pdbx_B_iso_mean_solvent          23.44 
_refine_hist.pdbx_number_atoms_protein        1003 
_refine_hist.pdbx_number_atoms_nucleic_acid   0 
# 
loop_
_refine_ls_restr.pdbx_refine_id 
_refine_ls_restr.type 
_refine_ls_restr.number 
_refine_ls_restr.dev_ideal 
_refine_ls_restr.dev_ideal_target 
_refine_ls_restr.weight 
_refine_ls_restr.pdbx_restraint_function 
'X-RAY DIFFRACTION' r_bond_refined_d       4286 0.008  0.015  ? ? 
'X-RAY DIFFRACTION' r_bond_other_d         2683 0.001  0.014  ? ? 
'X-RAY DIFFRACTION' r_angle_refined_deg    4083 1.534  1.673  ? ? 
'X-RAY DIFFRACTION' r_angle_other_deg      6279 1.408  1.587  ? ? 
'X-RAY DIFFRACTION' r_dihedral_angle_1_deg 387  6.437  5.000  ? ? 
'X-RAY DIFFRACTION' r_dihedral_angle_2_deg 179  22.568 21.006 ? ? 
'X-RAY DIFFRACTION' r_dihedral_angle_3_deg 527  14.232 15.000 ? ? 
'X-RAY DIFFRACTION' r_dihedral_angle_4_deg 27   14.498 15.000 ? ? 
'X-RAY DIFFRACTION' r_chiral_restr         377  0.080  0.200  ? ? 
'X-RAY DIFFRACTION' r_gen_planes_refined   3606 0.008  0.020  ? ? 
'X-RAY DIFFRACTION' r_gen_planes_other     726  0.002  0.020  ? ? 
'X-RAY DIFFRACTION' r_mcbond_it            2032 1.392  1.335  ? ? 
'X-RAY DIFFRACTION' r_mcbond_other         1957 1.416  1.284  ? ? 
'X-RAY DIFFRACTION' r_mcangle_it           1829 3.024  1.879  ? ? 
# 
_refine_ls_shell.d_res_high                       1.1740 
_refine_ls_shell.d_res_low                        1.2040 
_refine_ls_shell.pdbx_total_number_of_bins_used   20 
_refine_ls_shell.percent_reflns_obs               2.1500 
_refine_ls_shell.number_reflns_R_work             63 
_refine_ls_shell.R_factor_all                     ? 
_refine_ls_shell.R_factor_R_work                  0.2260 
_refine_ls_shell.R_factor_R_free                  0.4130 
_refine_ls_shell.percent_reflns_R_free            ? 
_refine_ls_shell.number_reflns_R_free             4 
_refine_ls_shell.R_factor_R_free_error            ? 
_refine_ls_shell.number_reflns_all                67 
_refine_ls_shell.number_reflns_obs                ? 
_refine_ls_shell.pdbx_refine_id                   'X-RAY DIFFRACTION' 
# 
_struct.entry_id                  7FV9 
_struct.title                     'PanDDA analysis group deposition -- PHIP in complex with Z1004253138' 
_struct.pdbx_model_details        ? 
_struct.pdbx_CASP_flag            ? 
_struct.pdbx_model_type_details   ? 
# 
_struct_keywords.entry_id        7FV9 
_struct_keywords.text            
'False negatives, ligand features, rescreening, catalogue, fragment follow-ups, automated chemistry, SIGNALING PROTEIN' 
_struct_keywords.pdbx_keywords   'SIGNALING PROTEIN' 
# 
loop_
_struct_asym.id 
_struct_asym.pdbx_blank_PDB_chainid_flag 
_struct_asym.pdbx_modified 
_struct_asym.entity_id 
_struct_asym.details 
A N N 1 ? 
B N N 2 ? 
C N N 3 ? 
# 
_struct_ref.id                         1 
_struct_ref.db_name                    UNP 
_struct_ref.db_code                    PHIP_HUMAN 
_struct_ref.pdbx_db_accession          Q8WWQ0 
_struct_ref.pdbx_db_isoform            ? 
_struct_ref.entity_id                  1 
_struct_ref.pdbx_seq_one_letter_code   
;SYDIQAWKKQCEELLNLIFQCEDSEPFRQPVDLLEYPDYRDIIDTPMDFATVRETLEAGNYESPMELCKDVRLIFSNSKA
YTPSKRSRIYSMSLRLSAFFEEHISSVLSDYKSALRFHKRNTITKR
;
_struct_ref.pdbx_align_begin           1315 
# 
_struct_ref_seq.align_id                      1 
_struct_ref_seq.ref_id                        1 
_struct_ref_seq.pdbx_PDB_id_code              7FV9 
_struct_ref_seq.pdbx_strand_id                A 
_struct_ref_seq.seq_align_beg                 24 
_struct_ref_seq.pdbx_seq_align_beg_ins_code   ? 
_struct_ref_seq.seq_align_end                 149 
_struct_ref_seq.pdbx_seq_align_end_ins_code   ? 
_struct_ref_seq.pdbx_db_accession             Q8WWQ0 
_struct_ref_seq.db_align_beg                  1315 
_struct_ref_seq.pdbx_db_align_beg_ins_code    ? 
_struct_ref_seq.db_align_end                  1440 
_struct_ref_seq.pdbx_db_align_end_ins_code    ? 
_struct_ref_seq.pdbx_auth_seq_align_beg       1315 
_struct_ref_seq.pdbx_auth_seq_align_end       1440 
# 
loop_
_struct_ref_seq_dif.align_id 
_struct_ref_seq_dif.pdbx_pdb_id_code 
_struct_ref_seq_dif.mon_id 
_struct_ref_seq_dif.pdbx_pdb_strand_id 
_struct_ref_seq_dif.seq_num 
_struct_ref_seq_dif.pdbx_pdb_ins_code 
_struct_ref_seq_dif.pdbx_seq_db_name 
_struct_ref_seq_dif.pdbx_seq_db_accession_code 
_struct_ref_seq_dif.db_mon_id 
_struct_ref_seq_dif.pdbx_seq_db_seq_num 
_struct_ref_seq_dif.details 
_struct_ref_seq_dif.pdbx_auth_seq_num 
_struct_ref_seq_dif.pdbx_ordinal 
1 7FV9 MET A 1  ? UNP Q8WWQ0 ? ? 'initiating methionine' 1292 1  
1 7FV9 HIS A 2  ? UNP Q8WWQ0 ? ? 'expression tag'        1293 2  
1 7FV9 HIS A 3  ? UNP Q8WWQ0 ? ? 'expression tag'        1294 3  
1 7FV9 HIS A 4  ? UNP Q8WWQ0 ? ? 'expression tag'        1295 4  
1 7FV9 HIS A 5  ? UNP Q8WWQ0 ? ? 'expression tag'        1296 5  
1 7FV9 HIS A 6  ? UNP Q8WWQ0 ? ? 'expression tag'        1297 6  
1 7FV9 HIS A 7  ? UNP Q8WWQ0 ? ? 'expression tag'        1298 7  
1 7FV9 SER A 8  ? UNP Q8WWQ0 ? ? 'expression tag'        1299 8  
1 7FV9 SER A 9  ? UNP Q8WWQ0 ? ? 'expression tag'        1300 9  
1 7FV9 GLY A 10 ? UNP Q8WWQ0 ? ? 'expression tag'        1301 10 
1 7FV9 VAL A 11 ? UNP Q8WWQ0 ? ? 'expression tag'        1302 11 
1 7FV9 ASP A 12 ? UNP Q8WWQ0 ? ? 'expression tag'        1303 12 
1 7FV9 LEU A 13 ? UNP Q8WWQ0 ? ? 'expression tag'        1304 13 
1 7FV9 GLY A 14 ? UNP Q8WWQ0 ? ? 'expression tag'        1305 14 
1 7FV9 THR A 15 ? UNP Q8WWQ0 ? ? 'expression tag'        1306 15 
1 7FV9 GLU A 16 ? UNP Q8WWQ0 ? ? 'expression tag'        1307 16 
1 7FV9 ASN A 17 ? UNP Q8WWQ0 ? ? 'expression tag'        1308 17 
1 7FV9 LEU A 18 ? UNP Q8WWQ0 ? ? 'expression tag'        1309 18 
1 7FV9 TYR A 19 ? UNP Q8WWQ0 ? ? 'expression tag'        1310 19 
1 7FV9 PHE A 20 ? UNP Q8WWQ0 ? ? 'expression tag'        1311 20 
1 7FV9 GLN A 21 ? UNP Q8WWQ0 ? ? 'expression tag'        1312 21 
1 7FV9 SER A 22 ? UNP Q8WWQ0 ? ? 'expression tag'        1313 22 
1 7FV9 MET A 23 ? UNP Q8WWQ0 ? ? 'expression tag'        1314 23 
# 
_pdbx_struct_assembly.id                   1 
_pdbx_struct_assembly.details              author_and_software_defined_assembly 
_pdbx_struct_assembly.method_details       PISA 
_pdbx_struct_assembly.oligomeric_details   monomeric 
_pdbx_struct_assembly.oligomeric_count     1 
# 
_pdbx_struct_assembly_gen.assembly_id       1 
_pdbx_struct_assembly_gen.oper_expression   1 
_pdbx_struct_assembly_gen.asym_id_list      A,B,C 
# 
_pdbx_struct_oper_list.id                   1 
_pdbx_struct_oper_list.type                 'identity operation' 
_pdbx_struct_oper_list.name                 1_555 
_pdbx_struct_oper_list.symmetry_operation   x,y,z 
_pdbx_struct_oper_list.matrix[1][1]         1.0000000000 
_pdbx_struct_oper_list.matrix[1][2]         0.0000000000 
_pdbx_struct_oper_list.matrix[1][3]         0.0000000000 
_pdbx_struct_oper_list.vector[1]            0.0000000000 
_pdbx_struct_oper_list.matrix[2][1]         0.0000000000 
_pdbx_struct_oper_list.matrix[2][2]         1.0000000000 
_pdbx_struct_oper_list.matrix[2][3]         0.0000000000 
_pdbx_struct_oper_list.vector[2]            0.0000000000 
_pdbx_struct_oper_list.matrix[3][1]         0.0000000000 
_pdbx_struct_oper_list.matrix[3][2]         0.0000000000 
_pdbx_struct_oper_list.matrix[3][3]         1.0000000000 
_pdbx_struct_oper_list.vector[3]            0.0000000000 
# 
loop_
_struct_conf.conf_type_id 
_struct_conf.id 
_struct_conf.pdbx_PDB_helix_id 
_struct_conf.beg_label_comp_id 
_struct_conf.beg_label_asym_id 
_struct_conf.beg_label_seq_id 
_struct_conf.pdbx_beg_PDB_ins_code 
_struct_conf.end_label_comp_id 
_struct_conf.end_label_asym_id 
_struct_conf.end_label_seq_id 
_struct_conf.pdbx_end_PDB_ins_code 
_struct_conf.beg_auth_comp_id 
_struct_conf.beg_auth_asym_id 
_struct_conf.beg_auth_seq_id 
_struct_conf.end_auth_comp_id 
_struct_conf.end_auth_asym_id 
_struct_conf.end_auth_seq_id 
_struct_conf.pdbx_PDB_helix_class 
_struct_conf.details 
_struct_conf.pdbx_PDB_helix_length 
HELX_P HELX_P1 AA1 ALA A 29  ? CYS A 44  ? ALA A 1320 CYS A 1335 1 ? 16 
HELX_P HELX_P2 AA2 GLU A 45  ? ARG A 51  ? GLU A 1336 ARG A 1342 5 ? 7  
HELX_P HELX_P3 AA3 ASP A 61  ? ILE A 66  ? ASP A 1352 ILE A 1357 1 ? 6  
HELX_P HELX_P4 AA4 ASP A 71  ? GLY A 82  ? ASP A 1362 GLY A 1373 1 ? 12 
HELX_P HELX_P5 AA5 SER A 86  ? THR A 105 ? SER A 1377 THR A 1396 1 ? 20 
HELX_P HELX_P6 AA6 SER A 110 ? LYS A 142 ? SER A 1401 LYS A 1433 1 ? 33 
# 
_struct_conf_type.id          HELX_P 
_struct_conf_type.criteria    ? 
_struct_conf_type.reference   ? 
# 
loop_
_pdbx_validate_close_contact.id 
_pdbx_validate_close_contact.PDB_model_num 
_pdbx_validate_close_contact.auth_atom_id_1 
_pdbx_validate_close_contact.auth_asym_id_1 
_pdbx_validate_close_contact.auth_comp_id_1 
_pdbx_validate_close_contact.auth_seq_id_1 
_pdbx_validate_close_contact.PDB_ins_code_1 
_pdbx_validate_close_contact.label_alt_id_1 
_pdbx_validate_close_contact.auth_atom_id_2 
_pdbx_validate_close_contact.auth_asym_id_2 
_pdbx_validate_close_contact.auth_comp_id_2 
_pdbx_validate_close_contact.auth_seq_id_2 
_pdbx_validate_close_contact.PDB_ins_code_2 
_pdbx_validate_close_contact.label_alt_id_2 
_pdbx_validate_close_contact.dist 
1 1 O A HOH 2007 ? ? O A HOH 2136 ? ? 1.77 
2 1 O A HOH 2154 ? ? O A HOH 2183 ? ? 2.19 
# 
_pdbx_validate_symm_contact.id                1 
_pdbx_validate_symm_contact.PDB_model_num     1 
_pdbx_validate_symm_contact.auth_atom_id_1    O 
_pdbx_validate_symm_contact.auth_asym_id_1    A 
_pdbx_validate_symm_contact.auth_comp_id_1    HOH 
_pdbx_validate_symm_contact.auth_seq_id_1     2159 
_pdbx_validate_symm_contact.PDB_ins_code_1    ? 
_pdbx_validate_symm_contact.label_alt_id_1    ? 
_pdbx_validate_symm_contact.site_symmetry_1   1_555 
_pdbx_validate_symm_contact.auth_atom_id_2    O 
_pdbx_validate_symm_contact.auth_asym_id_2    A 
_pdbx_validate_symm_contact.auth_comp_id_2    HOH 
_pdbx_validate_symm_contact.auth_seq_id_2     2182 
_pdbx_validate_symm_contact.PDB_ins_code_2    ? 
_pdbx_validate_symm_contact.label_alt_id_2    ? 
_pdbx_validate_symm_contact.site_symmetry_2   4_445 
_pdbx_validate_symm_contact.dist              2.09 
# 
_pdbx_validate_rmsd_angle.id                         1 
_pdbx_validate_rmsd_angle.PDB_model_num              1 
_pdbx_validate_rmsd_angle.auth_atom_id_1             NE 
_pdbx_validate_rmsd_angle.auth_asym_id_1             A 
_pdbx_validate_rmsd_angle.auth_comp_id_1             ARG 
_pdbx_validate_rmsd_angle.auth_seq_id_1              1409 
_pdbx_validate_rmsd_angle.PDB_ins_code_1             ? 
_pdbx_validate_rmsd_angle.label_alt_id_1             ? 
_pdbx_validate_rmsd_angle.auth_atom_id_2             CZ 
_pdbx_validate_rmsd_angle.auth_asym_id_2             A 
_pdbx_validate_rmsd_angle.auth_comp_id_2             ARG 
_pdbx_validate_rmsd_angle.auth_seq_id_2              1409 
_pdbx_validate_rmsd_angle.PDB_ins_code_2             ? 
_pdbx_validate_rmsd_angle.label_alt_id_2             ? 
_pdbx_validate_rmsd_angle.auth_atom_id_3             NH2 
_pdbx_validate_rmsd_angle.auth_asym_id_3             A 
_pdbx_validate_rmsd_angle.auth_comp_id_3             ARG 
_pdbx_validate_rmsd_angle.auth_seq_id_3              1409 
_pdbx_validate_rmsd_angle.PDB_ins_code_3             ? 
_pdbx_validate_rmsd_angle.label_alt_id_3             ? 
_pdbx_validate_rmsd_angle.angle_value                117.19 
_pdbx_validate_rmsd_angle.angle_target_value         120.30 
_pdbx_validate_rmsd_angle.angle_deviation            -3.11 
_pdbx_validate_rmsd_angle.angle_standard_deviation   0.50 
_pdbx_validate_rmsd_angle.linker_flag                N 
# 
loop_
_pdbx_struct_special_symmetry.id 
_pdbx_struct_special_symmetry.PDB_model_num 
_pdbx_struct_special_symmetry.auth_asym_id 
_pdbx_struct_special_symmetry.auth_comp_id 
_pdbx_struct_special_symmetry.auth_seq_id 
_pdbx_struct_special_symmetry.PDB_ins_code 
_pdbx_struct_special_symmetry.label_asym_id 
_pdbx_struct_special_symmetry.label_comp_id 
_pdbx_struct_special_symmetry.label_seq_id 
1 1 A HOH 2095 ? C HOH . 
2 1 A HOH 2195 ? C HOH . 
# 
_phasing.method   MR 
# 
_pdbx_entry_details.entry_id                 7FV9 
_pdbx_entry_details.compound_details         ? 
_pdbx_entry_details.source_details           ? 
_pdbx_entry_details.nonpolymer_details       ? 
_pdbx_entry_details.sequence_details         ? 
_pdbx_entry_details.has_ligand_of_interest   Y 
# 
loop_
_pdbx_unobs_or_zero_occ_residues.id 
_pdbx_unobs_or_zero_occ_residues.PDB_model_num 
_pdbx_unobs_or_zero_occ_residues.polymer_flag 
_pdbx_unobs_or_zero_occ_residues.occupancy_flag 
_pdbx_unobs_or_zero_occ_residues.auth_asym_id 
_pdbx_unobs_or_zero_occ_residues.auth_comp_id 
_pdbx_unobs_or_zero_occ_residues.auth_seq_id 
_pdbx_unobs_or_zero_occ_residues.PDB_ins_code 
_pdbx_unobs_or_zero_occ_residues.label_asym_id 
_pdbx_unobs_or_zero_occ_residues.label_comp_id 
_pdbx_unobs_or_zero_occ_residues.label_seq_id 
1  1 Y 1 A MET 1292 ? A MET 1   
2  1 Y 1 A HIS 1293 ? A HIS 2   
3  1 Y 1 A HIS 1294 ? A HIS 3   
4  1 Y 1 A HIS 1295 ? A HIS 4   
5  1 Y 1 A HIS 1296 ? A HIS 5   
6  1 Y 1 A HIS 1297 ? A HIS 6   
7  1 Y 1 A HIS 1298 ? A HIS 7   
8  1 Y 1 A SER 1299 ? A SER 8   
9  1 Y 1 A SER 1300 ? A SER 9   
10 1 Y 1 A GLY 1301 ? A GLY 10  
11 1 Y 1 A VAL 1302 ? A VAL 11  
12 1 Y 1 A ASP 1303 ? A ASP 12  
13 1 Y 1 A LEU 1304 ? A LEU 13  
14 1 Y 1 A GLY 1305 ? A GLY 14  
15 1 Y 1 A THR 1306 ? A THR 15  
16 1 Y 1 A GLU 1307 ? A GLU 16  
17 1 Y 1 A ASN 1308 ? A ASN 17  
18 1 Y 1 A LEU 1309 ? A LEU 18  
19 1 Y 1 A TYR 1310 ? A TYR 19  
20 1 Y 1 A PHE 1311 ? A PHE 20  
21 1 Y 1 A GLN 1312 ? A GLN 21  
22 1 Y 1 A SER 1313 ? A SER 22  
23 1 Y 1 A MET 1314 ? A MET 23  
24 1 Y 1 A THR 1436 ? A THR 145 
25 1 Y 1 A ILE 1437 ? A ILE 146 
26 1 Y 1 A THR 1438 ? A THR 147 
27 1 Y 1 A LYS 1439 ? A LYS 148 
28 1 Y 1 A ARG 1440 ? A ARG 149 
# 
loop_
_chem_comp_atom.comp_id 
_chem_comp_atom.atom_id 
_chem_comp_atom.type_symbol 
_chem_comp_atom.pdbx_aromatic_flag 
_chem_comp_atom.pdbx_stereo_config 
_chem_comp_atom.pdbx_ordinal 
ALA N    N N N 1   
ALA CA   C N S 2   
ALA C    C N N 3   
ALA O    O N N 4   
ALA CB   C N N 5   
ALA OXT  O N N 6   
ALA H    H N N 7   
ALA H2   H N N 8   
ALA HA   H N N 9   
ALA HB1  H N N 10  
ALA HB2  H N N 11  
ALA HB3  H N N 12  
ALA HXT  H N N 13  
ARG N    N N N 14  
ARG CA   C N S 15  
ARG C    C N N 16  
ARG O    O N N 17  
ARG CB   C N N 18  
ARG CG   C N N 19  
ARG CD   C N N 20  
ARG NE   N N N 21  
ARG CZ   C N N 22  
ARG NH1  N N N 23  
ARG NH2  N N N 24  
ARG OXT  O N N 25  
ARG H    H N N 26  
ARG H2   H N N 27  
ARG HA   H N N 28  
ARG HB2  H N N 29  
ARG HB3  H N N 30  
ARG HG2  H N N 31  
ARG HG3  H N N 32  
ARG HD2  H N N 33  
ARG HD3  H N N 34  
ARG HE   H N N 35  
ARG HH11 H N N 36  
ARG HH12 H N N 37  
ARG HH21 H N N 38  
ARG HH22 H N N 39  
ARG HXT  H N N 40  
ASN N    N N N 41  
ASN CA   C N S 42  
ASN C    C N N 43  
ASN O    O N N 44  
ASN CB   C N N 45  
ASN CG   C N N 46  
ASN OD1  O N N 47  
ASN ND2  N N N 48  
ASN OXT  O N N 49  
ASN H    H N N 50  
ASN H2   H N N 51  
ASN HA   H N N 52  
ASN HB2  H N N 53  
ASN HB3  H N N 54  
ASN HD21 H N N 55  
ASN HD22 H N N 56  
ASN HXT  H N N 57  
ASP N    N N N 58  
ASP CA   C N S 59  
ASP C    C N N 60  
ASP O    O N N 61  
ASP CB   C N N 62  
ASP CG   C N N 63  
ASP OD1  O N N 64  
ASP OD2  O N N 65  
ASP OXT  O N N 66  
ASP H    H N N 67  
ASP H2   H N N 68  
ASP HA   H N N 69  
ASP HB2  H N N 70  
ASP HB3  H N N 71  
ASP HD2  H N N 72  
ASP HXT  H N N 73  
CYS N    N N N 74  
CYS CA   C N R 75  
CYS C    C N N 76  
CYS O    O N N 77  
CYS CB   C N N 78  
CYS SG   S N N 79  
CYS OXT  O N N 80  
CYS H    H N N 81  
CYS H2   H N N 82  
CYS HA   H N N 83  
CYS HB2  H N N 84  
CYS HB3  H N N 85  
CYS HG   H N N 86  
CYS HXT  H N N 87  
GLN N    N N N 88  
GLN CA   C N S 89  
GLN C    C N N 90  
GLN O    O N N 91  
GLN CB   C N N 92  
GLN CG   C N N 93  
GLN CD   C N N 94  
GLN OE1  O N N 95  
GLN NE2  N N N 96  
GLN OXT  O N N 97  
GLN H    H N N 98  
GLN H2   H N N 99  
GLN HA   H N N 100 
GLN HB2  H N N 101 
GLN HB3  H N N 102 
GLN HG2  H N N 103 
GLN HG3  H N N 104 
GLN HE21 H N N 105 
GLN HE22 H N N 106 
GLN HXT  H N N 107 
GLU N    N N N 108 
GLU CA   C N S 109 
GLU C    C N N 110 
GLU O    O N N 111 
GLU CB   C N N 112 
GLU CG   C N N 113 
GLU CD   C N N 114 
GLU OE1  O N N 115 
GLU OE2  O N N 116 
GLU OXT  O N N 117 
GLU H    H N N 118 
GLU H2   H N N 119 
GLU HA   H N N 120 
GLU HB2  H N N 121 
GLU HB3  H N N 122 
GLU HG2  H N N 123 
GLU HG3  H N N 124 
GLU HE2  H N N 125 
GLU HXT  H N N 126 
GLY N    N N N 127 
GLY CA   C N N 128 
GLY C    C N N 129 
GLY O    O N N 130 
GLY OXT  O N N 131 
GLY H    H N N 132 
GLY H2   H N N 133 
GLY HA2  H N N 134 
GLY HA3  H N N 135 
GLY HXT  H N N 136 
HIS N    N N N 137 
HIS CA   C N S 138 
HIS C    C N N 139 
HIS O    O N N 140 
HIS CB   C N N 141 
HIS CG   C Y N 142 
HIS ND1  N Y N 143 
HIS CD2  C Y N 144 
HIS CE1  C Y N 145 
HIS NE2  N Y N 146 
HIS OXT  O N N 147 
HIS H    H N N 148 
HIS H2   H N N 149 
HIS HA   H N N 150 
HIS HB2  H N N 151 
HIS HB3  H N N 152 
HIS HD1  H N N 153 
HIS HD2  H N N 154 
HIS HE1  H N N 155 
HIS HE2  H N N 156 
HIS HXT  H N N 157 
HOH O    O N N 158 
HOH H1   H N N 159 
HOH H2   H N N 160 
ILE N    N N N 161 
ILE CA   C N S 162 
ILE C    C N N 163 
ILE O    O N N 164 
ILE CB   C N S 165 
ILE CG1  C N N 166 
ILE CG2  C N N 167 
ILE CD1  C N N 168 
ILE OXT  O N N 169 
ILE H    H N N 170 
ILE H2   H N N 171 
ILE HA   H N N 172 
ILE HB   H N N 173 
ILE HG12 H N N 174 
ILE HG13 H N N 175 
ILE HG21 H N N 176 
ILE HG22 H N N 177 
ILE HG23 H N N 178 
ILE HD11 H N N 179 
ILE HD12 H N N 180 
ILE HD13 H N N 181 
ILE HXT  H N N 182 
LEU N    N N N 183 
LEU CA   C N S 184 
LEU C    C N N 185 
LEU O    O N N 186 
LEU CB   C N N 187 
LEU CG   C N N 188 
LEU CD1  C N N 189 
LEU CD2  C N N 190 
LEU OXT  O N N 191 
LEU H    H N N 192 
LEU H2   H N N 193 
LEU HA   H N N 194 
LEU HB2  H N N 195 
LEU HB3  H N N 196 
LEU HG   H N N 197 
LEU HD11 H N N 198 
LEU HD12 H N N 199 
LEU HD13 H N N 200 
LEU HD21 H N N 201 
LEU HD22 H N N 202 
LEU HD23 H N N 203 
LEU HXT  H N N 204 
LYS N    N N N 205 
LYS CA   C N S 206 
LYS C    C N N 207 
LYS O    O N N 208 
LYS CB   C N N 209 
LYS CG   C N N 210 
LYS CD   C N N 211 
LYS CE   C N N 212 
LYS NZ   N N N 213 
LYS OXT  O N N 214 
LYS H    H N N 215 
LYS H2   H N N 216 
LYS HA   H N N 217 
LYS HB2  H N N 218 
LYS HB3  H N N 219 
LYS HG2  H N N 220 
LYS HG3  H N N 221 
LYS HD2  H N N 222 
LYS HD3  H N N 223 
LYS HE2  H N N 224 
LYS HE3  H N N 225 
LYS HZ1  H N N 226 
LYS HZ2  H N N 227 
LYS HZ3  H N N 228 
LYS HXT  H N N 229 
MET N    N N N 230 
MET CA   C N S 231 
MET C    C N N 232 
MET O    O N N 233 
MET CB   C N N 234 
MET CG   C N N 235 
MET SD   S N N 236 
MET CE   C N N 237 
MET OXT  O N N 238 
MET H    H N N 239 
MET H2   H N N 240 
MET HA   H N N 241 
MET HB2  H N N 242 
MET HB3  H N N 243 
MET HG2  H N N 244 
MET HG3  H N N 245 
MET HE1  H N N 246 
MET HE2  H N N 247 
MET HE3  H N N 248 
MET HXT  H N N 249 
PHE N    N N N 250 
PHE CA   C N S 251 
PHE C    C N N 252 
PHE O    O N N 253 
PHE CB   C N N 254 
PHE CG   C Y N 255 
PHE CD1  C Y N 256 
PHE CD2  C Y N 257 
PHE CE1  C Y N 258 
PHE CE2  C Y N 259 
PHE CZ   C Y N 260 
PHE OXT  O N N 261 
PHE H    H N N 262 
PHE H2   H N N 263 
PHE HA   H N N 264 
PHE HB2  H N N 265 
PHE HB3  H N N 266 
PHE HD1  H N N 267 
PHE HD2  H N N 268 
PHE HE1  H N N 269 
PHE HE2  H N N 270 
PHE HZ   H N N 271 
PHE HXT  H N N 272 
PRO N    N N N 273 
PRO CA   C N S 274 
PRO C    C N N 275 
PRO O    O N N 276 
PRO CB   C N N 277 
PRO CG   C N N 278 
PRO CD   C N N 279 
PRO OXT  O N N 280 
PRO H    H N N 281 
PRO HA   H N N 282 
PRO HB2  H N N 283 
PRO HB3  H N N 284 
PRO HG2  H N N 285 
PRO HG3  H N N 286 
PRO HD2  H N N 287 
PRO HD3  H N N 288 
PRO HXT  H N N 289 
SER N    N N N 290 
SER CA   C N S 291 
SER C    C N N 292 
SER O    O N N 293 
SER CB   C N N 294 
SER OG   O N N 295 
SER OXT  O N N 296 
SER H    H N N 297 
SER H2   H N N 298 
SER HA   H N N 299 
SER HB2  H N N 300 
SER HB3  H N N 301 
SER HG   H N N 302 
SER HXT  H N N 303 
THR N    N N N 304 
THR CA   C N S 305 
THR C    C N N 306 
THR O    O N N 307 
THR CB   C N R 308 
THR OG1  O N N 309 
THR CG2  C N N 310 
THR OXT  O N N 311 
THR H    H N N 312 
THR H2   H N N 313 
THR HA   H N N 314 
THR HB   H N N 315 
THR HG1  H N N 316 
THR HG21 H N N 317 
THR HG22 H N N 318 
THR HG23 H N N 319 
THR HXT  H N N 320 
TRP N    N N N 321 
TRP CA   C N S 322 
TRP C    C N N 323 
TRP O    O N N 324 
TRP CB   C N N 325 
TRP CG   C Y N 326 
TRP CD1  C Y N 327 
TRP CD2  C Y N 328 
TRP NE1  N Y N 329 
TRP CE2  C Y N 330 
TRP CE3  C Y N 331 
TRP CZ2  C Y N 332 
TRP CZ3  C Y N 333 
TRP CH2  C Y N 334 
TRP OXT  O N N 335 
TRP H    H N N 336 
TRP H2   H N N 337 
TRP HA   H N N 338 
TRP HB2  H N N 339 
TRP HB3  H N N 340 
TRP HD1  H N N 341 
TRP HE1  H N N 342 
TRP HE3  H N N 343 
TRP HZ2  H N N 344 
TRP HZ3  H N N 345 
TRP HH2  H N N 346 
TRP HXT  H N N 347 
TYR N    N N N 348 
TYR CA   C N S 349 
TYR C    C N N 350 
TYR O    O N N 351 
TYR CB   C N N 352 
TYR CG   C Y N 353 
TYR CD1  C Y N 354 
TYR CD2  C Y N 355 
TYR CE1  C Y N 356 
TYR CE2  C Y N 357 
TYR CZ   C Y N 358 
TYR OH   O N N 359 
TYR OXT  O N N 360 
TYR H    H N N 361 
TYR H2   H N N 362 
TYR HA   H N N 363 
TYR HB2  H N N 364 
TYR HB3  H N N 365 
TYR HD1  H N N 366 
TYR HD2  H N N 367 
TYR HE1  H N N 368 
TYR HE2  H N N 369 
TYR HH   H N N 370 
TYR HXT  H N N 371 
VAL N    N N N 372 
VAL CA   C N S 373 
VAL C    C N N 374 
VAL O    O N N 375 
VAL CB   C N N 376 
VAL CG1  C N N 377 
VAL CG2  C N N 378 
VAL OXT  O N N 379 
VAL H    H N N 380 
VAL H2   H N N 381 
VAL HA   H N N 382 
VAL HB   H N N 383 
VAL HG11 H N N 384 
VAL HG12 H N N 385 
VAL HG13 H N N 386 
VAL HG21 H N N 387 
VAL HG22 H N N 388 
VAL HG23 H N N 389 
VAL HXT  H N N 390 
ZLC N1   N N N 391 
ZLC N3   N N N 392 
ZLC C4   C Y N 393 
ZLC C5   C Y N 394 
ZLC C6   C N N 395 
ZLC C7   C N N 396 
ZLC C8   C N N 397 
ZLC C10  C N N 398 
ZLC C13  C Y N 399 
ZLC C15  C Y N 400 
ZLC C1   C N N 401 
ZLC C11  C N N 402 
ZLC C12  C N N 403 
ZLC C14  C Y N 404 
ZLC C16  C Y N 405 
ZLC C2   C Y N 406 
ZLC C3   C Y N 407 
ZLC C9   C N N 408 
ZLC N2   N N N 409 
ZLC O1   O Y N 410 
ZLC O2   O N N 411 
ZLC O3   O N N 412 
ZLC S1   S Y N 413 
ZLC H14  H N N 414 
ZLC H5   H N N 415 
ZLC H6   H N N 416 
ZLC H7   H N N 417 
ZLC H9   H N N 418 
ZLC H8   H N N 419 
ZLC H13  H N N 420 
ZLC H12  H N N 421 
ZLC H18  H N N 422 
ZLC H3   H N N 423 
ZLC H2   H N N 424 
ZLC H1   H N N 425 
ZLC H15  H N N 426 
ZLC H16  H N N 427 
ZLC H17  H N N 428 
ZLC H19  H N N 429 
ZLC H4   H N N 430 
ZLC H10  H N N 431 
ZLC H11  H N N 432 
# 
loop_
_chem_comp_bond.comp_id 
_chem_comp_bond.atom_id_1 
_chem_comp_bond.atom_id_2 
_chem_comp_bond.value_order 
_chem_comp_bond.pdbx_aromatic_flag 
_chem_comp_bond.pdbx_stereo_config 
_chem_comp_bond.pdbx_ordinal 
ALA N   CA   sing N N 1   
ALA N   H    sing N N 2   
ALA N   H2   sing N N 3   
ALA CA  C    sing N N 4   
ALA CA  CB   sing N N 5   
ALA CA  HA   sing N N 6   
ALA C   O    doub N N 7   
ALA C   OXT  sing N N 8   
ALA CB  HB1  sing N N 9   
ALA CB  HB2  sing N N 10  
ALA CB  HB3  sing N N 11  
ALA OXT HXT  sing N N 12  
ARG N   CA   sing N N 13  
ARG N   H    sing N N 14  
ARG N   H2   sing N N 15  
ARG CA  C    sing N N 16  
ARG CA  CB   sing N N 17  
ARG CA  HA   sing N N 18  
ARG C   O    doub N N 19  
ARG C   OXT  sing N N 20  
ARG CB  CG   sing N N 21  
ARG CB  HB2  sing N N 22  
ARG CB  HB3  sing N N 23  
ARG CG  CD   sing N N 24  
ARG CG  HG2  sing N N 25  
ARG CG  HG3  sing N N 26  
ARG CD  NE   sing N N 27  
ARG CD  HD2  sing N N 28  
ARG CD  HD3  sing N N 29  
ARG NE  CZ   sing N N 30  
ARG NE  HE   sing N N 31  
ARG CZ  NH1  sing N N 32  
ARG CZ  NH2  doub N N 33  
ARG NH1 HH11 sing N N 34  
ARG NH1 HH12 sing N N 35  
ARG NH2 HH21 sing N N 36  
ARG NH2 HH22 sing N N 37  
ARG OXT HXT  sing N N 38  
ASN N   CA   sing N N 39  
ASN N   H    sing N N 40  
ASN N   H2   sing N N 41  
ASN CA  C    sing N N 42  
ASN CA  CB   sing N N 43  
ASN CA  HA   sing N N 44  
ASN C   O    doub N N 45  
ASN C   OXT  sing N N 46  
ASN CB  CG   sing N N 47  
ASN CB  HB2  sing N N 48  
ASN CB  HB3  sing N N 49  
ASN CG  OD1  doub N N 50  
ASN CG  ND2  sing N N 51  
ASN ND2 HD21 sing N N 52  
ASN ND2 HD22 sing N N 53  
ASN OXT HXT  sing N N 54  
ASP N   CA   sing N N 55  
ASP N   H    sing N N 56  
ASP N   H2   sing N N 57  
ASP CA  C    sing N N 58  
ASP CA  CB   sing N N 59  
ASP CA  HA   sing N N 60  
ASP C   O    doub N N 61  
ASP C   OXT  sing N N 62  
ASP CB  CG   sing N N 63  
ASP CB  HB2  sing N N 64  
ASP CB  HB3  sing N N 65  
ASP CG  OD1  doub N N 66  
ASP CG  OD2  sing N N 67  
ASP OD2 HD2  sing N N 68  
ASP OXT HXT  sing N N 69  
CYS N   CA   sing N N 70  
CYS N   H    sing N N 71  
CYS N   H2   sing N N 72  
CYS CA  C    sing N N 73  
CYS CA  CB   sing N N 74  
CYS CA  HA   sing N N 75  
CYS C   O    doub N N 76  
CYS C   OXT  sing N N 77  
CYS CB  SG   sing N N 78  
CYS CB  HB2  sing N N 79  
CYS CB  HB3  sing N N 80  
CYS SG  HG   sing N N 81  
CYS OXT HXT  sing N N 82  
GLN N   CA   sing N N 83  
GLN N   H    sing N N 84  
GLN N   H2   sing N N 85  
GLN CA  C    sing N N 86  
GLN CA  CB   sing N N 87  
GLN CA  HA   sing N N 88  
GLN C   O    doub N N 89  
GLN C   OXT  sing N N 90  
GLN CB  CG   sing N N 91  
GLN CB  HB2  sing N N 92  
GLN CB  HB3  sing N N 93  
GLN CG  CD   sing N N 94  
GLN CG  HG2  sing N N 95  
GLN CG  HG3  sing N N 96  
GLN CD  OE1  doub N N 97  
GLN CD  NE2  sing N N 98  
GLN NE2 HE21 sing N N 99  
GLN NE2 HE22 sing N N 100 
GLN OXT HXT  sing N N 101 
GLU N   CA   sing N N 102 
GLU N   H    sing N N 103 
GLU N   H2   sing N N 104 
GLU CA  C    sing N N 105 
GLU CA  CB   sing N N 106 
GLU CA  HA   sing N N 107 
GLU C   O    doub N N 108 
GLU C   OXT  sing N N 109 
GLU CB  CG   sing N N 110 
GLU CB  HB2  sing N N 111 
GLU CB  HB3  sing N N 112 
GLU CG  CD   sing N N 113 
GLU CG  HG2  sing N N 114 
GLU CG  HG3  sing N N 115 
GLU CD  OE1  doub N N 116 
GLU CD  OE2  sing N N 117 
GLU OE2 HE2  sing N N 118 
GLU OXT HXT  sing N N 119 
GLY N   CA   sing N N 120 
GLY N   H    sing N N 121 
GLY N   H2   sing N N 122 
GLY CA  C    sing N N 123 
GLY CA  HA2  sing N N 124 
GLY CA  HA3  sing N N 125 
GLY C   O    doub N N 126 
GLY C   OXT  sing N N 127 
GLY OXT HXT  sing N N 128 
HIS N   CA   sing N N 129 
HIS N   H    sing N N 130 
HIS N   H2   sing N N 131 
HIS CA  C    sing N N 132 
HIS CA  CB   sing N N 133 
HIS CA  HA   sing N N 134 
HIS C   O    doub N N 135 
HIS C   OXT  sing N N 136 
HIS CB  CG   sing N N 137 
HIS CB  HB2  sing N N 138 
HIS CB  HB3  sing N N 139 
HIS CG  ND1  sing Y N 140 
HIS CG  CD2  doub Y N 141 
HIS ND1 CE1  doub Y N 142 
HIS ND1 HD1  sing N N 143 
HIS CD2 NE2  sing Y N 144 
HIS CD2 HD2  sing N N 145 
HIS CE1 NE2  sing Y N 146 
HIS CE1 HE1  sing N N 147 
HIS NE2 HE2  sing N N 148 
HIS OXT HXT  sing N N 149 
HOH O   H1   sing N N 150 
HOH O   H2   sing N N 151 
ILE N   CA   sing N N 152 
ILE N   H    sing N N 153 
ILE N   H2   sing N N 154 
ILE CA  C    sing N N 155 
ILE CA  CB   sing N N 156 
ILE CA  HA   sing N N 157 
ILE C   O    doub N N 158 
ILE C   OXT  sing N N 159 
ILE CB  CG1  sing N N 160 
ILE CB  CG2  sing N N 161 
ILE CB  HB   sing N N 162 
ILE CG1 CD1  sing N N 163 
ILE CG1 HG12 sing N N 164 
ILE CG1 HG13 sing N N 165 
ILE CG2 HG21 sing N N 166 
ILE CG2 HG22 sing N N 167 
ILE CG2 HG23 sing N N 168 
ILE CD1 HD11 sing N N 169 
ILE CD1 HD12 sing N N 170 
ILE CD1 HD13 sing N N 171 
ILE OXT HXT  sing N N 172 
LEU N   CA   sing N N 173 
LEU N   H    sing N N 174 
LEU N   H2   sing N N 175 
LEU CA  C    sing N N 176 
LEU CA  CB   sing N N 177 
LEU CA  HA   sing N N 178 
LEU C   O    doub N N 179 
LEU C   OXT  sing N N 180 
LEU CB  CG   sing N N 181 
LEU CB  HB2  sing N N 182 
LEU CB  HB3  sing N N 183 
LEU CG  CD1  sing N N 184 
LEU CG  CD2  sing N N 185 
LEU CG  HG   sing N N 186 
LEU CD1 HD11 sing N N 187 
LEU CD1 HD12 sing N N 188 
LEU CD1 HD13 sing N N 189 
LEU CD2 HD21 sing N N 190 
LEU CD2 HD22 sing N N 191 
LEU CD2 HD23 sing N N 192 
LEU OXT HXT  sing N N 193 
LYS N   CA   sing N N 194 
LYS N   H    sing N N 195 
LYS N   H2   sing N N 196 
LYS CA  C    sing N N 197 
LYS CA  CB   sing N N 198 
LYS CA  HA   sing N N 199 
LYS C   O    doub N N 200 
LYS C   OXT  sing N N 201 
LYS CB  CG   sing N N 202 
LYS CB  HB2  sing N N 203 
LYS CB  HB3  sing N N 204 
LYS CG  CD   sing N N 205 
LYS CG  HG2  sing N N 206 
LYS CG  HG3  sing N N 207 
LYS CD  CE   sing N N 208 
LYS CD  HD2  sing N N 209 
LYS CD  HD3  sing N N 210 
LYS CE  NZ   sing N N 211 
LYS CE  HE2  sing N N 212 
LYS CE  HE3  sing N N 213 
LYS NZ  HZ1  sing N N 214 
LYS NZ  HZ2  sing N N 215 
LYS NZ  HZ3  sing N N 216 
LYS OXT HXT  sing N N 217 
MET N   CA   sing N N 218 
MET N   H    sing N N 219 
MET N   H2   sing N N 220 
MET CA  C    sing N N 221 
MET CA  CB   sing N N 222 
MET CA  HA   sing N N 223 
MET C   O    doub N N 224 
MET C   OXT  sing N N 225 
MET CB  CG   sing N N 226 
MET CB  HB2  sing N N 227 
MET CB  HB3  sing N N 228 
MET CG  SD   sing N N 229 
MET CG  HG2  sing N N 230 
MET CG  HG3  sing N N 231 
MET SD  CE   sing N N 232 
MET CE  HE1  sing N N 233 
MET CE  HE2  sing N N 234 
MET CE  HE3  sing N N 235 
MET OXT HXT  sing N N 236 
PHE N   CA   sing N N 237 
PHE N   H    sing N N 238 
PHE N   H2   sing N N 239 
PHE CA  C    sing N N 240 
PHE CA  CB   sing N N 241 
PHE CA  HA   sing N N 242 
PHE C   O    doub N N 243 
PHE C   OXT  sing N N 244 
PHE CB  CG   sing N N 245 
PHE CB  HB2  sing N N 246 
PHE CB  HB3  sing N N 247 
PHE CG  CD1  doub Y N 248 
PHE CG  CD2  sing Y N 249 
PHE CD1 CE1  sing Y N 250 
PHE CD1 HD1  sing N N 251 
PHE CD2 CE2  doub Y N 252 
PHE CD2 HD2  sing N N 253 
PHE CE1 CZ   doub Y N 254 
PHE CE1 HE1  sing N N 255 
PHE CE2 CZ   sing Y N 256 
PHE CE2 HE2  sing N N 257 
PHE CZ  HZ   sing N N 258 
PHE OXT HXT  sing N N 259 
PRO N   CA   sing N N 260 
PRO N   CD   sing N N 261 
PRO N   H    sing N N 262 
PRO CA  C    sing N N 263 
PRO CA  CB   sing N N 264 
PRO CA  HA   sing N N 265 
PRO C   O    doub N N 266 
PRO C   OXT  sing N N 267 
PRO CB  CG   sing N N 268 
PRO CB  HB2  sing N N 269 
PRO CB  HB3  sing N N 270 
PRO CG  CD   sing N N 271 
PRO CG  HG2  sing N N 272 
PRO CG  HG3  sing N N 273 
PRO CD  HD2  sing N N 274 
PRO CD  HD3  sing N N 275 
PRO OXT HXT  sing N N 276 
SER N   CA   sing N N 277 
SER N   H    sing N N 278 
SER N   H2   sing N N 279 
SER CA  C    sing N N 280 
SER CA  CB   sing N N 281 
SER CA  HA   sing N N 282 
SER C   O    doub N N 283 
SER C   OXT  sing N N 284 
SER CB  OG   sing N N 285 
SER CB  HB2  sing N N 286 
SER CB  HB3  sing N N 287 
SER OG  HG   sing N N 288 
SER OXT HXT  sing N N 289 
THR N   CA   sing N N 290 
THR N   H    sing N N 291 
THR N   H2   sing N N 292 
THR CA  C    sing N N 293 
THR CA  CB   sing N N 294 
THR CA  HA   sing N N 295 
THR C   O    doub N N 296 
THR C   OXT  sing N N 297 
THR CB  OG1  sing N N 298 
THR CB  CG2  sing N N 299 
THR CB  HB   sing N N 300 
THR OG1 HG1  sing N N 301 
THR CG2 HG21 sing N N 302 
THR CG2 HG22 sing N N 303 
THR CG2 HG23 sing N N 304 
THR OXT HXT  sing N N 305 
TRP N   CA   sing N N 306 
TRP N   H    sing N N 307 
TRP N   H2   sing N N 308 
TRP CA  C    sing N N 309 
TRP CA  CB   sing N N 310 
TRP CA  HA   sing N N 311 
TRP C   O    doub N N 312 
TRP C   OXT  sing N N 313 
TRP CB  CG   sing N N 314 
TRP CB  HB2  sing N N 315 
TRP CB  HB3  sing N N 316 
TRP CG  CD1  doub Y N 317 
TRP CG  CD2  sing Y N 318 
TRP CD1 NE1  sing Y N 319 
TRP CD1 HD1  sing N N 320 
TRP CD2 CE2  doub Y N 321 
TRP CD2 CE3  sing Y N 322 
TRP NE1 CE2  sing Y N 323 
TRP NE1 HE1  sing N N 324 
TRP CE2 CZ2  sing Y N 325 
TRP CE3 CZ3  doub Y N 326 
TRP CE3 HE3  sing N N 327 
TRP CZ2 CH2  doub Y N 328 
TRP CZ2 HZ2  sing N N 329 
TRP CZ3 CH2  sing Y N 330 
TRP CZ3 HZ3  sing N N 331 
TRP CH2 HH2  sing N N 332 
TRP OXT HXT  sing N N 333 
TYR N   CA   sing N N 334 
TYR N   H    sing N N 335 
TYR N   H2   sing N N 336 
TYR CA  C    sing N N 337 
TYR CA  CB   sing N N 338 
TYR CA  HA   sing N N 339 
TYR C   O    doub N N 340 
TYR C   OXT  sing N N 341 
TYR CB  CG   sing N N 342 
TYR CB  HB2  sing N N 343 
TYR CB  HB3  sing N N 344 
TYR CG  CD1  doub Y N 345 
TYR CG  CD2  sing Y N 346 
TYR CD1 CE1  sing Y N 347 
TYR CD1 HD1  sing N N 348 
TYR CD2 CE2  doub Y N 349 
TYR CD2 HD2  sing N N 350 
TYR CE1 CZ   doub Y N 351 
TYR CE1 HE1  sing N N 352 
TYR CE2 CZ   sing Y N 353 
TYR CE2 HE2  sing N N 354 
TYR CZ  OH   sing N N 355 
TYR OH  HH   sing N N 356 
TYR OXT HXT  sing N N 357 
VAL N   CA   sing N N 358 
VAL N   H    sing N N 359 
VAL N   H2   sing N N 360 
VAL CA  C    sing N N 361 
VAL CA  CB   sing N N 362 
VAL CA  HA   sing N N 363 
VAL C   O    doub N N 364 
VAL C   OXT  sing N N 365 
VAL CB  CG1  sing N N 366 
VAL CB  CG2  sing N N 367 
VAL CB  HB   sing N N 368 
VAL CG1 HG11 sing N N 369 
VAL CG1 HG12 sing N N 370 
VAL CG1 HG13 sing N N 371 
VAL CG2 HG21 sing N N 372 
VAL CG2 HG22 sing N N 373 
VAL CG2 HG23 sing N N 374 
VAL OXT HXT  sing N N 375 
ZLC C1  C2   sing N N 376 
ZLC C2  C3   doub Y N 377 
ZLC C3  C4   sing Y N 378 
ZLC C4  C5   doub Y N 379 
ZLC C5  O1   sing Y N 380 
ZLC C5  C6   sing N N 381 
ZLC C6  O2   doub N N 382 
ZLC C6  N1   sing N N 383 
ZLC N1  C7   sing N N 384 
ZLC C7  C8   sing N N 385 
ZLC C8  N2   sing N N 386 
ZLC N2  C9   sing N N 387 
ZLC C9  C10  sing N N 388 
ZLC N2  C11  sing N N 389 
ZLC C11 O3   doub N N 390 
ZLC C11 N3   sing N N 391 
ZLC N3  C12  sing N N 392 
ZLC C12 C13  sing N N 393 
ZLC C13 C14  doub Y N 394 
ZLC C14 C15  sing Y N 395 
ZLC C15 C16  doub Y N 396 
ZLC C16 S1   sing Y N 397 
ZLC C2  O1   sing Y N 398 
ZLC N1  C10  sing N N 399 
ZLC C13 S1   sing Y N 400 
ZLC N3  H14  sing N N 401 
ZLC C4  H5   sing N N 402 
ZLC C7  H6   sing N N 403 
ZLC C7  H7   sing N N 404 
ZLC C8  H9   sing N N 405 
ZLC C8  H8   sing N N 406 
ZLC C10 H13  sing N N 407 
ZLC C10 H12  sing N N 408 
ZLC C15 H18  sing N N 409 
ZLC C1  H3   sing N N 410 
ZLC C1  H2   sing N N 411 
ZLC C1  H1   sing N N 412 
ZLC C12 H15  sing N N 413 
ZLC C12 H16  sing N N 414 
ZLC C14 H17  sing N N 415 
ZLC C16 H19  sing N N 416 
ZLC C3  H4   sing N N 417 
ZLC C9  H10  sing N N 418 
ZLC C9  H11  sing N N 419 
# 
_pdbx_audit_support.ordinal                1 
_pdbx_audit_support.funding_organization   'Wellcome Trust' 
_pdbx_audit_support.grant_number           None 
_pdbx_audit_support.country                'United Kingdom' 
# 
_pdbx_deposit_group.group_id            G_1002265 
_pdbx_deposit_group.group_description   
;XDomainX of XOrganismX PHIP screened against predicted false negatives and catalogue compounds by X-ray Crystallography at the XChem facility of Diamond Light Source beamline I04-1
;
_pdbx_deposit_group.group_title         'PanDDA analysis group deposition' 
_pdbx_deposit_group.group_type          'changed state' 
# 
_pdbx_entity_instance_feature.ordinal        1 
_pdbx_entity_instance_feature.comp_id        ZLC 
_pdbx_entity_instance_feature.asym_id        ? 
_pdbx_entity_instance_feature.seq_num        ? 
_pdbx_entity_instance_feature.auth_comp_id   ZLC 
_pdbx_entity_instance_feature.auth_asym_id   ? 
_pdbx_entity_instance_feature.auth_seq_num   ? 
_pdbx_entity_instance_feature.feature_type   'SUBJECT OF INVESTIGATION' 
_pdbx_entity_instance_feature.details        ? 
# 
_atom_sites.entry_id                    7FV9 
_atom_sites.fract_transf_matrix[1][1]   -0.00108564 
_atom_sites.fract_transf_matrix[1][2]   0.00203598 
_atom_sites.fract_transf_matrix[1][3]   0.01222750 
_atom_sites.fract_transf_matrix[2][1]   0.02140868 
_atom_sites.fract_transf_matrix[2][2]   0.02929143 
_atom_sites.fract_transf_matrix[2][3]   -0.00297646 
_atom_sites.fract_transf_matrix[3][1]   -0.01446770 
_atom_sites.fract_transf_matrix[3][2]   0.01059990 
_atom_sites.fract_transf_matrix[3][3]   0.00025258 
_atom_sites.fract_transf_vector[1]      -0.145951 
_atom_sites.fract_transf_vector[2]      0.452555 
_atom_sites.fract_transf_vector[3]      0.220543 
# 
loop_
_atom_type.symbol 
C 
N 
O 
S 
# 
loop_
_atom_site.group_PDB 
_atom_site.id 
_atom_site.type_symbol 
_atom_site.label_atom_id 
_atom_site.label_alt_id 
_atom_site.label_comp_id 
_atom_site.label_asym_id 
_atom_site.label_entity_id 
_atom_site.label_seq_id 
_atom_site.pdbx_PDB_ins_code 
_atom_site.Cartn_x 
_atom_site.Cartn_y 
_atom_site.Cartn_z 
_atom_site.occupancy 
_atom_site.B_iso_or_equiv 
_atom_site.pdbx_formal_charge 
_atom_site.auth_seq_id 
_atom_site.auth_comp_id 
_atom_site.auth_asym_id 
_atom_site.auth_atom_id 
_atom_site.pdbx_PDB_model_num 
ATOM   1    N N   . SER A 1 24  ? 20.007  -13.993 2.759   1.00 22.95 ? 1315 SER A N   1 
ATOM   2    C CA  . SER A 1 24  ? 19.291  -12.776 3.290   1.00 22.98 ? 1315 SER A CA  1 
ATOM   3    C C   . SER A 1 24  ? 18.281  -13.175 4.374   1.00 20.28 ? 1315 SER A C   1 
ATOM   4    O O   . SER A 1 24  ? 17.072  -13.202 4.055   1.00 19.51 ? 1315 SER A O   1 
ATOM   5    C CB  . SER A 1 24  ? 18.601  -12.046 2.157   1.00 24.76 ? 1315 SER A CB  1 
ATOM   6    O OG  . SER A 1 24  ? 17.727  -12.915 1.446   1.00 27.74 ? 1315 SER A OG  1 
ATOM   7    N N   . TYR A 1 25  ? 18.719  -13.450 5.615   1.00 16.87 ? 1316 TYR A N   1 
ATOM   8    C CA  . TYR A 1 25  ? 17.829  -14.103 6.611   1.00 13.72 ? 1316 TYR A CA  1 
ATOM   9    C C   . TYR A 1 25  ? 17.480  -13.128 7.745   1.00 12.54 ? 1316 TYR A C   1 
ATOM   10   O O   . TYR A 1 25  ? 17.100  -13.597 8.819   1.00 10.84 ? 1316 TYR A O   1 
ATOM   11   C CB  . TYR A 1 25  ? 18.438  -15.409 7.126   1.00 14.12 ? 1316 TYR A CB  1 
ATOM   12   C CG  . TYR A 1 25  ? 18.840  -16.412 6.069   1.00 13.40 ? 1316 TYR A CG  1 
ATOM   13   C CD1 . TYR A 1 25  ? 17.958  -16.801 5.073   1.00 13.15 ? 1316 TYR A CD1 1 
ATOM   14   C CD2 . TYR A 1 25  ? 20.084  -17.018 6.112   1.00 13.38 ? 1316 TYR A CD2 1 
ATOM   15   C CE1 . TYR A 1 25  ? 18.324  -17.726 4.105   1.00 13.37 ? 1316 TYR A CE1 1 
ATOM   16   C CE2 . TYR A 1 25  ? 20.458  -17.963 5.169   1.00 13.91 ? 1316 TYR A CE2 1 
ATOM   17   C CZ  . TYR A 1 25  ? 19.575  -18.322 4.167   1.00 13.84 ? 1316 TYR A CZ  1 
ATOM   18   O OH  . TYR A 1 25  ? 19.974  -19.228 3.220   1.00 15.31 ? 1316 TYR A OH  1 
ATOM   19   N N   . ASP A 1 26  ? 17.549  -11.817 7.497   1.00 11.29 ? 1317 ASP A N   1 
ATOM   20   C CA  . ASP A 1 26  ? 17.161  -10.782 8.521   1.00 9.72  ? 1317 ASP A CA  1 
ATOM   21   C C   . ASP A 1 26  ? 15.632  -10.695 8.567   1.00 9.08  ? 1317 ASP A C   1 
ATOM   22   O O   . ASP A 1 26  ? 15.022  -10.164 7.624   1.00 9.16  ? 1317 ASP A O   1 
ATOM   23   C CB  . ASP A 1 26  ? 17.820  -9.451  8.239   1.00 9.17  ? 1317 ASP A CB  1 
ATOM   24   C CG  . ASP A 1 26  ? 17.553  -8.345  9.238   1.00 8.81  ? 1317 ASP A CG  1 
ATOM   25   O OD1 . ASP A 1 26  ? 16.560  -8.484  9.993   1.00 10.53 ? 1317 ASP A OD1 1 
ATOM   26   O OD2 . ASP A 1 26  ? 18.382  -7.425  9.257   1.00 12.60 ? 1317 ASP A OD2 1 
ATOM   27   N N   . ILE A 1 27  ? 15.039  -11.157 9.668   1.00 7.85  ? 1318 ILE A N   1 
ATOM   28   C CA  . ILE A 1 27  ? 13.563  -11.250 9.911   1.00 8.01  ? 1318 ILE A CA  1 
ATOM   29   C C   . ILE A 1 27  ? 12.993  -9.835  10.022  1.00 7.90  ? 1318 ILE A C   1 
ATOM   30   O O   . ILE A 1 27  ? 11.804  -9.688  9.763   1.00 8.25  ? 1318 ILE A O   1 
ATOM   31   C CB  . ILE A 1 27  ? 13.281  -12.090 11.176  1.00 7.82  ? 1318 ILE A CB  1 
ATOM   32   C CG1 . ILE A 1 27  ? 13.786  -13.529 11.022  1.00 7.85  ? 1318 ILE A CG1 1 
ATOM   33   C CG2 . ILE A 1 27  ? 11.805  -12.058 11.572  1.00 8.01  ? 1318 ILE A CG2 1 
ATOM   34   C CD1 . ILE A 1 27  ? 13.665  -14.374 12.261  1.00 7.78  ? 1318 ILE A CD1 1 
ATOM   35   N N   . GLN A 1 28  ? 13.814  -8.833  10.374  1.00 7.54  ? 1319 GLN A N   1 
ATOM   36   C CA  . GLN A 1 28  ? 13.289  -7.456  10.597  1.00 8.36  ? 1319 GLN A CA  1 
ATOM   37   C C   . GLN A 1 28  ? 13.535  -6.515  9.416   1.00 8.71  ? 1319 GLN A C   1 
ATOM   38   O O   . GLN A 1 28  ? 13.053  -5.360  9.432   1.00 8.61  ? 1319 GLN A O   1 
ATOM   39   C CB  . GLN A 1 28  ? 13.913  -6.836  11.865  1.00 8.48  ? 1319 GLN A CB  1 
ATOM   40   C CG  . GLN A 1 28  ? 13.387  -7.412  13.206  1.00 8.83  ? 1319 GLN A CG  1 
ATOM   41   C CD  . GLN A 1 28  ? 14.177  -8.570  13.780  1.00 8.40  ? 1319 GLN A CD  1 
ATOM   42   O OE1 . GLN A 1 28  ? 15.405  -8.594  13.830  1.00 10.01 ? 1319 GLN A OE1 1 
ATOM   43   N NE2 . GLN A 1 28  ? 13.471  -9.587  14.174  1.00 8.74  ? 1319 GLN A NE2 1 
ATOM   44   N N   . ALA A 1 29  ? 14.208  -6.985  8.339   1.00 9.24  ? 1320 ALA A N   1 
ATOM   45   C CA  . ALA A 1 29  ? 14.698  -6.085  7.285   1.00 8.94  ? 1320 ALA A CA  1 
ATOM   46   C C   . ALA A 1 29  ? 13.506  -5.473  6.495   1.00 8.27  ? 1320 ALA A C   1 
ATOM   47   O O   . ALA A 1 29  ? 13.655  -4.364  5.897   1.00 8.84  ? 1320 ALA A O   1 
ATOM   48   C CB  . ALA A 1 29  ? 15.639  -6.843  6.355   1.00 8.63  ? 1320 ALA A CB  1 
ATOM   49   N N   . TRP A 1 30  ? 12.355  -6.130  6.476   1.00 8.14  ? 1321 TRP A N   1 
ATOM   50   C CA  . TRP A 1 30  ? 11.176  -5.673  5.715   1.00 8.71  ? 1321 TRP A CA  1 
ATOM   51   C C   . TRP A 1 30  ? 10.761  -4.270  6.137   1.00 8.73  ? 1321 TRP A C   1 
ATOM   52   O O   . TRP A 1 30  ? 10.206  -3.560  5.285   1.00 8.27  ? 1321 TRP A O   1 
ATOM   53   C CB  . TRP A 1 30  ? 10.010  -6.673  5.875   1.00 8.30  ? 1321 TRP A CB  1 
ATOM   54   C CG  . TRP A 1 30  ? 9.475   -6.749  7.279   1.00 8.08  ? 1321 TRP A CG  1 
ATOM   55   C CD1 . TRP A 1 30  ? 9.955   -7.538  8.268   1.00 8.57  ? 1321 TRP A CD1 1 
ATOM   56   C CD2 . TRP A 1 30  ? 8.421   -5.965  7.869   1.00 7.65  ? 1321 TRP A CD2 1 
ATOM   57   N NE1 . TRP A 1 30  ? 9.310   -7.272  9.454   1.00 8.76  ? 1321 TRP A NE1 1 
ATOM   58   C CE2 . TRP A 1 30  ? 8.356   -6.347  9.217   1.00 8.25  ? 1321 TRP A CE2 1 
ATOM   59   C CE3 . TRP A 1 30  ? 7.498   -5.031  7.388   1.00 8.38  ? 1321 TRP A CE3 1 
ATOM   60   C CZ2 . TRP A 1 30  ? 7.429   -5.797  10.092  1.00 9.01  ? 1321 TRP A CZ2 1 
ATOM   61   C CZ3 . TRP A 1 30  ? 6.556   -4.517  8.265   1.00 8.18  ? 1321 TRP A CZ3 1 
ATOM   62   C CH2 . TRP A 1 30  ? 6.582   -4.841  9.602   1.00 9.25  ? 1321 TRP A CH2 1 
ATOM   63   N N   . LYS A 1 31  ? 10.979  -3.876  7.386   1.00 8.42  ? 1322 LYS A N   1 
ATOM   64   C CA  . LYS A 1 31  ? 10.387  -2.624  7.875   1.00 9.11  ? 1322 LYS A CA  1 
ATOM   65   C C   . LYS A 1 31  ? 11.036  -1.425  7.177   1.00 8.94  ? 1322 LYS A C   1 
ATOM   66   O O   . LYS A 1 31  ? 10.371  -0.582  6.612   1.00 8.92  ? 1322 LYS A O   1 
ATOM   67   C CB  . LYS A 1 31  ? 10.452  -2.606  9.386   1.00 8.04  ? 1322 LYS A CB  1 
ATOM   68   C CG  . LYS A 1 31  ? 9.777   -1.391  10.021  1.00 9.26  ? 1322 LYS A CG  1 
ATOM   69   C CD  . LYS A 1 31  ? 9.698   -1.411  11.522  1.00 9.50  ? 1322 LYS A CD  1 
ATOM   70   C CE  . LYS A 1 31  ? 9.028   -0.193  12.106  1.00 9.95  ? 1322 LYS A CE  1 
ATOM   71   N NZ  . LYS A 1 31  ? 8.997   -0.375  13.569  1.00 10.46 ? 1322 LYS A NZ  1 
ATOM   72   N N   . LYS A 1 32  ? 12.364  -1.370  7.200   1.00 9.65  ? 1323 LYS A N   1 
ATOM   73   C CA  . LYS A 1 32  ? 13.142  -0.314  6.506   1.00 10.24 ? 1323 LYS A CA  1 
ATOM   74   C C   . LYS A 1 32  ? 12.848  -0.367  5.005   1.00 9.64  ? 1323 LYS A C   1 
ATOM   75   O O   . LYS A 1 32  ? 12.719  0.694   4.392   1.00 9.89  ? 1323 LYS A O   1 
ATOM   76   C CB  . LYS A 1 32  ? 14.635  -0.510  6.777   1.00 11.81 ? 1323 LYS A CB  1 
ATOM   77   C CG  . LYS A 1 32  ? 15.546  0.545   6.155   1.00 13.80 ? 1323 LYS A CG  1 
ATOM   78   C CD  . LYS A 1 32  ? 17.023  0.463   6.537   1.00 16.21 ? 1323 LYS A CD  1 
ATOM   79   C CE  . LYS A 1 32  ? 17.888  1.366   5.676   1.00 17.36 ? 1323 LYS A CE  1 
ATOM   80   N NZ  . LYS A 1 32  ? 19.343  1.210   5.945   1.00 18.92 ? 1323 LYS A NZ  1 
ATOM   81   N N   . GLN A 1 33  ? 12.729  -1.572  4.437   1.00 9.31  ? 1324 GLN A N   1 
ATOM   82   C CA  . GLN A 1 33  ? 12.475  -1.722  3.001   1.00 9.04  ? 1324 GLN A CA  1 
ATOM   83   C C   . GLN A 1 33  ? 11.118  -1.073  2.697   1.00 9.51  ? 1324 GLN A C   1 
ATOM   84   O O   . GLN A 1 33  ? 10.979  -0.396  1.647   1.00 8.84  ? 1324 GLN A O   1 
ATOM   85   C CB  . GLN A 1 33  ? 12.477  -3.218  2.627   1.00 9.60  ? 1324 GLN A CB  1 
ATOM   86   C CG  . GLN A 1 33  ? 13.899  -3.766  2.585   1.00 9.26  ? 1324 GLN A CG  1 
ATOM   87   C CD  . GLN A 1 33  ? 13.982  -5.255  2.643   1.00 10.05 ? 1324 GLN A CD  1 
ATOM   88   O OE1 . GLN A 1 33  ? 12.996  -5.952  2.611   1.00 11.32 ? 1324 GLN A OE1 1 
ATOM   89   N NE2 . GLN A 1 33  ? 15.221  -5.763  2.774   1.00 11.77 ? 1324 GLN A NE2 1 
ATOM   90   N N   . CYS A 1 34  ? 10.103  -1.382  3.515   1.00 8.78  ? 1325 CYS A N   1 
ATOM   91   C CA  . CYS A 1 34  ? 8.779   -0.741  3.368   1.00 8.38  ? 1325 CYS A CA  1 
ATOM   92   C C   . CYS A 1 34  ? 8.820   0.781   3.585   1.00 7.75  ? 1325 CYS A C   1 
ATOM   93   O O   . CYS A 1 34  ? 8.151   1.534   2.854   1.00 8.02  ? 1325 CYS A O   1 
ATOM   94   C CB  . CYS A 1 34  ? 7.717   -1.382  4.242   1.00 8.07  ? 1325 CYS A CB  1 
ATOM   95   S SG  . CYS A 1 34  ? 7.300   -3.064  3.715   1.00 9.03  ? 1325 CYS A SG  1 
ATOM   96   N N   . GLU A 1 35  ? 9.601   1.297   4.546   1.00 7.85  ? 1326 GLU A N   1 
ATOM   97   C CA  . GLU A 1 35  ? 9.760   2.771   4.719   1.00 9.47  ? 1326 GLU A CA  1 
ATOM   98   C C   . GLU A 1 35  ? 10.332  3.374   3.436   1.00 8.47  ? 1326 GLU A C   1 
ATOM   99   O O   . GLU A 1 35  ? 9.767   4.410   2.976   1.00 10.15 ? 1326 GLU A O   1 
ATOM   100  C CB  . GLU A 1 35  ? 10.660  3.121   5.896   1.00 11.82 ? 1326 GLU A CB  1 
ATOM   101  C CG  . GLU A 1 35  ? 10.126  2.783   7.253   1.00 13.28 ? 1326 GLU A CG  1 
ATOM   102  C CD  . GLU A 1 35  ? 11.130  2.804   8.414   1.00 17.72 ? 1326 GLU A CD  1 
ATOM   103  O OE1 . GLU A 1 35  ? 12.341  3.074   8.186   1.00 23.28 ? 1326 GLU A OE1 1 
ATOM   104  O OE2 . GLU A 1 35  ? 10.685  2.537   9.570   1.00 21.97 ? 1326 GLU A OE2 1 
ATOM   105  N N   . GLU A 1 36  ? 11.322  2.737   2.837   1.00 9.12  ? 1327 GLU A N   1 
ATOM   106  C CA  . GLU A 1 36  ? 11.923  3.330   1.622   1.00 10.75 ? 1327 GLU A CA  1 
ATOM   107  C C   . GLU A 1 36  ? 10.923  3.269   0.493   1.00 9.76  ? 1327 GLU A C   1 
ATOM   108  O O   . GLU A 1 36  ? 10.908  4.205   -0.312  1.00 11.16 ? 1327 GLU A O   1 
ATOM   109  C CB  . GLU A 1 36  ? 13.243  2.626   1.311   1.00 13.18 ? 1327 GLU A CB  1 
ATOM   110  C CG  . GLU A 1 36  ? 14.304  2.966   2.364   1.00 18.34 ? 1327 GLU A CG  1 
ATOM   111  C CD  . GLU A 1 36  ? 15.535  2.086   2.296   1.00 27.63 ? 1327 GLU A CD  1 
ATOM   112  O OE1 . GLU A 1 36  ? 15.857  1.555   1.172   1.00 36.74 ? 1327 GLU A OE1 1 
ATOM   113  O OE2 . GLU A 1 36  ? 16.183  1.917   3.366   1.00 39.71 ? 1327 GLU A OE2 1 
ATOM   114  N N   . LEU A 1 37  ? 10.204  2.155   0.316   1.00 9.57  ? 1328 LEU A N   1 
ATOM   115  C CA  . LEU A 1 37  ? 9.209   2.087   -0.781  1.00 9.63  ? 1328 LEU A CA  1 
ATOM   116  C C   . LEU A 1 37  ? 8.079   3.105   -0.584  1.00 8.98  ? 1328 LEU A C   1 
ATOM   117  O O   . LEU A 1 37  ? 7.682   3.814   -1.538  1.00 8.64  ? 1328 LEU A O   1 
ATOM   118  C CB  . LEU A 1 37  ? 8.631   0.685   -0.816  1.00 10.09 ? 1328 LEU A CB  1 
ATOM   119  C CG  . LEU A 1 37  ? 7.516   0.456   -1.832  1.00 10.45 ? 1328 LEU A CG  1 
ATOM   120  C CD1 . LEU A 1 37  ? 7.884   0.932   -3.228  1.00 11.20 ? 1328 LEU A CD1 1 
ATOM   121  C CD2 . LEU A 1 37  ? 7.136   -1.021  -1.887  1.00 10.28 ? 1328 LEU A CD2 1 
ATOM   122  N N   . LEU A 1 38  ? 7.630   3.364   0.633   1.00 9.77  ? 1329 LEU A N   1 
ATOM   123  C CA  . LEU A 1 38  ? 6.622   4.414   0.886   1.00 10.13 ? 1329 LEU A CA  1 
ATOM   124  C C   . LEU A 1 38  ? 7.223   5.790   0.574   1.00 9.44  ? 1329 LEU A C   1 
ATOM   125  O O   . LEU A 1 38  ? 6.526   6.637   0.015   1.00 11.97 ? 1329 LEU A O   1 
ATOM   126  C CB  . LEU A 1 38  ? 6.167   4.345   2.353   1.00 10.88 ? 1329 LEU A CB  1 
ATOM   127  C CG  . LEU A 1 38  ? 5.264   3.175   2.692   1.00 11.71 ? 1329 LEU A CG  1 
ATOM   128  C CD1 . LEU A 1 38  ? 5.096   3.091   4.199   1.00 11.42 ? 1329 LEU A CD1 1 
ATOM   129  C CD2 . LEU A 1 38  ? 3.896   3.338   2.042   1.00 11.97 ? 1329 LEU A CD2 1 
ATOM   130  N N   . ASN A 1 39  ? 8.502   6.048   0.855   1.00 10.36 ? 1330 ASN A N   1 
ATOM   131  C CA  . ASN A 1 39  ? 9.166   7.299   0.428   1.00 14.08 ? 1330 ASN A CA  1 
ATOM   132  C C   . ASN A 1 39  ? 9.075   7.397   -1.092  1.00 12.28 ? 1330 ASN A C   1 
ATOM   133  O O   . ASN A 1 39  ? 8.719   8.476   -1.602  1.00 14.92 ? 1330 ASN A O   1 
ATOM   134  C CB  . ASN A 1 39  ? 10.599  7.363   0.971   1.00 14.95 ? 1330 ASN A CB  1 
ATOM   135  C CG  . ASN A 1 39  ? 10.688  7.671   2.458   1.00 17.72 ? 1330 ASN A CG  1 
ATOM   136  O OD1 . ASN A 1 39  ? 9.748   8.144   3.089   1.00 21.34 ? 1330 ASN A OD1 1 
ATOM   137  N ND2 . ASN A 1 39  ? 11.800  7.310   3.061   1.00 18.70 ? 1330 ASN A ND2 1 
ATOM   138  N N   . LEU A 1 40  ? 9.406   6.363   -1.839  1.00 11.54 ? 1331 LEU A N   1 
ATOM   139  C CA  . LEU A 1 40  ? 9.362   6.434   -3.313  1.00 11.36 ? 1331 LEU A CA  1 
ATOM   140  C C   . LEU A 1 40  ? 7.922   6.754   -3.755  1.00 12.60 ? 1331 LEU A C   1 
ATOM   141  O O   . LEU A 1 40  ? 7.695   7.592   -4.657  1.00 13.32 ? 1331 LEU A O   1 
ATOM   142  C CB  . LEU A 1 40  ? 9.813   5.120   -3.944  1.00 11.67 ? 1331 LEU A CB  1 
ATOM   143  C CG  . LEU A 1 40  ? 11.304  4.821   -3.835  1.00 13.26 ? 1331 LEU A CG  1 
ATOM   144  C CD1 . LEU A 1 40  ? 11.561  3.417   -4.381  1.00 14.90 ? 1331 LEU A CD1 1 
ATOM   145  C CD2 . LEU A 1 40  ? 12.153  5.818   -4.594  1.00 15.00 ? 1331 LEU A CD2 1 
ATOM   146  N N   . ILE A 1 41  ? 6.924   6.122   -3.133  1.00 10.86 ? 1332 ILE A N   1 
ATOM   147  C CA  . ILE A 1 41  ? 5.491   6.347   -3.506  1.00 10.16 ? 1332 ILE A CA  1 
ATOM   148  C C   . ILE A 1 41  ? 5.097   7.801   -3.225  1.00 11.06 ? 1332 ILE A C   1 
ATOM   149  O O   . ILE A 1 41  ? 4.430   8.444   -4.076  1.00 10.10 ? 1332 ILE A O   1 
ATOM   150  C CB  . ILE A 1 41  ? 4.615   5.329   -2.730  1.00 10.11 ? 1332 ILE A CB  1 
ATOM   151  C CG1 . ILE A 1 41  ? 4.828   3.933   -3.327  1.00 11.16 ? 1332 ILE A CG1 1 
ATOM   152  C CG2 . ILE A 1 41  ? 3.161   5.776   -2.720  1.00 9.41  ? 1332 ILE A CG2 1 
ATOM   153  C CD1 . ILE A 1 41  ? 4.218   2.795   -2.617  1.00 12.75 ? 1332 ILE A CD1 1 
ATOM   154  N N   . PHE A 1 42  ? 5.532   8.382   -2.114  1.00 11.10 ? 1333 PHE A N   1 
ATOM   155  C CA  . PHE A 1 42  ? 5.293   9.809   -1.791  1.00 12.59 ? 1333 PHE A CA  1 
ATOM   156  C C   . PHE A 1 42  ? 6.016   10.785  -2.767  1.00 15.39 ? 1333 PHE A C   1 
ATOM   157  O O   . PHE A 1 42  ? 5.513   11.917  -2.961  1.00 20.94 ? 1333 PHE A O   1 
ATOM   158  C CB  . PHE A 1 42  ? 5.605   10.084  -0.317  1.00 12.39 ? 1333 PHE A CB  1 
ATOM   159  C CG  . PHE A 1 42  ? 4.472   9.834   0.623   1.00 12.05 ? 1333 PHE A CG  1 
ATOM   160  C CD1 . PHE A 1 42  ? 3.592   10.843  0.941   1.00 14.08 ? 1333 PHE A CD1 1 
ATOM   161  C CD2 . PHE A 1 42  ? 4.292   8.601   1.210   1.00 15.45 ? 1333 PHE A CD2 1 
ATOM   162  C CE1 . PHE A 1 42  ? 2.582   10.644  1.859   1.00 14.08 ? 1333 PHE A CE1 1 
ATOM   163  C CE2 . PHE A 1 42  ? 3.279   8.418   2.137   1.00 14.49 ? 1333 PHE A CE2 1 
ATOM   164  C CZ  . PHE A 1 42  ? 2.396   9.409   2.398   1.00 15.33 ? 1333 PHE A CZ  1 
ATOM   165  N N   . GLN A 1 43  ? 7.039   10.374  -3.490  1.00 14.22 ? 1334 GLN A N   1 
ATOM   166  C CA  . GLN A 1 43  ? 7.685   11.222  -4.534  1.00 16.70 ? 1334 GLN A CA  1 
ATOM   167  C C   . GLN A 1 43  ? 6.929   11.146  -5.875  1.00 16.94 ? 1334 GLN A C   1 
ATOM   168  O O   . GLN A 1 43  ? 7.133   11.997  -6.737  1.00 19.75 ? 1334 GLN A O   1 
ATOM   169  C CB  . GLN A 1 43  ? 9.137   10.752  -4.697  1.00 19.88 ? 1334 GLN A CB  1 
ATOM   170  C CG  . GLN A 1 43  ? 9.986   10.968  -3.450  1.00 21.65 ? 1334 GLN A CG  1 
ATOM   171  N N   A CYS A 1 44  ? 6.081   10.127  -6.052  0.29 15.01 ? 1335 CYS A N   1 
ATOM   172  N N   B CYS A 1 44  ? 6.065   10.144  -6.046  0.28 16.79 ? 1335 CYS A N   1 
ATOM   173  C CA  A CYS A 1 44  ? 5.305   9.882   -7.300  0.29 13.28 ? 1335 CYS A CA  1 
ATOM   174  C CA  B CYS A 1 44  ? 5.324   9.888   -7.311  0.28 15.95 ? 1335 CYS A CA  1 
ATOM   175  C C   A CYS A 1 44  ? 4.114   10.856  -7.367  0.29 13.02 ? 1335 CYS A C   1 
ATOM   176  C C   B CYS A 1 44  ? 4.098   10.818  -7.382  0.28 14.77 ? 1335 CYS A C   1 
ATOM   177  O O   A CYS A 1 44  ? 3.306   10.892  -6.442  0.29 11.92 ? 1335 CYS A O   1 
ATOM   178  O O   B CYS A 1 44  ? 3.266   10.790  -6.476  0.28 13.45 ? 1335 CYS A O   1 
ATOM   179  C CB  A CYS A 1 44  ? 4.777   8.450   -7.367  0.29 12.40 ? 1335 CYS A CB  1 
ATOM   180  C CB  B CYS A 1 44  ? 4.902   8.425   -7.406  0.28 16.59 ? 1335 CYS A CB  1 
ATOM   181  S SG  A CYS A 1 44  ? 6.070   7.208   -7.609  0.29 12.73 ? 1335 CYS A SG  1 
ATOM   182  S SG  B CYS A 1 44  ? 4.351   7.932   -9.061  0.28 21.45 ? 1335 CYS A SG  1 
ATOM   183  N N   . GLU A 1 45  ? 4.005   11.673  -8.421  1.00 13.49 ? 1336 GLU A N   1 
ATOM   184  C CA  . GLU A 1 45  ? 2.794   12.500  -8.657  1.00 12.95 ? 1336 GLU A CA  1 
ATOM   185  C C   . GLU A 1 45  ? 1.530   11.621  -8.608  1.00 12.46 ? 1336 GLU A C   1 
ATOM   186  O O   . GLU A 1 45  ? 0.511   12.094  -8.126  1.00 11.31 ? 1336 GLU A O   1 
ATOM   187  C CB  . GLU A 1 45  ? 2.910   13.215  -10.006 1.00 13.74 ? 1336 GLU A CB  1 
ATOM   188  C CG  . GLU A 1 45  ? 3.710   14.507  -9.939  1.00 14.66 ? 1336 GLU A CG  1 
ATOM   189  C CD  . GLU A 1 45  ? 4.308   14.945  -11.266 1.00 15.39 ? 1336 GLU A CD  1 
ATOM   190  O OE1 . GLU A 1 45  ? 3.827   14.493  -12.339 1.00 16.36 ? 1336 GLU A OE1 1 
ATOM   191  O OE2 . GLU A 1 45  ? 5.266   15.730  -11.227 1.00 14.65 ? 1336 GLU A OE2 1 
ATOM   192  N N   . ASP A 1 46  ? 1.580   10.402  -9.136  1.00 11.58 ? 1337 ASP A N   1 
ATOM   193  C CA  . ASP A 1 46  ? 0.407   9.489   -9.166  1.00 10.82 ? 1337 ASP A CA  1 
ATOM   194  C C   . ASP A 1 46  ? -0.112  9.199   -7.741  1.00 9.86  ? 1337 ASP A C   1 
ATOM   195  O O   . ASP A 1 46  ? -1.295  8.940   -7.604  1.00 9.98  ? 1337 ASP A O   1 
ATOM   196  C CB  . ASP A 1 46  ? 0.719   8.192   -9.916  1.00 11.58 ? 1337 ASP A CB  1 
ATOM   197  C CG  . ASP A 1 46  ? 0.785   8.373   -11.426 1.00 12.12 ? 1337 ASP A CG  1 
ATOM   198  O OD1 . ASP A 1 46  ? 0.444   9.501   -11.892 1.00 13.10 ? 1337 ASP A OD1 1 
ATOM   199  O OD2 . ASP A 1 46  ? 1.101   7.389   -12.143 1.00 12.74 ? 1337 ASP A OD2 1 
ATOM   200  N N   . SER A 1 47  ? 0.711   9.245   -6.686  1.00 9.49  ? 1338 SER A N   1 
ATOM   201  C CA  . SER A 1 47  ? 0.221   9.003   -5.301  1.00 9.32  ? 1338 SER A CA  1 
ATOM   202  C C   . SER A 1 47  ? -0.594  10.173  -4.766  1.00 9.29  ? 1338 SER A C   1 
ATOM   203  O O   . SER A 1 47  ? -1.231  10.010  -3.743  1.00 9.07  ? 1338 SER A O   1 
ATOM   204  C CB  . SER A 1 47  ? 1.313   8.632   -4.355  1.00 9.33  ? 1338 SER A CB  1 
ATOM   205  O OG  . SER A 1 47  ? 1.983   9.762   -3.824  1.00 9.30  ? 1338 SER A OG  1 
ATOM   206  N N   . GLU A 1 48  ? -0.586  11.337  -5.414  1.00 10.59 ? 1339 GLU A N   1 
ATOM   207  C CA  . GLU A 1 48  ? -1.203  12.550  -4.798  1.00 11.36 ? 1339 GLU A CA  1 
ATOM   208  C C   . GLU A 1 48  ? -2.599  12.274  -4.215  1.00 9.94  ? 1339 GLU A C   1 
ATOM   209  O O   . GLU A 1 48  ? -2.822  12.568  -3.040  1.00 10.73 ? 1339 GLU A O   1 
ATOM   210  C CB  . GLU A 1 48  ? -1.250  13.711  -5.798  1.00 13.25 ? 1339 GLU A CB  1 
ATOM   211  C CG  . GLU A 1 48  ? -1.638  15.016  -5.120  1.00 15.17 ? 1339 GLU A CG  1 
ATOM   212  C CD  . GLU A 1 48  ? -2.185  16.161  -5.950  1.00 17.01 ? 1339 GLU A CD  1 
ATOM   213  O OE1 . GLU A 1 48  ? -2.308  16.023  -7.184  1.00 18.90 ? 1339 GLU A OE1 1 
ATOM   214  O OE2 . GLU A 1 48  ? -2.504  17.202  -5.324  1.00 18.68 ? 1339 GLU A OE2 1 
ATOM   215  N N   . PRO A 1 49  ? -3.567  11.673  -4.963  1.00 9.42  ? 1340 PRO A N   1 
ATOM   216  C CA  . PRO A 1 49  ? -4.925  11.452  -4.442  1.00 9.14  ? 1340 PRO A CA  1 
ATOM   217  C C   . PRO A 1 49  ? -5.027  10.469  -3.262  1.00 8.74  ? 1340 PRO A C   1 
ATOM   218  O O   . PRO A 1 49  ? -6.077  10.440  -2.605  1.00 8.34  ? 1340 PRO A O   1 
ATOM   219  C CB  . PRO A 1 49  ? -5.673  10.907  -5.676  1.00 9.12  ? 1340 PRO A CB  1 
ATOM   220  C CG  . PRO A 1 49  ? -4.832  11.330  -6.858  1.00 9.09  ? 1340 PRO A CG  1 
ATOM   221  C CD  . PRO A 1 49  ? -3.423  11.175  -6.341  1.00 9.10  ? 1340 PRO A CD  1 
ATOM   222  N N   . PHE A 1 50  ? -3.969  9.699   -3.015  1.00 8.23  ? 1341 PHE A N   1 
ATOM   223  C CA  . PHE A 1 50  ? -4.011  8.537   -2.096  1.00 8.20  ? 1341 PHE A CA  1 
ATOM   224  C C   . PHE A 1 50  ? -3.191  8.824   -0.839  1.00 8.64  ? 1341 PHE A C   1 
ATOM   225  O O   . PHE A 1 50  ? -2.841  7.874   -0.132  1.00 8.38  ? 1341 PHE A O   1 
ATOM   226  C CB  . PHE A 1 50  ? -3.532  7.297   -2.847  1.00 8.01  ? 1341 PHE A CB  1 
ATOM   227  C CG  . PHE A 1 50  ? -4.274  7.123   -4.143  1.00 7.73  ? 1341 PHE A CG  1 
ATOM   228  C CD1 . PHE A 1 50  ? -5.623  6.821   -4.117  1.00 7.70  ? 1341 PHE A CD1 1 
ATOM   229  C CD2 . PHE A 1 50  ? -3.678  7.387   -5.366  1.00 7.95  ? 1341 PHE A CD2 1 
ATOM   230  C CE1 . PHE A 1 50  ? -6.353  6.713   -5.282  1.00 7.77  ? 1341 PHE A CE1 1 
ATOM   231  C CE2 . PHE A 1 50  ? -4.418  7.300   -6.532  1.00 7.81  ? 1341 PHE A CE2 1 
ATOM   232  C CZ  . PHE A 1 50  ? -5.753  6.971   -6.488  1.00 7.74  ? 1341 PHE A CZ  1 
ATOM   233  N N   . ARG A 1 51  ? -2.895  10.087  -0.538  1.00 8.87  ? 1342 ARG A N   1 
ATOM   234  C CA  . ARG A 1 51  ? -2.013  10.445  0.611   1.00 9.68  ? 1342 ARG A CA  1 
ATOM   235  C C   . ARG A 1 51  ? -2.816  10.989  1.792   1.00 10.03 ? 1342 ARG A C   1 
ATOM   236  O O   . ARG A 1 51  ? -2.166  11.256  2.820   1.00 10.35 ? 1342 ARG A O   1 
ATOM   237  C CB  . ARG A 1 51  ? -0.970  11.499  0.232   1.00 10.28 ? 1342 ARG A CB  1 
ATOM   238  C CG  . ARG A 1 51  ? 0.033   11.080  -0.835  1.00 10.60 ? 1342 ARG A CG  1 
ATOM   239  C CD  . ARG A 1 51  ? 0.912   12.283  -1.133  1.00 10.88 ? 1342 ARG A CD  1 
ATOM   240  N NE  . ARG A 1 51  ? 1.663   12.104  -2.372  1.00 10.91 ? 1342 ARG A NE  1 
ATOM   241  C CZ  . ARG A 1 51  ? 2.155   13.078  -3.140  1.00 12.89 ? 1342 ARG A CZ  1 
ATOM   242  N NH1 . ARG A 1 51  ? 2.018   14.349  -2.799  1.00 13.21 ? 1342 ARG A NH1 1 
ATOM   243  N NH2 . ARG A 1 51  ? 2.787   12.775  -4.260  1.00 12.62 ? 1342 ARG A NH2 1 
ATOM   244  N N   . GLN A 1 52  ? -4.136  11.172  1.660   1.00 10.29 ? 1343 GLN A N   1 
ATOM   245  C CA  . GLN A 1 52  ? -5.018  11.721  2.722   1.00 11.83 ? 1343 GLN A CA  1 
ATOM   246  C C   . GLN A 1 52  ? -6.462  11.282  2.477   1.00 11.45 ? 1343 GLN A C   1 
ATOM   247  O O   . GLN A 1 52  ? -6.793  10.713  1.429   1.00 10.89 ? 1343 GLN A O   1 
ATOM   248  C CB  . GLN A 1 52  ? -4.853  13.248  2.795   1.00 12.76 ? 1343 GLN A CB  1 
ATOM   249  C CG  . GLN A 1 52  ? -4.889  13.947  1.441   1.00 14.88 ? 1343 GLN A CG  1 
ATOM   250  C CD  . GLN A 1 52  ? -4.787  15.453  1.491   1.00 16.70 ? 1343 GLN A CD  1 
ATOM   251  O OE1 . GLN A 1 52  ? -5.438  16.111  2.296   1.00 19.81 ? 1343 GLN A OE1 1 
ATOM   252  N NE2 . GLN A 1 52  ? -3.995  16.025  0.603   1.00 17.69 ? 1343 GLN A NE2 1 
ATOM   253  N N   . PRO A 1 53  ? -7.355  11.452  3.486   1.00 11.82 ? 1344 PRO A N   1 
ATOM   254  C CA  . PRO A 1 53  ? -8.770  11.092  3.358   1.00 12.04 ? 1344 PRO A CA  1 
ATOM   255  C C   . PRO A 1 53  ? -9.525  11.869  2.272   1.00 11.99 ? 1344 PRO A C   1 
ATOM   256  O O   . PRO A 1 53  ? -9.131  12.979  1.954   1.00 12.17 ? 1344 PRO A O   1 
ATOM   257  C CB  . PRO A 1 53  ? -9.386  11.485  4.709   1.00 11.80 ? 1344 PRO A CB  1 
ATOM   258  C CG  . PRO A 1 53  ? -8.221  11.470  5.663   1.00 12.57 ? 1344 PRO A CG  1 
ATOM   259  C CD  . PRO A 1 53  ? -7.035  11.919  4.844   1.00 12.33 ? 1344 PRO A CD  1 
ATOM   260  N N   . VAL A 1 54  ? -10.623 11.286  1.791   1.00 11.91 ? 1345 VAL A N   1 
ATOM   261  C CA  . VAL A 1 54  ? -11.583 11.893  0.827   1.00 12.05 ? 1345 VAL A CA  1 
ATOM   262  C C   . VAL A 1 54  ? -12.429 12.924  1.580   1.00 12.79 ? 1345 VAL A C   1 
ATOM   263  O O   . VAL A 1 54  ? -13.004 12.554  2.614   1.00 12.37 ? 1345 VAL A O   1 
ATOM   264  C CB  . VAL A 1 54  ? -12.454 10.810  0.153   1.00 11.51 ? 1345 VAL A CB  1 
ATOM   265  C CG1 . VAL A 1 54  ? -13.435 11.412  -0.845  1.00 11.64 ? 1345 VAL A CG1 1 
ATOM   266  C CG2 . VAL A 1 54  ? -11.596 9.764   -0.549  1.00 11.22 ? 1345 VAL A CG2 1 
ATOM   267  N N   . ASP A 1 55  ? -12.526 14.145  1.052   1.00 13.30 ? 1346 ASP A N   1 
ATOM   268  C CA  . ASP A 1 55  ? -13.432 15.195  1.588   1.00 14.58 ? 1346 ASP A CA  1 
ATOM   269  C C   . ASP A 1 55  ? -14.853 14.877  1.117   1.00 14.62 ? 1346 ASP A C   1 
ATOM   270  O O   . ASP A 1 55  ? -15.061 14.805  -0.119  1.00 14.57 ? 1346 ASP A O   1 
ATOM   271  C CB  . ASP A 1 55  ? -13.062 16.607  1.120   1.00 15.74 ? 1346 ASP A CB  1 
ATOM   272  C CG  . ASP A 1 55  ? -14.132 17.611  1.507   1.00 16.80 ? 1346 ASP A CG  1 
ATOM   273  O OD1 . ASP A 1 55  ? -14.616 17.507  2.640   1.00 18.26 ? 1346 ASP A OD1 1 
ATOM   274  O OD2 . ASP A 1 55  ? -14.531 18.429  0.655   1.00 21.34 ? 1346 ASP A OD2 1 
ATOM   275  N N   . LEU A 1 56  ? -15.800 14.722  2.044   1.00 15.44 ? 1347 LEU A N   1 
ATOM   276  C CA  . LEU A 1 56  ? -17.188 14.326  1.687   1.00 15.43 ? 1347 LEU A CA  1 
ATOM   277  C C   . LEU A 1 56  ? -17.934 15.536  1.111   1.00 15.99 ? 1347 LEU A C   1 
ATOM   278  O O   . LEU A 1 56  ? -18.926 15.339  0.445   1.00 17.43 ? 1347 LEU A O   1 
ATOM   279  C CB  . LEU A 1 56  ? -17.868 13.705  2.912   1.00 15.63 ? 1347 LEU A CB  1 
ATOM   280  C CG  . LEU A 1 56  ? -17.427 12.268  3.224   1.00 16.85 ? 1347 LEU A CG  1 
ATOM   281  C CD1 . LEU A 1 56  ? -18.278 11.658  4.330   1.00 18.18 ? 1347 LEU A CD1 1 
ATOM   282  C CD2 . LEU A 1 56  ? -17.483 11.395  1.976   1.00 17.38 ? 1347 LEU A CD2 1 
ATOM   283  N N   . LEU A 1 57  ? -17.420 16.752  1.277   1.00 17.11 ? 1348 LEU A N   1 
ATOM   284  C CA  . LEU A 1 57  ? -18.007 17.939  0.606   1.00 17.57 ? 1348 LEU A CA  1 
ATOM   285  C C   . LEU A 1 57  ? -17.669 17.907  -0.891  1.00 16.66 ? 1348 LEU A C   1 
ATOM   286  O O   . LEU A 1 57  ? -18.497 18.370  -1.704  1.00 18.03 ? 1348 LEU A O   1 
ATOM   287  C CB  . LEU A 1 57  ? -17.515 19.208  1.306   1.00 18.82 ? 1348 LEU A CB  1 
ATOM   288  C CG  . LEU A 1 57  ? -18.151 19.461  2.672   1.00 21.35 ? 1348 LEU A CG  1 
ATOM   289  C CD1 . LEU A 1 57  ? -17.414 18.705  3.786   1.00 22.33 ? 1348 LEU A CD1 1 
ATOM   290  C CD2 . LEU A 1 57  ? -18.198 20.950  2.964   1.00 21.98 ? 1348 LEU A CD2 1 
ATOM   291  N N   . GLU A 1 58  ? -16.545 17.295  -1.261  1.00 16.12 ? 1349 GLU A N   1 
ATOM   292  C CA  . GLU A 1 58  ? -16.126 17.110  -2.678  1.00 15.91 ? 1349 GLU A CA  1 
ATOM   293  C C   . GLU A 1 58  ? -16.753 15.838  -3.276  1.00 13.76 ? 1349 GLU A C   1 
ATOM   294  O O   . GLU A 1 58  ? -17.122 15.838  -4.485  1.00 14.95 ? 1349 GLU A O   1 
ATOM   295  C CB  . GLU A 1 58  ? -14.602 17.052  -2.754  1.00 16.03 ? 1349 GLU A CB  1 
ATOM   296  C CG  . GLU A 1 58  ? -13.926 18.376  -2.435  1.00 17.33 ? 1349 GLU A CG  1 
ATOM   297  C CD  . GLU A 1 58  ? -12.414 18.336  -2.224  1.00 17.48 ? 1349 GLU A CD  1 
ATOM   298  O OE1 . GLU A 1 58  ? -11.829 17.227  -2.230  1.00 19.18 ? 1349 GLU A OE1 1 
ATOM   299  O OE2 . GLU A 1 58  ? -11.808 19.422  -2.052  1.00 18.26 ? 1349 GLU A OE2 1 
ATOM   300  N N   . TYR A 1 59  ? -16.882 14.781  -2.472  1.00 13.38 ? 1350 TYR A N   1 
ATOM   301  C CA  . TYR A 1 59  ? -17.395 13.456  -2.906  1.00 11.94 ? 1350 TYR A CA  1 
ATOM   302  C C   . TYR A 1 59  ? -18.444 12.998  -1.900  1.00 12.00 ? 1350 TYR A C   1 
ATOM   303  O O   . TYR A 1 59  ? -18.127 12.239  -0.991  1.00 11.62 ? 1350 TYR A O   1 
ATOM   304  C CB  . TYR A 1 59  ? -16.209 12.498  -3.054  1.00 11.30 ? 1350 TYR A CB  1 
ATOM   305  C CG  . TYR A 1 59  ? -15.195 12.902  -4.101  1.00 10.60 ? 1350 TYR A CG  1 
ATOM   306  C CD1 . TYR A 1 59  ? -15.351 12.591  -5.440  1.00 10.18 ? 1350 TYR A CD1 1 
ATOM   307  C CD2 . TYR A 1 59  ? -14.074 13.638  -3.744  1.00 10.96 ? 1350 TYR A CD2 1 
ATOM   308  C CE1 . TYR A 1 59  ? -14.410 12.970  -6.389  1.00 10.56 ? 1350 TYR A CE1 1 
ATOM   309  C CE2 . TYR A 1 59  ? -13.139 14.045  -4.684  1.00 9.75  ? 1350 TYR A CE2 1 
ATOM   310  C CZ  . TYR A 1 59  ? -13.282 13.675  -6.006  1.00 10.05 ? 1350 TYR A CZ  1 
ATOM   311  O OH  . TYR A 1 59  ? -12.316 14.020  -6.925  1.00 9.89  ? 1350 TYR A OH  1 
ATOM   312  N N   . PRO A 1 60  ? -19.698 13.515  -1.999  1.00 11.52 ? 1351 PRO A N   1 
ATOM   313  C CA  . PRO A 1 60  ? -20.707 13.295  -0.959  1.00 11.20 ? 1351 PRO A CA  1 
ATOM   314  C C   . PRO A 1 60  ? -21.127 11.834  -0.762  1.00 10.68 ? 1351 PRO A C   1 
ATOM   315  O O   . PRO A 1 60  ? -21.557 11.478  0.313   1.00 10.60 ? 1351 PRO A O   1 
ATOM   316  C CB  . PRO A 1 60  ? -21.919 14.104  -1.452  1.00 11.30 ? 1351 PRO A CB  1 
ATOM   317  C CG  . PRO A 1 60  ? -21.375 15.084  -2.446  1.00 11.96 ? 1351 PRO A CG  1 
ATOM   318  C CD  . PRO A 1 60  ? -20.182 14.395  -3.072  1.00 11.80 ? 1351 PRO A CD  1 
ATOM   319  N N   . ASP A 1 61  ? -20.941 11.015  -1.798  1.00 9.89  ? 1352 ASP A N   1 
ATOM   320  C CA  . ASP A 1 61  ? -21.360 9.595   -1.839  1.00 10.22 ? 1352 ASP A CA  1 
ATOM   321  C C   . ASP A 1 61  ? -20.193 8.667   -1.474  1.00 9.88  ? 1352 ASP A C   1 
ATOM   322  O O   . ASP A 1 61  ? -20.415 7.436   -1.448  1.00 10.08 ? 1352 ASP A O   1 
ATOM   323  C CB  . ASP A 1 61  ? -21.918 9.253   -3.218  1.00 10.79 ? 1352 ASP A CB  1 
ATOM   324  C CG  . ASP A 1 61  ? -20.918 9.385   -4.349  1.00 11.41 ? 1352 ASP A CG  1 
ATOM   325  O OD1 . ASP A 1 61  ? -19.915 10.091  -4.161  1.00 12.72 ? 1352 ASP A OD1 1 
ATOM   326  O OD2 . ASP A 1 61  ? -21.157 8.779   -5.408  1.00 13.88 ? 1352 ASP A OD2 1 
ATOM   327  N N   . TYR A 1 62  ? -18.999 9.176   -1.157  1.00 9.87  ? 1353 TYR A N   1 
ATOM   328  C CA  . TYR A 1 62  ? -17.801 8.294   -1.073  1.00 9.97  ? 1353 TYR A CA  1 
ATOM   329  C C   . TYR A 1 62  ? -18.023 7.182   -0.045  1.00 10.25 ? 1353 TYR A C   1 
ATOM   330  O O   . TYR A 1 62  ? -17.677 6.009   -0.307  1.00 11.01 ? 1353 TYR A O   1 
ATOM   331  C CB  . TYR A 1 62  ? -16.524 9.067   -0.745  1.00 9.59  ? 1353 TYR A CB  1 
ATOM   332  C CG  . TYR A 1 62  ? -15.285 8.209   -0.798  1.00 9.30  ? 1353 TYR A CG  1 
ATOM   333  C CD1 . TYR A 1 62  ? -14.809 7.750   -2.009  1.00 8.99  ? 1353 TYR A CD1 1 
ATOM   334  C CD2 . TYR A 1 62  ? -14.633 7.804   0.354   1.00 9.03  ? 1353 TYR A CD2 1 
ATOM   335  C CE1 . TYR A 1 62  ? -13.701 6.921   -2.080  1.00 8.52  ? 1353 TYR A CE1 1 
ATOM   336  C CE2 . TYR A 1 62  ? -13.535 6.950   0.304   1.00 8.49  ? 1353 TYR A CE2 1 
ATOM   337  C CZ  . TYR A 1 62  ? -13.054 6.523   -0.923  1.00 8.35  ? 1353 TYR A CZ  1 
ATOM   338  O OH  . TYR A 1 62  ? -11.971 5.684   -0.992  1.00 8.48  ? 1353 TYR A OH  1 
ATOM   339  N N   . ARG A 1 63  ? -18.578 7.506   1.119   1.00 10.51 ? 1354 ARG A N   1 
ATOM   340  C CA  . ARG A 1 63  ? -18.700 6.535   2.240   1.00 10.85 ? 1354 ARG A CA  1 
ATOM   341  C C   . ARG A 1 63  ? -19.983 5.699   2.129   1.00 11.11 ? 1354 ARG A C   1 
ATOM   342  O O   . ARG A 1 63  ? -20.080 4.757   2.914   1.00 11.61 ? 1354 ARG A O   1 
ATOM   343  C CB  . ARG A 1 63  ? -18.613 7.220   3.607   1.00 11.92 ? 1354 ARG A CB  1 
ATOM   344  C CG  . ARG A 1 63  ? -17.225 7.753   3.954   1.00 12.36 ? 1354 ARG A CG  1 
ATOM   345  C CD  . ARG A 1 63  ? -16.083 6.731   3.934   1.00 12.75 ? 1354 ARG A CD  1 
ATOM   346  N NE  . ARG A 1 63  ? -16.272 5.586   4.831   1.00 13.58 ? 1354 ARG A NE  1 
ATOM   347  C CZ  . ARG A 1 63  ? -16.071 5.589   6.149   1.00 14.23 ? 1354 ARG A CZ  1 
ATOM   348  N NH1 . ARG A 1 63  ? -15.714 6.694   6.774   1.00 14.26 ? 1354 ARG A NH1 1 
ATOM   349  N NH2 . ARG A 1 63  ? -16.262 4.491   6.862   1.00 15.45 ? 1354 ARG A NH2 1 
ATOM   350  N N   . ASP A 1 64  ? -20.894 5.984   1.195   1.00 11.64 ? 1355 ASP A N   1 
ATOM   351  C CA  . ASP A 1 64  ? -21.996 5.056   0.820   1.00 12.14 ? 1355 ASP A CA  1 
ATOM   352  C C   . ASP A 1 64  ? -21.378 3.795   0.195   1.00 11.78 ? 1355 ASP A C   1 
ATOM   353  O O   . ASP A 1 64  ? -21.973 2.693   0.335   1.00 12.53 ? 1355 ASP A O   1 
ATOM   354  C CB  . ASP A 1 64  ? -22.986 5.691   -0.160  1.00 12.42 ? 1355 ASP A CB  1 
ATOM   355  C CG  . ASP A 1 64  ? -23.620 6.996   0.292   1.00 13.12 ? 1355 ASP A CG  1 
ATOM   356  O OD1 . ASP A 1 64  ? -23.500 7.329   1.503   1.00 14.23 ? 1355 ASP A OD1 1 
ATOM   357  O OD2 . ASP A 1 64  ? -24.200 7.688   -0.575  1.00 13.96 ? 1355 ASP A OD2 1 
ATOM   358  N N   . ILE A 1 65  ? -20.238 3.954   -0.494  1.00 11.53 ? 1356 ILE A N   1 
ATOM   359  C CA  . ILE A 1 65  ? -19.621 2.932   -1.385  1.00 11.08 ? 1356 ILE A CA  1 
ATOM   360  C C   . ILE A 1 65  ? -18.478 2.222   -0.641  1.00 11.36 ? 1356 ILE A C   1 
ATOM   361  O O   . ILE A 1 65  ? -18.376 0.984   -0.730  1.00 11.80 ? 1356 ILE A O   1 
ATOM   362  C CB  . ILE A 1 65  ? -19.162 3.603   -2.693  1.00 10.90 ? 1356 ILE A CB  1 
ATOM   363  C CG1 . ILE A 1 65  ? -20.325 4.309   -3.401  1.00 11.36 ? 1356 ILE A CG1 1 
ATOM   364  C CG2 . ILE A 1 65  ? -18.467 2.613   -3.617  1.00 10.71 ? 1356 ILE A CG2 1 
ATOM   365  C CD1 . ILE A 1 65  ? -19.946 4.986   -4.689  1.00 11.38 ? 1356 ILE A CD1 1 
ATOM   366  N N   . ILE A 1 66  ? -17.696 2.970   0.135   1.00 11.71 ? 1357 ILE A N   1 
ATOM   367  C CA  . ILE A 1 66  ? -16.407 2.529   0.737   1.00 12.28 ? 1357 ILE A CA  1 
ATOM   368  C C   . ILE A 1 66  ? -16.586 2.432   2.251   1.00 13.27 ? 1357 ILE A C   1 
ATOM   369  O O   . ILE A 1 66  ? -16.678 3.487   2.913   1.00 13.96 ? 1357 ILE A O   1 
ATOM   370  C CB  . ILE A 1 66  ? -15.291 3.506   0.320   1.00 11.58 ? 1357 ILE A CB  1 
ATOM   371  C CG1 . ILE A 1 66  ? -15.147 3.616   -1.206  1.00 11.49 ? 1357 ILE A CG1 1 
ATOM   372  C CG2 . ILE A 1 66  ? -13.970 3.165   0.994   1.00 11.51 ? 1357 ILE A CG2 1 
ATOM   373  C CD1 . ILE A 1 66  ? -14.728 2.340   -1.901  1.00 11.33 ? 1357 ILE A CD1 1 
ATOM   374  N N   . ASP A 1 67  ? -16.605 1.212   2.781   1.00 14.81 ? 1358 ASP A N   1 
ATOM   375  C CA  . ASP A 1 67  ? -16.873 0.929   4.213   1.00 15.32 ? 1358 ASP A CA  1 
ATOM   376  C C   . ASP A 1 67  ? -15.566 0.931   5.005   1.00 14.66 ? 1358 ASP A C   1 
ATOM   377  O O   . ASP A 1 67  ? -15.627 1.172   6.203   1.00 14.12 ? 1358 ASP A O   1 
ATOM   378  C CB  . ASP A 1 67  ? -17.638 -0.386  4.380   1.00 16.92 ? 1358 ASP A CB  1 
ATOM   379  C CG  . ASP A 1 67  ? -18.874 -0.478  3.500   1.00 18.57 ? 1358 ASP A CG  1 
ATOM   380  O OD1 . ASP A 1 67  ? -19.601 0.543   3.383   1.00 22.25 ? 1358 ASP A OD1 1 
ATOM   381  O OD2 . ASP A 1 67  ? -19.085 -1.551  2.911   1.00 20.92 ? 1358 ASP A OD2 1 
ATOM   382  N N   . THR A 1 68  ? -14.410 0.697   4.371   1.00 14.34 ? 1359 THR A N   1 
ATOM   383  C CA  . THR A 1 68  ? -13.095 0.815   5.054   1.00 13.69 ? 1359 THR A CA  1 
ATOM   384  C C   . THR A 1 68  ? -12.163 1.669   4.205   1.00 12.82 ? 1359 THR A C   1 
ATOM   385  O O   . THR A 1 68  ? -11.496 1.147   3.305   1.00 12.94 ? 1359 THR A O   1 
ATOM   386  C CB  . THR A 1 68  ? -12.471 -0.541  5.414   1.00 14.34 ? 1359 THR A CB  1 
ATOM   387  O OG1 . THR A 1 68  ? -13.368 -1.194  6.309   1.00 15.74 ? 1359 THR A OG1 1 
ATOM   388  C CG2 . THR A 1 68  ? -11.141 -0.432  6.128   1.00 14.97 ? 1359 THR A CG2 1 
ATOM   389  N N   . PRO A 1 69  ? -12.081 2.983   4.504   1.00 12.33 ? 1360 PRO A N   1 
ATOM   390  C CA  . PRO A 1 69  ? -11.116 3.869   3.854   1.00 11.41 ? 1360 PRO A CA  1 
ATOM   391  C C   . PRO A 1 69  ? -9.668  3.483   4.199   1.00 10.01 ? 1360 PRO A C   1 
ATOM   392  O O   . PRO A 1 69  ? -9.401  2.897   5.235   1.00 9.86  ? 1360 PRO A O   1 
ATOM   393  C CB  . PRO A 1 69  ? -11.444 5.276   4.373   1.00 12.52 ? 1360 PRO A CB  1 
ATOM   394  C CG  . PRO A 1 69  ? -12.283 5.033   5.622   1.00 12.31 ? 1360 PRO A CG  1 
ATOM   395  C CD  . PRO A 1 69  ? -12.965 3.697   5.441   1.00 12.42 ? 1360 PRO A CD  1 
ATOM   396  N N   . MET A 1 70  ? -8.744  3.839   3.299   1.00 9.32  ? 1361 MET A N   1 
ATOM   397  C CA  . MET A 1 70  ? -7.289  3.649   3.538   1.00 8.95  ? 1361 MET A CA  1 
ATOM   398  C C   . MET A 1 70  ? -6.509  4.620   2.652   1.00 8.86  ? 1361 MET A C   1 
ATOM   399  O O   . MET A 1 70  ? -6.983  4.931   1.539   1.00 8.98  ? 1361 MET A O   1 
ATOM   400  C CB  . MET A 1 70  ? -6.856  2.192   3.275   1.00 8.62  ? 1361 MET A CB  1 
ATOM   401  C CG  . MET A 1 70  ? -5.425  1.874   3.681   1.00 8.66  ? 1361 MET A CG  1 
ATOM   402  S SD  . MET A 1 70  ? -4.976  2.203   5.403   1.00 9.30  ? 1361 MET A SD  1 
ATOM   403  C CE  . MET A 1 70  ? -6.075  1.071   6.244   1.00 9.52  ? 1361 MET A CE  1 
ATOM   404  N N   . ASP A 1 71  ? -5.367  5.076   3.153   1.00 8.66  ? 1362 ASP A N   1 
ATOM   405  C CA  . ASP A 1 71  ? -4.493  6.016   2.427   1.00 9.17  ? 1362 ASP A CA  1 
ATOM   406  C C   . ASP A 1 71  ? -3.064  5.754   2.875   1.00 8.56  ? 1362 ASP A C   1 
ATOM   407  O O   . ASP A 1 71  ? -2.811  5.059   3.873   1.00 8.52  ? 1362 ASP A O   1 
ATOM   408  C CB  . ASP A 1 71  ? -5.003  7.429   2.646   1.00 10.24 ? 1362 ASP A CB  1 
ATOM   409  C CG  . ASP A 1 71  ? -4.779  7.942   4.032   1.00 12.51 ? 1362 ASP A CG  1 
ATOM   410  O OD1 . ASP A 1 71  ? -5.745  8.541   4.520   1.00 17.50 ? 1362 ASP A OD1 1 
ATOM   411  O OD2 . ASP A 1 71  ? -3.646  8.031   4.460   1.00 13.70 ? 1362 ASP A OD2 1 
ATOM   412  N N   . PHE A 1 72  ? -2.106  6.315   2.141   1.00 8.48  ? 1363 PHE A N   1 
ATOM   413  C CA  . PHE A 1 72  ? -0.671  6.020   2.395   1.00 8.29  ? 1363 PHE A CA  1 
ATOM   414  C C   . PHE A 1 72  ? -0.149  6.692   3.675   1.00 8.57  ? 1363 PHE A C   1 
ATOM   415  O O   . PHE A 1 72  ? 0.818   6.156   4.218   1.00 8.36  ? 1363 PHE A O   1 
ATOM   416  C CB  . PHE A 1 72  ? 0.184   6.395   1.185   1.00 8.23  ? 1363 PHE A CB  1 
ATOM   417  C CG  . PHE A 1 72  ? 0.070   5.428   0.042   1.00 8.36  ? 1363 PHE A CG  1 
ATOM   418  C CD1 . PHE A 1 72  ? 0.675   4.185   0.110   1.00 8.70  ? 1363 PHE A CD1 1 
ATOM   419  C CD2 . PHE A 1 72  ? -0.653  5.748   -1.091  1.00 8.89  ? 1363 PHE A CD2 1 
ATOM   420  C CE1 . PHE A 1 72  ? 0.575   3.292   -0.941  1.00 9.46  ? 1363 PHE A CE1 1 
ATOM   421  C CE2 . PHE A 1 72  ? -0.746  4.860   -2.147  1.00 8.93  ? 1363 PHE A CE2 1 
ATOM   422  C CZ  . PHE A 1 72  ? -0.150  3.624   -2.060  1.00 9.13  ? 1363 PHE A CZ  1 
ATOM   423  N N   . ALA A 1 73  ? -0.751  7.797   4.127   1.00 8.49  ? 1364 ALA A N   1 
ATOM   424  C CA  . ALA A 1 73  ? -0.351  8.389   5.424   1.00 9.50  ? 1364 ALA A CA  1 
ATOM   425  C C   . ALA A 1 73  ? -0.700  7.426   6.558   1.00 9.39  ? 1364 ALA A C   1 
ATOM   426  O O   . ALA A 1 73  ? 0.125   7.243   7.476   1.00 9.39  ? 1364 ALA A O   1 
ATOM   427  C CB  . ALA A 1 73  ? -1.047  9.665   5.584   1.00 9.93  ? 1364 ALA A CB  1 
ATOM   428  N N   . THR A 1 74  ? -1.886  6.827   6.519   1.00 8.82  ? 1365 THR A N   1 
ATOM   429  C CA  . THR A 1 74  ? -2.296  5.849   7.558   1.00 8.68  ? 1365 THR A CA  1 
ATOM   430  C C   . THR A 1 74  ? -1.343  4.652   7.478   1.00 8.35  ? 1365 THR A C   1 
ATOM   431  O O   . THR A 1 74  ? -0.894  4.188   8.524   1.00 8.57  ? 1365 THR A O   1 
ATOM   432  C CB  . THR A 1 74  ? -3.749  5.422   7.397   1.00 8.84  ? 1365 THR A CB  1 
ATOM   433  O OG1 . THR A 1 74  ? -4.561  6.556   7.687   1.00 9.71  ? 1365 THR A OG1 1 
ATOM   434  C CG2 . THR A 1 74  ? -4.110  4.247   8.286   1.00 8.83  ? 1365 THR A CG2 1 
ATOM   435  N N   . VAL A 1 75  ? -1.017  4.179   6.276   1.00 8.66  ? 1366 VAL A N   1 
ATOM   436  C CA  . VAL A 1 75  ? -0.072  3.020   6.166   1.00 8.39  ? 1366 VAL A CA  1 
ATOM   437  C C   . VAL A 1 75  ? 1.283   3.343   6.806   1.00 9.72  ? 1366 VAL A C   1 
ATOM   438  O O   . VAL A 1 75  ? 1.813   2.571   7.604   1.00 8.65  ? 1366 VAL A O   1 
ATOM   439  C CB  . VAL A 1 75  ? 0.041   2.528   4.719   1.00 8.11  ? 1366 VAL A CB  1 
ATOM   440  C CG1 . VAL A 1 75  ? 1.102   1.461   4.609   1.00 8.56  ? 1366 VAL A CG1 1 
ATOM   441  C CG2 . VAL A 1 75  ? -1.256  1.974   4.153   1.00 9.00  ? 1366 VAL A CG2 1 
ATOM   442  N N   . ARG A 1 76  ? 1.832   4.519   6.498   1.00 9.70  ? 1367 ARG A N   1 
ATOM   443  C CA  . ARG A 1 76  ? 3.143   4.949   7.039   1.00 10.81 ? 1367 ARG A CA  1 
ATOM   444  C C   . ARG A 1 76  ? 3.075   5.074   8.565   1.00 10.93 ? 1367 ARG A C   1 
ATOM   445  O O   . ARG A 1 76  ? 4.017   4.649   9.249   1.00 10.12 ? 1367 ARG A O   1 
ATOM   446  C CB  . ARG A 1 76  ? 3.570   6.256   6.361   1.00 11.92 ? 1367 ARG A CB  1 
ATOM   447  C CG  . ARG A 1 76  ? 4.893   6.834   6.842   1.00 14.06 ? 1367 ARG A CG  1 
ATOM   448  C CD  . ARG A 1 76  ? 5.232   8.105   6.089   1.00 16.12 ? 1367 ARG A CD  1 
ATOM   449  N NE  . ARG A 1 76  ? 6.179   7.900   5.005   1.00 16.90 ? 1367 ARG A NE  1 
ATOM   450  C CZ  . ARG A 1 76  ? 6.445   8.781   4.040   1.00 16.66 ? 1367 ARG A CZ  1 
ATOM   451  N NH1 . ARG A 1 76  ? 5.770   9.919   3.961   1.00 16.16 ? 1367 ARG A NH1 1 
ATOM   452  N NH2 . ARG A 1 76  ? 7.369   8.500   3.142   1.00 18.38 ? 1367 ARG A NH2 1 
ATOM   453  N N   . GLU A 1 77  ? 2.004   5.665   9.083   1.00 10.25 ? 1368 GLU A N   1 
ATOM   454  C CA  . GLU A 1 77  ? 1.907   5.938   10.533  1.00 10.84 ? 1368 GLU A CA  1 
ATOM   455  C C   . GLU A 1 77  ? 1.727   4.609   11.277  1.00 9.91  ? 1368 GLU A C   1 
ATOM   456  O O   . GLU A 1 77  ? 2.210   4.499   12.411  1.00 8.83  ? 1368 GLU A O   1 
ATOM   457  C CB  . GLU A 1 77  ? 0.780   6.932   10.806  1.00 12.16 ? 1368 GLU A CB  1 
ATOM   458  C CG  . GLU A 1 77  ? 1.081   8.324   10.288  1.00 14.42 ? 1368 GLU A CG  1 
ATOM   459  C CD  . GLU A 1 77  ? -0.066  9.326   10.260  1.00 17.08 ? 1368 GLU A CD  1 
ATOM   460  O OE1 . GLU A 1 77  ? -0.974  9.241   11.143  1.00 19.61 ? 1368 GLU A OE1 1 
ATOM   461  O OE2 . GLU A 1 77  ? -0.025  10.235  9.397   1.00 20.51 ? 1368 GLU A OE2 1 
ATOM   462  N N   . THR A 1 78  ? 1.071   3.625   10.675  1.00 9.05  ? 1369 THR A N   1 
ATOM   463  C CA  . THR A 1 78  ? 0.924   2.262   11.246  1.00 8.29  ? 1369 THR A CA  1 
ATOM   464  C C   . THR A 1 78  ? 2.311   1.600   11.306  1.00 8.34  ? 1369 THR A C   1 
ATOM   465  O O   . THR A 1 78  ? 2.688   1.001   12.344  1.00 7.94  ? 1369 THR A O   1 
ATOM   466  C CB  . THR A 1 78  ? -0.103  1.459   10.434  1.00 8.13  ? 1369 THR A CB  1 
ATOM   467  O OG1 . THR A 1 78  ? -1.321  2.208   10.489  1.00 8.17  ? 1369 THR A OG1 1 
ATOM   468  C CG2 . THR A 1 78  ? -0.337  0.065   10.980  1.00 8.15  ? 1369 THR A CG2 1 
ATOM   469  N N   . LEU A 1 79  ? 3.060   1.651   10.212  1.00 7.93  ? 1370 LEU A N   1 
ATOM   470  C CA  . LEU A 1 79  ? 4.422   1.077   10.154  1.00 8.15  ? 1370 LEU A CA  1 
ATOM   471  C C   . LEU A 1 79  ? 5.304   1.747   11.220  1.00 8.37  ? 1370 LEU A C   1 
ATOM   472  O O   . LEU A 1 79  ? 5.946   1.020   12.043  1.00 7.94  ? 1370 LEU A O   1 
ATOM   473  C CB  . LEU A 1 79  ? 4.994   1.269   8.744   1.00 7.84  ? 1370 LEU A CB  1 
ATOM   474  C CG  . LEU A 1 79  ? 6.336   0.590   8.499   1.00 8.34  ? 1370 LEU A CG  1 
ATOM   475  C CD1 . LEU A 1 79  ? 6.203   -0.931  8.507   1.00 8.47  ? 1370 LEU A CD1 1 
ATOM   476  C CD2 . LEU A 1 79  ? 6.942   1.064   7.180   1.00 9.03  ? 1370 LEU A CD2 1 
ATOM   477  N N   . GLU A 1 80  ? 5.317   3.087   11.261  1.00 9.38  ? 1371 GLU A N   1 
ATOM   478  C CA  . GLU A 1 80  ? 6.205   3.891   12.150  1.00 10.57 ? 1371 GLU A CA  1 
ATOM   479  C C   . GLU A 1 80  ? 5.847   3.682   13.630  1.00 9.91  ? 1371 GLU A C   1 
ATOM   480  O O   . GLU A 1 80  ? 6.758   3.809   14.480  1.00 10.64 ? 1371 GLU A O   1 
ATOM   481  C CB  . GLU A 1 80  ? 6.170   5.368   11.741  1.00 11.40 ? 1371 GLU A CB  1 
ATOM   482  C CG  . GLU A 1 80  ? 6.790   5.621   10.371  1.00 13.03 ? 1371 GLU A CG  1 
ATOM   483  C CD  . GLU A 1 80  ? 8.128   4.920   10.160  1.00 15.35 ? 1371 GLU A CD  1 
ATOM   484  O OE1 . GLU A 1 80  ? 9.174   5.567   10.453  1.00 18.68 ? 1371 GLU A OE1 1 
ATOM   485  O OE2 . GLU A 1 80  ? 8.132   3.720   9.764   1.00 18.29 ? 1371 GLU A OE2 1 
ATOM   486  N N   . ALA A 1 81  ? 4.595   3.357   13.947  1.00 9.59  ? 1372 ALA A N   1 
ATOM   487  C CA  . ALA A 1 81  ? 4.126   3.111   15.332  1.00 9.43  ? 1372 ALA A CA  1 
ATOM   488  C C   . ALA A 1 81  ? 4.428   1.683   15.809  1.00 9.38  ? 1372 ALA A C   1 
ATOM   489  O O   . ALA A 1 81  ? 4.316   1.432   16.999  1.00 9.42  ? 1372 ALA A O   1 
ATOM   490  C CB  . ALA A 1 81  ? 2.658   3.386   15.445  1.00 8.98  ? 1372 ALA A CB  1 
ATOM   491  N N   . GLY A 1 82  ? 4.855   0.783   14.924  1.00 8.90  ? 1373 GLY A N   1 
ATOM   492  C CA  . GLY A 1 82  ? 5.126   -0.601  15.281  1.00 8.79  ? 1373 GLY A CA  1 
ATOM   493  C C   . GLY A 1 82  ? 3.837   -1.400  15.360  1.00 9.00  ? 1373 GLY A C   1 
ATOM   494  O O   . GLY A 1 82  ? 3.698   -2.260  16.217  1.00 10.34 ? 1373 GLY A O   1 
ATOM   495  N N   . ASN A 1 83  ? 2.871   -1.119  14.472  1.00 8.90  ? 1374 ASN A N   1 
ATOM   496  C CA  . ASN A 1 83  ? 1.541   -1.785  14.478  1.00 8.69  ? 1374 ASN A CA  1 
ATOM   497  C C   . ASN A 1 83  ? 1.342   -2.669  13.225  1.00 8.82  ? 1374 ASN A C   1 
ATOM   498  O O   . ASN A 1 83  ? 0.237   -3.206  13.065  1.00 9.49  ? 1374 ASN A O   1 
ATOM   499  C CB  . ASN A 1 83  ? 0.418   -0.766  14.665  1.00 8.74  ? 1374 ASN A CB  1 
ATOM   500  C CG  . ASN A 1 83  ? 0.467   0.026   15.958  1.00 9.73  ? 1374 ASN A CG  1 
ATOM   501  O OD1 . ASN A 1 83  ? -0.191  1.066   16.070  1.00 11.32 ? 1374 ASN A OD1 1 
ATOM   502  N ND2 . ASN A 1 83  ? 1.152   -0.475  16.964  1.00 10.78 ? 1374 ASN A ND2 1 
ATOM   503  N N   . TYR A 1 84  ? 2.407   -2.942  12.470  1.00 8.45  ? 1375 TYR A N   1 
ATOM   504  C CA  . TYR A 1 84  ? 2.390   -4.078  11.514  1.00 8.87  ? 1375 TYR A CA  1 
ATOM   505  C C   . TYR A 1 84  ? 3.356   -5.148  12.055  1.00 10.20 ? 1375 TYR A C   1 
ATOM   506  O O   . TYR A 1 84  ? 4.454   -4.823  12.491  1.00 10.24 ? 1375 TYR A O   1 
ATOM   507  C CB  . TYR A 1 84  ? 2.802   -3.667  10.102  1.00 8.66  ? 1375 TYR A CB  1 
ATOM   508  C CG  . TYR A 1 84  ? 1.841   -2.805  9.334   1.00 8.48  ? 1375 TYR A CG  1 
ATOM   509  C CD1 . TYR A 1 84  ? 0.536   -3.204  9.132   1.00 7.93  ? 1375 TYR A CD1 1 
ATOM   510  C CD2 . TYR A 1 84  ? 2.230   -1.606  8.762   1.00 7.84  ? 1375 TYR A CD2 1 
ATOM   511  C CE1 . TYR A 1 84  ? -0.338  -2.446  8.386   1.00 7.78  ? 1375 TYR A CE1 1 
ATOM   512  C CE2 . TYR A 1 84  ? 1.356   -0.844  8.011   1.00 8.05  ? 1375 TYR A CE2 1 
ATOM   513  C CZ  . TYR A 1 84  ? 0.062   -1.260  7.830   1.00 8.96  ? 1375 TYR A CZ  1 
ATOM   514  O OH  . TYR A 1 84  ? -0.854  -0.534  7.123   1.00 9.26  ? 1375 TYR A OH  1 
ATOM   515  N N   . GLU A 1 85  ? 2.951   -6.417  11.988  1.00 10.63 ? 1376 GLU A N   1 
ATOM   516  C CA  . GLU A 1 85  ? 3.846   -7.529  12.396  1.00 10.67 ? 1376 GLU A CA  1 
ATOM   517  C C   . GLU A 1 85  ? 4.537   -8.166  11.195  1.00 10.37 ? 1376 GLU A C   1 
ATOM   518  O O   . GLU A 1 85  ? 5.483   -8.914  11.413  1.00 10.33 ? 1376 GLU A O   1 
ATOM   519  C CB  . GLU A 1 85  ? 3.114   -8.637  13.142  1.00 11.99 ? 1376 GLU A CB  1 
ATOM   520  C CG  . GLU A 1 85  ? 4.092   -9.618  13.765  1.00 14.10 ? 1376 GLU A CG  1 
ATOM   521  C CD  . GLU A 1 85  ? 3.485   -10.546 14.796  1.00 15.75 ? 1376 GLU A CD  1 
ATOM   522  O OE1 . GLU A 1 85  ? 2.268   -10.803 14.696  1.00 18.16 ? 1376 GLU A OE1 1 
ATOM   523  O OE2 . GLU A 1 85  ? 4.242   -11.016 15.689  1.00 16.58 ? 1376 GLU A OE2 1 
ATOM   524  N N   . SER A 1 86  ? 4.085   -7.896  9.971   1.00 9.48  ? 1377 SER A N   1 
ATOM   525  C CA  . SER A 1 86  ? 4.674   -8.528  8.762   1.00 9.24  ? 1377 SER A CA  1 
ATOM   526  C C   . SER A 1 86  ? 4.452   -7.621  7.568   1.00 8.35  ? 1377 SER A C   1 
ATOM   527  O O   . SER A 1 86  ? 3.504   -6.837  7.571   1.00 8.95  ? 1377 SER A O   1 
ATOM   528  C CB  . SER A 1 86  ? 4.083   -9.880  8.497   1.00 9.37  ? 1377 SER A CB  1 
ATOM   529  O OG  . SER A 1 86  ? 2.714   -9.769  8.149   1.00 10.03 ? 1377 SER A OG  1 
ATOM   530  N N   . PRO A 1 87  ? 5.255   -7.756  6.489   1.00 8.51  ? 1378 PRO A N   1 
ATOM   531  C CA  . PRO A 1 87  ? 4.984   -6.962  5.300   1.00 8.37  ? 1378 PRO A CA  1 
ATOM   532  C C   . PRO A 1 87  ? 3.690   -7.392  4.625   1.00 7.47  ? 1378 PRO A C   1 
ATOM   533  O O   . PRO A 1 87  ? 3.170   -6.613  3.870   1.00 7.74  ? 1378 PRO A O   1 
ATOM   534  C CB  . PRO A 1 87  ? 6.216   -7.225  4.439   1.00 7.39  ? 1378 PRO A CB  1 
ATOM   535  C CG  . PRO A 1 87  ? 6.776   -8.564  4.940   1.00 7.86  ? 1378 PRO A CG  1 
ATOM   536  C CD  . PRO A 1 87  ? 6.495   -8.567  6.420   1.00 7.96  ? 1378 PRO A CD  1 
ATOM   537  N N   . MET A 1 88  ? 3.214   -8.625  4.871   1.00 7.49  ? 1379 MET A N   1 
ATOM   538  C CA  . MET A 1 88  ? 1.942   -9.083  4.307   1.00 7.47  ? 1379 MET A CA  1 
ATOM   539  C C   . MET A 1 88  ? 0.789   -8.215  4.799   1.00 6.98  ? 1379 MET A C   1 
ATOM   540  O O   . MET A 1 88  ? -0.142  -7.947  4.060   1.00 8.33  ? 1379 MET A O   1 
ATOM   541  C CB  . MET A 1 88  ? 1.654   -10.540 4.678   1.00 8.01  ? 1379 MET A CB  1 
ATOM   542  C CG  . MET A 1 88  ? 2.644   -11.518 4.080   1.00 9.71  ? 1379 MET A CG  1 
ATOM   543  S SD  . MET A 1 88  ? 4.178   -11.791 4.981   1.00 11.18 ? 1379 MET A SD  1 
ATOM   544  C CE  . MET A 1 88  ? 3.566   -12.861 6.267   1.00 11.72 ? 1379 MET A CE  1 
ATOM   545  N N   . GLU A 1 89  ? 0.809   -7.813  6.075   1.00 7.39  ? 1380 GLU A N   1 
ATOM   546  C CA  . GLU A 1 89  ? -0.264  -6.944  6.612   1.00 7.18  ? 1380 GLU A CA  1 
ATOM   547  C C   . GLU A 1 89  ? -0.206  -5.557  5.948   1.00 7.08  ? 1380 GLU A C   1 
ATOM   548  O O   . GLU A 1 89  ? -1.275  -4.964  5.667   1.00 7.51  ? 1380 GLU A O   1 
ATOM   549  C CB  . GLU A 1 89  ? -0.139  -6.771  8.117   1.00 7.15  ? 1380 GLU A CB  1 
ATOM   550  C CG  . GLU A 1 89  ? -0.511  -7.990  8.919   1.00 7.36  ? 1380 GLU A CG  1 
ATOM   551  C CD  . GLU A 1 89  ? -0.460  -7.786  10.422  1.00 7.73  ? 1380 GLU A CD  1 
ATOM   552  O OE1 . GLU A 1 89  ? 0.093   -6.771  10.817  1.00 7.66  ? 1380 GLU A OE1 1 
ATOM   553  O OE2 . GLU A 1 89  ? -0.960  -8.661  11.182  1.00 9.52  ? 1380 GLU A OE2 1 
ATOM   554  N N   . LEU A 1 90  ? 0.994   -5.005  5.766   1.00 6.85  ? 1381 LEU A N   1 
ATOM   555  C CA  . LEU A 1 90  ? 1.147   -3.700  5.075   1.00 7.08  ? 1381 LEU A CA  1 
ATOM   556  C C   . LEU A 1 90  ? 0.585   -3.816  3.649   1.00 7.46  ? 1381 LEU A C   1 
ATOM   557  O O   . LEU A 1 90  ? -0.120  -2.932  3.163   1.00 7.33  ? 1381 LEU A O   1 
ATOM   558  C CB  . LEU A 1 90  ? 2.631   -3.303  5.083   1.00 7.36  ? 1381 LEU A CB  1 
ATOM   559  C CG  . LEU A 1 90  ? 2.920   -1.989  4.347   1.00 7.55  ? 1381 LEU A CG  1 
ATOM   560  C CD1 . LEU A 1 90  ? 3.989   -1.175  5.042   1.00 7.79  ? 1381 LEU A CD1 1 
ATOM   561  C CD2 . LEU A 1 90  ? 3.262   -2.211  2.898   1.00 7.80  ? 1381 LEU A CD2 1 
ATOM   562  N N   A CYS A 1 91  ? 0.973   -4.906  2.978   0.29 7.17  ? 1382 CYS A N   1 
ATOM   563  N N   B CYS A 1 91  ? 0.942   -4.893  2.953   0.28 8.38  ? 1382 CYS A N   1 
ATOM   564  C CA  A CYS A 1 91  ? 0.564   -5.231  1.580   0.29 7.08  ? 1382 CYS A CA  1 
ATOM   565  C CA  B CYS A 1 91  ? 0.433   -5.173  1.581   0.28 9.06  ? 1382 CYS A CA  1 
ATOM   566  C C   A CYS A 1 91  ? -0.979  -5.301  1.499   0.29 7.33  ? 1382 CYS A C   1 
ATOM   567  C C   B CYS A 1 91  ? -1.085  -5.163  1.538   0.28 8.52  ? 1382 CYS A C   1 
ATOM   568  O O   A CYS A 1 91  ? -1.560  -4.795  0.545   0.29 7.52  ? 1382 CYS A O   1 
ATOM   569  O O   B CYS A 1 91  ? -1.686  -4.598  0.615   0.28 8.31  ? 1382 CYS A O   1 
ATOM   570  C CB  A CYS A 1 91  ? 1.279   -6.488  1.071   0.29 6.67  ? 1382 CYS A CB  1 
ATOM   571  C CB  B CYS A 1 91  ? 0.839   -6.544  1.089   0.28 10.05 ? 1382 CYS A CB  1 
ATOM   572  S SG  A CYS A 1 91  ? 1.076   -6.768  -0.713  0.29 6.35  ? 1382 CYS A SG  1 
ATOM   573  S SG  B CYS A 1 91  ? 2.527   -6.474  0.499   0.28 13.07 ? 1382 CYS A SG  1 
ATOM   574  N N   . LYS A 1 92  ? -1.653  -5.912  2.477   1.00 8.03  ? 1383 LYS A N   1 
ATOM   575  C CA  . LYS A 1 92  ? -3.139  -5.957  2.528   1.00 9.01  ? 1383 LYS A CA  1 
ATOM   576  C C   . LYS A 1 92  ? -3.714  -4.526  2.535   1.00 8.12  ? 1383 LYS A C   1 
ATOM   577  O O   . LYS A 1 92  ? -4.672  -4.257  1.810   1.00 7.76  ? 1383 LYS A O   1 
ATOM   578  C CB  . LYS A 1 92  ? -3.574  -6.729  3.780   1.00 9.99  ? 1383 LYS A CB  1 
ATOM   579  C CG  . LYS A 1 92  ? -5.077  -6.805  3.992   1.00 10.80 ? 1383 LYS A CG  1 
ATOM   580  C CD  . LYS A 1 92  ? -5.483  -7.754  5.112   1.00 12.18 ? 1383 LYS A CD  1 
ATOM   581  C CE  . LYS A 1 92  ? -6.808  -7.387  5.738   1.00 13.73 ? 1383 LYS A CE  1 
ATOM   582  N NZ  . LYS A 1 92  ? -7.025  -8.068  7.037   1.00 14.90 ? 1383 LYS A NZ  1 
ATOM   583  N N   . ASP A 1 93  ? -3.191  -3.635  3.375   1.00 7.51  ? 1384 ASP A N   1 
ATOM   584  C CA  . ASP A 1 93  ? -3.721  -2.250  3.487   1.00 7.26  ? 1384 ASP A CA  1 
ATOM   585  C C   . ASP A 1 93  ? -3.427  -1.450  2.203   1.00 6.98  ? 1384 ASP A C   1 
ATOM   586  O O   . ASP A 1 93  ? -4.291  -0.707  1.750   1.00 6.31  ? 1384 ASP A O   1 
ATOM   587  C CB  . ASP A 1 93  ? -3.202  -1.555  4.750   1.00 7.43  ? 1384 ASP A CB  1 
ATOM   588  C CG  . ASP A 1 93  ? -3.733  -2.117  6.061   1.00 7.63  ? 1384 ASP A CG  1 
ATOM   589  O OD1 . ASP A 1 93  ? -4.676  -2.925  6.015   1.00 8.23  ? 1384 ASP A OD1 1 
ATOM   590  O OD2 . ASP A 1 93  ? -3.202  -1.728  7.125   1.00 8.73  ? 1384 ASP A OD2 1 
ATOM   591  N N   . VAL A 1 94  ? -2.232  -1.565  1.637   1.00 6.98  ? 1385 VAL A N   1 
ATOM   592  C CA  . VAL A 1 94  ? -1.926  -0.859  0.350   1.00 6.96  ? 1385 VAL A CA  1 
ATOM   593  C C   . VAL A 1 94  ? -2.904  -1.370  -0.754  1.00 7.30  ? 1385 VAL A C   1 
ATOM   594  O O   . VAL A 1 94  ? -3.477  -0.598  -1.465  1.00 6.70  ? 1385 VAL A O   1 
ATOM   595  C CB  . VAL A 1 94  ? -0.462  -1.030  -0.040  1.00 6.88  ? 1385 VAL A CB  1 
ATOM   596  C CG1 . VAL A 1 94  ? -0.210  -0.510  -1.439  1.00 6.57  ? 1385 VAL A CG1 1 
ATOM   597  C CG2 . VAL A 1 94  ? 0.447   -0.261  0.923   1.00 7.35  ? 1385 VAL A CG2 1 
ATOM   598  N N   . ARG A 1 95  ? -3.158  -2.684  -0.813  1.00 7.49  ? 1386 ARG A N   1 
ATOM   599  C CA  . ARG A 1 95  ? -4.074  -3.226  -1.845  1.00 7.66  ? 1386 ARG A CA  1 
ATOM   600  C C   . ARG A 1 95  ? -5.493  -2.681  -1.624  1.00 7.44  ? 1386 ARG A C   1 
ATOM   601  O O   . ARG A 1 95  ? -6.222  -2.470  -2.592  1.00 7.60  ? 1386 ARG A O   1 
ATOM   602  C CB  . ARG A 1 95  ? -3.992  -4.751  -1.856  1.00 8.19  ? 1386 ARG A CB  1 
ATOM   603  C CG  . ARG A 1 95  ? -2.736  -5.233  -2.550  1.00 9.03  ? 1386 ARG A CG  1 
ATOM   604  C CD  . ARG A 1 95  ? -2.409  -6.670  -2.250  1.00 9.57  ? 1386 ARG A CD  1 
ATOM   605  N NE  . ARG A 1 95  ? -1.141  -7.020  -2.865  1.00 9.76  ? 1386 ARG A NE  1 
ATOM   606  C CZ  . ARG A 1 95  ? -0.422  -8.085  -2.541  1.00 10.05 ? 1386 ARG A CZ  1 
ATOM   607  N NH1 . ARG A 1 95  ? -0.852  -8.909  -1.597  1.00 9.69  ? 1386 ARG A NH1 1 
ATOM   608  N NH2 . ARG A 1 95  ? 0.742   -8.309  -3.130  1.00 10.16 ? 1386 ARG A NH2 1 
ATOM   609  N N   . LEU A 1 96  ? -5.918  -2.472  -0.379  1.00 6.89  ? 1387 LEU A N   1 
ATOM   610  C CA  . LEU A 1 96  ? -7.235  -1.834  -0.062  1.00 6.94  ? 1387 LEU A CA  1 
ATOM   611  C C   . LEU A 1 96  ? -7.277  -0.403  -0.617  1.00 6.89  ? 1387 LEU A C   1 
ATOM   612  O O   . LEU A 1 96  ? -8.320  0.043   -1.119  1.00 6.16  ? 1387 LEU A O   1 
ATOM   613  C CB  . LEU A 1 96  ? -7.477  -1.868  1.444   1.00 7.00  ? 1387 LEU A CB  1 
ATOM   614  C CG  . LEU A 1 96  ? -8.758  -1.211  1.954   1.00 7.26  ? 1387 LEU A CG  1 
ATOM   615  C CD1 . LEU A 1 96  ? -9.973  -1.747  1.221   1.00 7.43  ? 1387 LEU A CD1 1 
ATOM   616  C CD2 . LEU A 1 96  ? -8.936  -1.485  3.437   1.00 7.39  ? 1387 LEU A CD2 1 
ATOM   617  N N   . ILE A 1 97  ? -6.187  0.355   -0.518  1.00 7.13  ? 1388 ILE A N   1 
ATOM   618  C CA  . ILE A 1 97  ? -6.145  1.705   -1.161  1.00 7.16  ? 1388 ILE A CA  1 
ATOM   619  C C   . ILE A 1 97  ? -6.602  1.534   -2.617  1.00 7.11  ? 1388 ILE A C   1 
ATOM   620  O O   . ILE A 1 97  ? -7.470  2.301   -3.092  1.00 6.98  ? 1388 ILE A O   1 
ATOM   621  C CB  . ILE A 1 97  ? -4.740  2.325   -1.065  1.00 7.33  ? 1388 ILE A CB  1 
ATOM   622  C CG1 . ILE A 1 97  ? -4.355  2.530   0.397   1.00 7.21  ? 1388 ILE A CG1 1 
ATOM   623  C CG2 . ILE A 1 97  ? -4.633  3.606   -1.878  1.00 7.34  ? 1388 ILE A CG2 1 
ATOM   624  C CD1 . ILE A 1 97  ? -2.936  3.021   0.609   1.00 7.16  ? 1388 ILE A CD1 1 
ATOM   625  N N   . PHE A 1 98  ? -6.037  0.567   -3.331  1.00 6.68  ? 1389 PHE A N   1 
ATOM   626  C CA  . PHE A 1 98  ? -6.286  0.411   -4.789  1.00 6.72  ? 1389 PHE A CA  1 
ATOM   627  C C   . PHE A 1 98  ? -7.679  -0.177  -5.069  1.00 6.93  ? 1389 PHE A C   1 
ATOM   628  O O   . PHE A 1 98  ? -8.329  0.218   -6.039  1.00 7.03  ? 1389 PHE A O   1 
ATOM   629  C CB  . PHE A 1 98  ? -5.191  -0.422  -5.459  1.00 7.04  ? 1389 PHE A CB  1 
ATOM   630  C CG  . PHE A 1 98  ? -3.791  0.126   -5.292  1.00 7.00  ? 1389 PHE A CG  1 
ATOM   631  C CD1 . PHE A 1 98  ? -3.483  1.467   -5.504  1.00 7.17  ? 1389 PHE A CD1 1 
ATOM   632  C CD2 . PHE A 1 98  ? -2.758  -0.738  -4.973  1.00 7.07  ? 1389 PHE A CD2 1 
ATOM   633  C CE1 . PHE A 1 98  ? -2.186  1.941   -5.332  1.00 7.17  ? 1389 PHE A CE1 1 
ATOM   634  C CE2 . PHE A 1 98  ? -1.468  -0.268  -4.818  1.00 7.41  ? 1389 PHE A CE2 1 
ATOM   635  C CZ  . PHE A 1 98  ? -1.181  1.065   -5.016  1.00 7.15  ? 1389 PHE A CZ  1 
ATOM   636  N N   . SER A 1 99  ? -8.129  -1.137  -4.268  1.00 7.05  ? 1390 SER A N   1 
ATOM   637  C CA  . SER A 1 99  ? -9.472  -1.745  -4.460  1.00 7.25  ? 1390 SER A CA  1 
ATOM   638  C C   . SER A 1 99  ? -10.565 -0.694  -4.200  1.00 7.56  ? 1390 SER A C   1 
ATOM   639  O O   . SER A 1 99  ? -11.572 -0.661  -4.891  1.00 8.26  ? 1390 SER A O   1 
ATOM   640  C CB  . SER A 1 99  ? -9.665  -2.976  -3.671  1.00 7.32  ? 1390 SER A CB  1 
ATOM   641  O OG  . SER A 1 99  ? -9.621  -2.810  -2.305  1.00 8.71  ? 1390 SER A OG  1 
ATOM   642  N N   . ASN A 1 100 ? -10.361 0.174   -3.210  1.00 7.37  ? 1391 ASN A N   1 
ATOM   643  C CA  . ASN A 1 100 ? -11.299 1.302   -2.930  1.00 7.68  ? 1391 ASN A CA  1 
ATOM   644  C C   . ASN A 1 100 ? -11.377 2.237   -4.148  1.00 7.69  ? 1391 ASN A C   1 
ATOM   645  O O   . ASN A 1 100 ? -12.475 2.727   -4.485  1.00 7.54  ? 1391 ASN A O   1 
ATOM   646  C CB  . ASN A 1 100 ? -10.925 2.060   -1.657  1.00 7.78  ? 1391 ASN A CB  1 
ATOM   647  C CG  . ASN A 1 100 ? -11.182 1.282   -0.383  1.00 7.96  ? 1391 ASN A CG  1 
ATOM   648  O OD1 . ASN A 1 100 ? -11.865 0.263   -0.372  1.00 7.98  ? 1391 ASN A OD1 1 
ATOM   649  N ND2 . ASN A 1 100 ? -10.690 1.809   0.707   1.00 7.78  ? 1391 ASN A ND2 1 
ATOM   650  N N   . SER A 1 101 ? -10.261 2.478   -4.828  1.00 8.02  ? 1392 SER A N   1 
ATOM   651  C CA  . SER A 1 101 ? -10.266 3.328   -6.041  1.00 8.34  ? 1392 SER A CA  1 
ATOM   652  C C   . SER A 1 101 ? -11.071 2.642   -7.153  1.00 7.94  ? 1392 SER A C   1 
ATOM   653  O O   . SER A 1 101 ? -11.891 3.298   -7.798  1.00 8.14  ? 1392 SER A O   1 
ATOM   654  C CB  . SER A 1 101 ? -8.872  3.650   -6.481  1.00 8.02  ? 1392 SER A CB  1 
ATOM   655  O OG  . SER A 1 101 ? -8.861  4.805   -7.322  1.00 7.63  ? 1392 SER A OG  1 
ATOM   656  N N   . LYS A 1 102 ? -10.887 1.333   -7.349  1.00 8.09  ? 1393 LYS A N   1 
ATOM   657  C CA  . LYS A 1 102 ? -11.600 0.561   -8.394  1.00 8.49  ? 1393 LYS A CA  1 
ATOM   658  C C   . LYS A 1 102 ? -13.106 0.502   -8.091  1.00 8.93  ? 1393 LYS A C   1 
ATOM   659  O O   . LYS A 1 102 ? -13.896 0.455   -9.065  1.00 9.32  ? 1393 LYS A O   1 
ATOM   660  C CB  . LYS A 1 102 ? -10.959 -0.823  -8.472  1.00 8.48  ? 1393 LYS A CB  1 
ATOM   661  C CG  . LYS A 1 102 ? -11.451 -1.686  -9.619  1.00 8.75  ? 1393 LYS A CG  1 
ATOM   662  C CD  . LYS A 1 102 ? -10.813 -3.033  -9.673  1.00 9.25  ? 1393 LYS A CD  1 
ATOM   663  C CE  . LYS A 1 102 ? -10.971 -3.718  -11.015 1.00 8.94  ? 1393 LYS A CE  1 
ATOM   664  N NZ  . LYS A 1 102 ? -10.066 -4.881  -11.143 1.00 9.48  ? 1393 LYS A NZ  1 
ATOM   665  N N   . ALA A 1 103 ? -13.483 0.483   -6.818  1.00 8.28  ? 1394 ALA A N   1 
ATOM   666  C CA  . ALA A 1 103 ? -14.896 0.404   -6.409  1.00 9.17  ? 1394 ALA A CA  1 
ATOM   667  C C   . ALA A 1 103 ? -15.573 1.759   -6.599  1.00 9.47  ? 1394 ALA A C   1 
ATOM   668  O O   . ALA A 1 103 ? -16.758 1.813   -6.993  1.00 11.15 ? 1394 ALA A O   1 
ATOM   669  C CB  . ALA A 1 103 ? -15.042 -0.057  -4.955  1.00 9.22  ? 1394 ALA A CB  1 
ATOM   670  N N   . TYR A 1 104 ? -14.872 2.839   -6.286  1.00 9.10  ? 1395 TYR A N   1 
ATOM   671  C CA  . TYR A 1 104 ? -15.501 4.178   -6.307  1.00 8.62  ? 1395 TYR A CA  1 
ATOM   672  C C   . TYR A 1 104 ? -15.570 4.740   -7.727  1.00 8.49  ? 1395 TYR A C   1 
ATOM   673  O O   . TYR A 1 104 ? -16.410 5.594   -7.978  1.00 8.28  ? 1395 TYR A O   1 
ATOM   674  C CB  . TYR A 1 104 ? -14.785 5.128   -5.357  1.00 8.72  ? 1395 TYR A CB  1 
ATOM   675  C CG  . TYR A 1 104 ? -15.493 6.452   -5.321  1.00 8.68  ? 1395 TYR A CG  1 
ATOM   676  C CD1 . TYR A 1 104 ? -16.749 6.579   -4.758  1.00 8.78  ? 1395 TYR A CD1 1 
ATOM   677  C CD2 . TYR A 1 104 ? -14.951 7.563   -5.937  1.00 8.49  ? 1395 TYR A CD2 1 
ATOM   678  C CE1 . TYR A 1 104 ? -17.445 7.777   -4.789  1.00 8.46  ? 1395 TYR A CE1 1 
ATOM   679  C CE2 . TYR A 1 104 ? -15.636 8.764   -5.990  1.00 8.73  ? 1395 TYR A CE2 1 
ATOM   680  C CZ  . TYR A 1 104 ? -16.857 8.903   -5.352  1.00 8.46  ? 1395 TYR A CZ  1 
ATOM   681  O OH  . TYR A 1 104 ? -17.563 10.070  -5.410  1.00 8.37  ? 1395 TYR A OH  1 
ATOM   682  N N   . THR A 1 105 ? -14.678 4.351   -8.636  1.00 8.98  ? 1396 THR A N   1 
ATOM   683  C CA  . THR A 1 105 ? -14.560 5.055   -9.935  1.00 9.11  ? 1396 THR A CA  1 
ATOM   684  C C   . THR A 1 105 ? -15.828 4.847   -10.772 1.00 10.39 ? 1396 THR A C   1 
ATOM   685  O O   . THR A 1 105 ? -16.388 3.749   -10.839 1.00 11.95 ? 1396 THR A O   1 
ATOM   686  C CB  . THR A 1 105 ? -13.290 4.655   -10.690 1.00 8.95  ? 1396 THR A CB  1 
ATOM   687  O OG1 . THR A 1 105 ? -13.163 5.540   -11.800 1.00 8.39  ? 1396 THR A OG1 1 
ATOM   688  C CG2 . THR A 1 105 ? -13.337 3.228   -11.176 1.00 9.03  ? 1396 THR A CG2 1 
ATOM   689  N N   . PRO A 1 106 ? -16.342 5.903   -11.435 1.00 10.69 ? 1397 PRO A N   1 
ATOM   690  C CA  . PRO A 1 106 ? -17.503 5.728   -12.308 1.00 11.00 ? 1397 PRO A CA  1 
ATOM   691  C C   . PRO A 1 106 ? -17.135 5.341   -13.746 1.00 11.80 ? 1397 PRO A C   1 
ATOM   692  O O   . PRO A 1 106 ? -18.058 5.240   -14.533 1.00 11.23 ? 1397 PRO A O   1 
ATOM   693  C CB  . PRO A 1 106 ? -18.153 7.116   -12.231 1.00 11.87 ? 1397 PRO A CB  1 
ATOM   694  C CG  . PRO A 1 106 ? -17.000 8.073   -12.068 1.00 11.44 ? 1397 PRO A CG  1 
ATOM   695  C CD  . PRO A 1 106 ? -15.914 7.310   -11.324 1.00 11.56 ? 1397 PRO A CD  1 
ATOM   696  N N   . SER A 1 107 ? -15.829 5.254   -14.064 1.00 11.03 ? 1398 SER A N   1 
ATOM   697  C CA  . SER A 1 107 ? -15.289 4.868   -15.382 1.00 11.84 ? 1398 SER A CA  1 
ATOM   698  C C   . SER A 1 107 ? -13.912 4.253   -15.170 1.00 11.80 ? 1398 SER A C   1 
ATOM   699  O O   . SER A 1 107 ? -13.125 4.727   -14.316 1.00 11.33 ? 1398 SER A O   1 
ATOM   700  C CB  . SER A 1 107 ? -15.136 6.129   -16.202 1.00 13.16 ? 1398 SER A CB  1 
ATOM   701  O OG  . SER A 1 107 ? -14.436 5.802   -17.358 1.00 14.09 ? 1398 SER A OG  1 
ATOM   702  N N   . LYS A 1 108 ? -13.572 3.257   -15.994 1.00 12.79 ? 1399 LYS A N   1 
ATOM   703  C CA  . LYS A 1 108 ? -12.232 2.617   -15.993 1.00 13.71 ? 1399 LYS A CA  1 
ATOM   704  C C   . LYS A 1 108 ? -11.189 3.580   -16.570 1.00 13.53 ? 1399 LYS A C   1 
ATOM   705  O O   . LYS A 1 108 ? -10.006 3.298   -16.390 1.00 12.16 ? 1399 LYS A O   1 
ATOM   706  C CB  . LYS A 1 108 ? -12.250 1.290   -16.760 1.00 15.43 ? 1399 LYS A CB  1 
ATOM   707  C CG  . LYS A 1 108 ? -13.120 0.184   -16.169 1.00 16.23 ? 1399 LYS A CG  1 
ATOM   708  C CD  . LYS A 1 108 ? -13.211 0.154   -14.653 1.00 17.15 ? 1399 LYS A CD  1 
ATOM   709  C CE  . LYS A 1 108 ? -12.404 -0.961  -14.029 1.00 18.95 ? 1399 LYS A CE  1 
ATOM   710  N NZ  . LYS A 1 108 ? -13.069 -2.271  -14.170 1.00 18.42 ? 1399 LYS A NZ  1 
ATOM   711  N N   . ARG A 1 109 ? -11.606 4.668   -17.230 1.00 13.91 ? 1400 ARG A N   1 
ATOM   712  C CA  . ARG A 1 109 ? -10.656 5.689   -17.761 1.00 14.44 ? 1400 ARG A CA  1 
ATOM   713  C C   . ARG A 1 109 ? -10.822 7.020   -17.013 1.00 13.18 ? 1400 ARG A C   1 
ATOM   714  O O   . ARG A 1 109 ? -10.588 8.071   -17.621 1.00 13.18 ? 1400 ARG A O   1 
ATOM   715  C CB  . ARG A 1 109 ? -10.823 5.836   -19.278 1.00 16.35 ? 1400 ARG A CB  1 
ATOM   716  C CG  . ARG A 1 109 ? -10.765 4.518   -20.035 1.00 19.26 ? 1400 ARG A CG  1 
ATOM   717  C CD  . ARG A 1 109 ? -11.696 4.483   -21.220 1.00 22.67 ? 1400 ARG A CD  1 
ATOM   718  N NE  . ARG A 1 109 ? -11.261 5.336   -22.310 1.00 25.15 ? 1400 ARG A NE  1 
ATOM   719  C CZ  . ARG A 1 109 ? -12.026 5.715   -23.333 1.00 27.70 ? 1400 ARG A CZ  1 
ATOM   720  N NH1 . ARG A 1 109 ? -13.296 5.345   -23.401 1.00 29.83 ? 1400 ARG A NH1 1 
ATOM   721  N NH2 . ARG A 1 109 ? -11.521 6.484   -24.283 1.00 29.36 ? 1400 ARG A NH2 1 
ATOM   722  N N   . SER A 1 110 ? -11.196 7.006   -15.732 1.00 11.93 ? 1401 SER A N   1 
ATOM   723  C CA  . SER A 1 110 ? -11.164 8.238   -14.911 1.00 11.17 ? 1401 SER A CA  1 
ATOM   724  C C   . SER A 1 110 ? -9.701  8.579   -14.644 1.00 10.06 ? 1401 SER A C   1 
ATOM   725  O O   . SER A 1 110 ? -8.854  7.639   -14.706 1.00 9.91  ? 1401 SER A O   1 
ATOM   726  C CB  . SER A 1 110 ? -11.945 8.098   -13.653 1.00 11.44 ? 1401 SER A CB  1 
ATOM   727  O OG  . SER A 1 110 ? -11.122 7.600   -12.611 1.00 12.60 ? 1401 SER A OG  1 
ATOM   728  N N   . ARG A 1 111 ? -9.408  9.854   -14.384 1.00 9.38  ? 1402 ARG A N   1 
ATOM   729  C CA  . ARG A 1 111 ? -8.044  10.343  -14.094 1.00 8.87  ? 1402 ARG A CA  1 
ATOM   730  C C   . ARG A 1 111 ? -7.526  9.694   -12.811 1.00 8.66  ? 1402 ARG A C   1 
ATOM   731  O O   . ARG A 1 111 ? -6.386  9.192   -12.815 1.00 8.19  ? 1402 ARG A O   1 
ATOM   732  C CB  . ARG A 1 111 ? -8.084  11.865  -13.957 1.00 8.85  ? 1402 ARG A CB  1 
ATOM   733  C CG  . ARG A 1 111 ? -6.805  12.441  -13.385 1.00 8.82  ? 1402 ARG A CG  1 
ATOM   734  C CD  . ARG A 1 111 ? -5.678  12.462  -14.400 1.00 9.23  ? 1402 ARG A CD  1 
ATOM   735  N NE  . ARG A 1 111 ? -4.389  12.786  -13.805 1.00 9.58  ? 1402 ARG A NE  1 
ATOM   736  C CZ  . ARG A 1 111 ? -3.818  13.988  -13.762 1.00 9.95  ? 1402 ARG A CZ  1 
ATOM   737  N NH1 . ARG A 1 111 ? -4.412  15.049  -14.260 1.00 10.14 ? 1402 ARG A NH1 1 
ATOM   738  N NH2 . ARG A 1 111 ? -2.645  14.137  -13.167 1.00 10.21 ? 1402 ARG A NH2 1 
ATOM   739  N N   . ILE A 1 112 ? -8.287  9.743   -11.735 1.00 8.26  ? 1403 ILE A N   1 
ATOM   740  C CA  . ILE A 1 112 ? -7.782  9.279   -10.407 1.00 8.52  ? 1403 ILE A CA  1 
ATOM   741  C C   . ILE A 1 112 ? -7.659  7.746   -10.419 1.00 8.57  ? 1403 ILE A C   1 
ATOM   742  O O   . ILE A 1 112 ? -6.638  7.225   -9.943  1.00 7.77  ? 1403 ILE A O   1 
ATOM   743  C CB  . ILE A 1 112 ? -8.650  9.875   -9.290  1.00 8.62  ? 1403 ILE A CB  1 
ATOM   744  C CG1 . ILE A 1 112 ? -8.465  11.399  -9.271  1.00 8.90  ? 1403 ILE A CG1 1 
ATOM   745  C CG2 . ILE A 1 112 ? -8.323  9.235   -7.957  1.00 8.91  ? 1403 ILE A CG2 1 
ATOM   746  C CD1 . ILE A 1 112 ? -9.141  12.102  -8.111  1.00 9.15  ? 1403 ILE A CD1 1 
ATOM   747  N N   . TYR A 1 113 ? -8.592  7.024   -11.039 1.00 8.27  ? 1404 TYR A N   1 
ATOM   748  C CA  . TYR A 1 113 ? -8.476  5.549   -11.132 1.00 8.16  ? 1404 TYR A CA  1 
ATOM   749  C C   . TYR A 1 113 ? -7.248  5.178   -11.965 1.00 8.62  ? 1404 TYR A C   1 
ATOM   750  O O   . TYR A 1 113 ? -6.510  4.287   -11.543 1.00 8.29  ? 1404 TYR A O   1 
ATOM   751  C CB  . TYR A 1 113 ? -9.727  4.909   -11.722 1.00 8.66  ? 1404 TYR A CB  1 
ATOM   752  C CG  . TYR A 1 113 ? -9.635  3.407   -11.855 1.00 8.54  ? 1404 TYR A CG  1 
ATOM   753  C CD1 . TYR A 1 113 ? -9.309  2.597   -10.779 1.00 9.01  ? 1404 TYR A CD1 1 
ATOM   754  C CD2 . TYR A 1 113 ? -9.866  2.798   -13.072 1.00 9.33  ? 1404 TYR A CD2 1 
ATOM   755  C CE1 . TYR A 1 113 ? -9.186  1.215   -10.921 1.00 8.85  ? 1404 TYR A CE1 1 
ATOM   756  C CE2 . TYR A 1 113 ? -9.801  1.426   -13.219 1.00 9.36  ? 1404 TYR A CE2 1 
ATOM   757  C CZ  . TYR A 1 113 ? -9.467  0.625   -12.141 1.00 8.89  ? 1404 TYR A CZ  1 
ATOM   758  O OH  . TYR A 1 113 ? -9.411  -0.725  -12.331 1.00 9.79  ? 1404 TYR A OH  1 
ATOM   759  N N   A SER A 1 114 ? -6.999  5.849   -13.097 0.29 8.53  ? 1405 SER A N   1 
ATOM   760  N N   B SER A 1 114 ? -6.993  5.840   -13.108 0.28 8.69  ? 1405 SER A N   1 
ATOM   761  C CA  A SER A 1 114 ? -5.834  5.560   -13.977 0.29 9.12  ? 1405 SER A CA  1 
ATOM   762  C CA  B SER A 1 114 ? -5.822  5.556   -13.984 0.28 9.38  ? 1405 SER A CA  1 
ATOM   763  C C   A SER A 1 114 ? -4.520  5.783   -13.204 0.29 9.18  ? 1405 SER A C   1 
ATOM   764  C C   B SER A 1 114 ? -4.514  5.766   -13.204 0.28 9.37  ? 1405 SER A C   1 
ATOM   765  O O   A SER A 1 114 ? -3.531  5.044   -13.415 0.29 9.03  ? 1405 SER A O   1 
ATOM   766  O O   B SER A 1 114 ? -3.535  5.013   -13.414 0.28 9.29  ? 1405 SER A O   1 
ATOM   767  C CB  A SER A 1 114 ? -5.908  6.386   -15.243 0.29 9.20  ? 1405 SER A CB  1 
ATOM   768  C CB  B SER A 1 114 ? -5.871  6.410   -15.214 0.28 9.61  ? 1405 SER A CB  1 
ATOM   769  O OG  A SER A 1 114 ? -5.930  7.784   -14.970 0.29 9.81  ? 1405 SER A OG  1 
ATOM   770  O OG  B SER A 1 114 ? -7.005  6.083   -15.992 0.28 10.66 ? 1405 SER A OG  1 
ATOM   771  N N   . MET A 1 115 ? -4.477  6.788   -12.339 1.00 9.29  ? 1406 MET A N   1 
ATOM   772  C CA  . MET A 1 115 ? -3.311  7.061   -11.466 1.00 9.42  ? 1406 MET A CA  1 
ATOM   773  C C   . MET A 1 115 ? -3.150  5.847   -10.530 1.00 8.76  ? 1406 MET A C   1 
ATOM   774  O O   . MET A 1 115 ? -2.018  5.331   -10.376 1.00 8.41  ? 1406 MET A O   1 
ATOM   775  C CB  . MET A 1 115 ? -3.528  8.360   -10.686 1.00 9.51  ? 1406 MET A CB  1 
ATOM   776  C CG  . MET A 1 115 ? -3.386  9.647   -11.527 1.00 9.75  ? 1406 MET A CG  1 
ATOM   777  S SD  . MET A 1 115 ? -4.155  11.087  -10.745 1.00 10.89 ? 1406 MET A SD  1 
ATOM   778  C CE  . MET A 1 115 ? -2.766  11.633  -9.764  1.00 10.98 ? 1406 MET A CE  1 
ATOM   779  N N   . SER A 1 116 ? -4.245  5.338   -9.976  1.00 8.67  ? 1407 SER A N   1 
ATOM   780  C CA  . SER A 1 116 ? -4.183  4.144   -9.073  1.00 7.82  ? 1407 SER A CA  1 
ATOM   781  C C   . SER A 1 116 ? -3.538  2.934   -9.761  1.00 7.87  ? 1407 SER A C   1 
ATOM   782  O O   . SER A 1 116 ? -2.806  2.226   -9.119  1.00 8.57  ? 1407 SER A O   1 
ATOM   783  C CB  . SER A 1 116 ? -5.550  3.778   -8.442  1.00 7.62  ? 1407 SER A CB  1 
ATOM   784  O OG  . SER A 1 116 ? -6.349  2.974   -9.251  1.00 8.12  ? 1407 SER A OG  1 
ATOM   785  N N   . LEU A 1 117 ? -3.887  2.699   -11.026 1.00 8.23  ? 1408 LEU A N   1 
ATOM   786  C CA  . LEU A 1 117 ? -3.414  1.485   -11.700 1.00 8.72  ? 1408 LEU A CA  1 
ATOM   787  C C   . LEU A 1 117 ? -1.923  1.578   -11.929 1.00 7.95  ? 1408 LEU A C   1 
ATOM   788  O O   . LEU A 1 117 ? -1.232  0.559   -11.775 1.00 8.13  ? 1408 LEU A O   1 
ATOM   789  C CB  . LEU A 1 117 ? -4.117  1.302   -13.039 1.00 9.26  ? 1408 LEU A CB  1 
ATOM   790  C CG  . LEU A 1 117 ? -5.600  0.946   -12.967 1.00 9.90  ? 1408 LEU A CG  1 
ATOM   791  C CD1 . LEU A 1 117 ? -6.142  0.674   -14.333 1.00 11.67 ? 1408 LEU A CD1 1 
ATOM   792  C CD2 . LEU A 1 117 ? -5.838  -0.259  -12.073 1.00 10.18 ? 1408 LEU A CD2 1 
ATOM   793  N N   . ARG A 1 118 ? -1.383  2.766   -12.329 1.00 7.58  ? 1409 ARG A N   1 
ATOM   794  C CA  . ARG A 1 118 ? 0.057   2.892   -12.516 1.00 8.38  ? 1409 ARG A CA  1 
ATOM   795  C C   . ARG A 1 118 ? 0.733   2.694   -11.145 1.00 6.61  ? 1409 ARG A C   1 
ATOM   796  O O   . ARG A 1 118 ? 1.763   1.991   -11.035 1.00 7.79  ? 1409 ARG A O   1 
ATOM   797  C CB  . ARG A 1 118 ? 0.393   4.245   -13.137 1.00 7.97  ? 1409 ARG A CB  1 
ATOM   798  C CG  . ARG A 1 118 ? 0.019   4.376   -14.616 1.00 9.24  ? 1409 ARG A CG  1 
ATOM   799  C CD  . ARG A 1 118 ? 0.604   5.672   -15.202 1.00 9.22  ? 1409 ARG A CD  1 
ATOM   800  N NE  . ARG A 1 118 ? 0.059   6.869   -14.578 1.00 10.06 ? 1409 ARG A NE  1 
ATOM   801  C CZ  . ARG A 1 118 ? -0.906  7.636   -15.066 1.00 10.64 ? 1409 ARG A CZ  1 
ATOM   802  N NH1 . ARG A 1 118 ? -1.515  7.326   -16.176 1.00 12.37 ? 1409 ARG A NH1 1 
ATOM   803  N NH2 . ARG A 1 118 ? -1.254  8.703   -14.351 1.00 12.39 ? 1409 ARG A NH2 1 
ATOM   804  N N   . LEU A 1 119 ? 0.194   3.277   -10.070 1.00 7.44  ? 1410 LEU A N   1 
ATOM   805  C CA  . LEU A 1 119 ? 0.864   3.236   -8.769  1.00 7.38  ? 1410 LEU A CA  1 
ATOM   806  C C   . LEU A 1 119 ? 0.829   1.787   -8.242  1.00 7.46  ? 1410 LEU A C   1 
ATOM   807  O O   . LEU A 1 119 ? 1.821   1.345   -7.668  1.00 6.99  ? 1410 LEU A O   1 
ATOM   808  C CB  . LEU A 1 119 ? 0.192   4.244   -7.842  1.00 8.54  ? 1410 LEU A CB  1 
ATOM   809  C CG  . LEU A 1 119 ? 0.981   4.545   -6.569  1.00 10.11 ? 1410 LEU A CG  1 
ATOM   810  C CD1 . LEU A 1 119 ? 2.200   5.413   -6.858  1.00 10.71 ? 1410 LEU A CD1 1 
ATOM   811  C CD2 . LEU A 1 119 ? 0.091   5.248   -5.553  1.00 10.24 ? 1410 LEU A CD2 1 
ATOM   812  N N   . SER A 1 120 ? -0.239  1.075   -8.525  1.00 7.53  ? 1411 SER A N   1 
ATOM   813  C CA  . SER A 1 120 ? -0.392  -0.347  -8.120  1.00 8.75  ? 1411 SER A CA  1 
ATOM   814  C C   . SER A 1 120 ? 0.715   -1.169  -8.805  1.00 8.28  ? 1411 SER A C   1 
ATOM   815  O O   . SER A 1 120 ? 1.365   -1.976  -8.157  1.00 7.59  ? 1411 SER A O   1 
ATOM   816  C CB  . SER A 1 120 ? -1.743  -0.858  -8.446  1.00 8.72  ? 1411 SER A CB  1 
ATOM   817  O OG  . SER A 1 120 ? -1.854  -2.253  -8.115  1.00 9.02  ? 1411 SER A OG  1 
ATOM   818  N N   . ALA A 1 121 ? 0.965   -0.936  -10.103 1.00 6.65  ? 1412 ALA A N   1 
ATOM   819  C CA  . ALA A 1 121 ? 1.969   -1.710  -10.852 1.00 6.99  ? 1412 ALA A CA  1 
ATOM   820  C C   . ALA A 1 121 ? 3.337   -1.442  -10.235 1.00 7.11  ? 1412 ALA A C   1 
ATOM   821  O O   . ALA A 1 121 ? 4.118   -2.354  -10.024 1.00 6.72  ? 1412 ALA A O   1 
ATOM   822  C CB  . ALA A 1 121 ? 1.954   -1.352  -12.287 1.00 7.32  ? 1412 ALA A CB  1 
ATOM   823  N N   . PHE A 1 122 ? 3.646   -0.175  -9.916  1.00 7.68  ? 1413 PHE A N   1 
ATOM   824  C CA  . PHE A 1 122 ? 4.937   0.177   -9.286  1.00 8.14  ? 1413 PHE A CA  1 
ATOM   825  C C   . PHE A 1 122 ? 5.050   -0.519  -7.917  1.00 7.95  ? 1413 PHE A C   1 
ATOM   826  O O   . PHE A 1 122 ? 6.093   -1.078  -7.605  1.00 8.53  ? 1413 PHE A O   1 
ATOM   827  C CB  . PHE A 1 122 ? 4.995   1.700   -9.172  1.00 8.35  ? 1413 PHE A CB  1 
ATOM   828  C CG  . PHE A 1 122 ? 6.214   2.235   -8.475  1.00 9.57  ? 1413 PHE A CG  1 
ATOM   829  C CD1 . PHE A 1 122 ? 7.416   2.386   -9.139  1.00 11.04 ? 1413 PHE A CD1 1 
ATOM   830  C CD2 . PHE A 1 122 ? 6.198   2.582   -7.135  1.00 9.09  ? 1413 PHE A CD2 1 
ATOM   831  C CE1 . PHE A 1 122 ? 8.553   2.853   -8.491  1.00 13.31 ? 1413 PHE A CE1 1 
ATOM   832  C CE2 . PHE A 1 122 ? 7.331   3.051   -6.487  1.00 10.61 ? 1413 PHE A CE2 1 
ATOM   833  C CZ  . PHE A 1 122 ? 8.512   3.229   -7.181  1.00 12.81 ? 1413 PHE A CZ  1 
ATOM   834  N N   . PHE A 1 123 ? 4.013   -0.399  -7.091  1.00 7.40  ? 1414 PHE A N   1 
ATOM   835  C CA  . PHE A 1 123 ? 4.021   -1.047  -5.778  1.00 7.72  ? 1414 PHE A CA  1 
ATOM   836  C C   . PHE A 1 123 ? 4.247   -2.578  -5.868  1.00 7.17  ? 1414 PHE A C   1 
ATOM   837  O O   . PHE A 1 123 ? 5.099   -3.113  -5.152  1.00 7.39  ? 1414 PHE A O   1 
ATOM   838  C CB  . PHE A 1 123 ? 2.730   -0.728  -5.011  1.00 7.55  ? 1414 PHE A CB  1 
ATOM   839  C CG  . PHE A 1 123 ? 2.656   -1.466  -3.675  1.00 7.72  ? 1414 PHE A CG  1 
ATOM   840  C CD1 . PHE A 1 123 ? 3.364   -1.010  -2.563  1.00 8.04  ? 1414 PHE A CD1 1 
ATOM   841  C CD2 . PHE A 1 123 ? 1.839   -2.605  -3.566  1.00 8.28  ? 1414 PHE A CD2 1 
ATOM   842  C CE1 . PHE A 1 123 ? 3.286   -1.691  -1.352  1.00 8.58  ? 1414 PHE A CE1 1 
ATOM   843  C CE2 . PHE A 1 123 ? 1.792   -3.302  -2.366  1.00 8.77  ? 1414 PHE A CE2 1 
ATOM   844  C CZ  . PHE A 1 123 ? 2.514   -2.854  -1.270  1.00 8.05  ? 1414 PHE A CZ  1 
ATOM   845  N N   . GLU A 1 124 ? 3.524   -3.301  -6.720  1.00 7.33  ? 1415 GLU A N   1 
ATOM   846  C CA  . GLU A 1 124 ? 3.657   -4.768  -6.818  1.00 8.71  ? 1415 GLU A CA  1 
ATOM   847  C C   . GLU A 1 124 ? 5.066   -5.117  -7.303  1.00 8.53  ? 1415 GLU A C   1 
ATOM   848  O O   . GLU A 1 124 ? 5.625   -6.079  -6.824  1.00 9.42  ? 1415 GLU A O   1 
ATOM   849  C CB  . GLU A 1 124 ? 2.539   -5.331  -7.693  1.00 9.11  ? 1415 GLU A CB  1 
ATOM   850  C CG  . GLU A 1 124 ? 1.166   -5.072  -7.069  1.00 9.25  ? 1415 GLU A CG  1 
ATOM   851  C CD  . GLU A 1 124 ? 0.855   -5.874  -5.822  1.00 10.46 ? 1415 GLU A CD  1 
ATOM   852  O OE1 . GLU A 1 124 ? 1.481   -6.909  -5.601  1.00 12.73 ? 1415 GLU A OE1 1 
ATOM   853  O OE2 . GLU A 1 124 ? 0.031   -5.404  -5.023  1.00 11.12 ? 1415 GLU A OE2 1 
ATOM   854  N N   . GLU A 1 125 ? 5.577   -4.378  -8.252  1.00 9.24  ? 1416 GLU A N   1 
ATOM   855  C CA  . GLU A 1 125 ? 6.969   -4.632  -8.766  1.00 9.83  ? 1416 GLU A CA  1 
ATOM   856  C C   . GLU A 1 125 ? 7.956   -4.621  -7.601  1.00 10.37 ? 1416 GLU A C   1 
ATOM   857  O O   . GLU A 1 125 ? 8.887   -5.447  -7.593  1.00 10.44 ? 1416 GLU A O   1 
ATOM   858  C CB  . GLU A 1 125 ? 7.319   -3.546  -9.798  1.00 10.28 ? 1416 GLU A CB  1 
ATOM   859  C CG  . GLU A 1 125 ? 8.717   -3.538  -10.363 1.00 10.75 ? 1416 GLU A CG  1 
ATOM   860  C CD  . GLU A 1 125 ? 8.814   -2.458  -11.442 1.00 10.17 ? 1416 GLU A CD  1 
ATOM   861  O OE1 . GLU A 1 125 ? 8.160   -2.633  -12.502 1.00 11.86 ? 1416 GLU A OE1 1 
ATOM   862  O OE2 . GLU A 1 125 ? 9.515   -1.423  -11.196 1.00 13.88 ? 1416 GLU A OE2 1 
ATOM   863  N N   . HIS A 1 126 ? 7.833   -3.679  -6.696  1.00 9.52  ? 1417 HIS A N   1 
ATOM   864  C CA  . HIS A 1 126 ? 8.823   -3.413  -5.626  1.00 11.20 ? 1417 HIS A CA  1 
ATOM   865  C C   . HIS A 1 126 ? 8.554   -4.272  -4.387  1.00 10.65 ? 1417 HIS A C   1 
ATOM   866  O O   . HIS A 1 126 ? 9.552   -4.617  -3.714  1.00 12.36 ? 1417 HIS A O   1 
ATOM   867  C CB  . HIS A 1 126 ? 8.877   -1.916  -5.319  1.00 12.05 ? 1417 HIS A CB  1 
ATOM   868  C CG  . HIS A 1 126 ? 9.596   -1.138  -6.344  1.00 15.15 ? 1417 HIS A CG  1 
ATOM   869  N ND1 . HIS A 1 126 ? 9.034   -0.785  -7.520  1.00 14.85 ? 1417 HIS A ND1 1 
ATOM   870  C CD2 . HIS A 1 126 ? 10.870  -0.730  -6.394  1.00 21.17 ? 1417 HIS A CD2 1 
ATOM   871  C CE1 . HIS A 1 126 ? 9.923   -0.158  -8.258  1.00 20.70 ? 1417 HIS A CE1 1 
ATOM   872  N NE2 . HIS A 1 126 ? 11.011  -0.077  -7.593  1.00 22.02 ? 1417 HIS A NE2 1 
ATOM   873  N N   . ILE A 1 127 ? 7.285   -4.612  -4.085  1.00 9.27  ? 1418 ILE A N   1 
ATOM   874  C CA  . ILE A 1 127 ? 6.976   -5.323  -2.820  1.00 9.09  ? 1418 ILE A CA  1 
ATOM   875  C C   . ILE A 1 127 ? 7.275   -6.814  -2.932  1.00 8.77  ? 1418 ILE A C   1 
ATOM   876  O O   . ILE A 1 127 ? 7.455   -7.501  -1.905  1.00 9.17  ? 1418 ILE A O   1 
ATOM   877  C CB  . ILE A 1 127 ? 5.537   -5.083  -2.323  1.00 8.20  ? 1418 ILE A CB  1 
ATOM   878  C CG1 . ILE A 1 127 ? 5.316   -5.331  -0.820  1.00 8.15  ? 1418 ILE A CG1 1 
ATOM   879  C CG2 . ILE A 1 127 ? 4.560   -5.892  -3.159  1.00 8.82  ? 1418 ILE A CG2 1 
ATOM   880  C CD1 . ILE A 1 127 ? 5.964   -4.469  0.132   1.00 8.93  ? 1418 ILE A CD1 1 
ATOM   881  N N   A SER A 1 128 ? 7.343   -7.363  -4.148  0.25 8.84  ? 1419 SER A N   1 
ATOM   882  N N   B SER A 1 128 ? 7.319   -7.330  -4.163  0.25 9.25  ? 1419 SER A N   1 
ATOM   883  C CA  A SER A 1 128 ? 7.519   -8.824  -4.354  0.25 9.03  ? 1419 SER A CA  1 
ATOM   884  C CA  B SER A 1 128 ? 7.581   -8.759  -4.471  0.25 9.73  ? 1419 SER A CA  1 
ATOM   885  C C   A SER A 1 128 ? 8.819   -9.340  -3.704  0.25 9.07  ? 1419 SER A C   1 
ATOM   886  C C   B SER A 1 128 ? 8.800   -9.293  -3.700  0.25 9.47  ? 1419 SER A C   1 
ATOM   887  O O   A SER A 1 128 ? 8.748   -10.386 -3.032  0.25 9.37  ? 1419 SER A O   1 
ATOM   888  O O   B SER A 1 128 ? 8.654   -10.288 -2.971  0.25 9.75  ? 1419 SER A O   1 
ATOM   889  C CB  A SER A 1 128 ? 7.410   -9.180  -5.816  0.25 9.29  ? 1419 SER A CB  1 
ATOM   890  C CB  B SER A 1 128 ? 7.740   -8.933  -5.955  0.25 10.66 ? 1419 SER A CB  1 
ATOM   891  O OG  A SER A 1 128 ? 8.381   -8.473  -6.571  0.25 9.36  ? 1419 SER A OG  1 
ATOM   892  O OG  B SER A 1 128 ? 8.138   -10.254 -6.229  0.25 11.65 ? 1419 SER A OG  1 
ATOM   893  N N   . SER A 1 129 ? 9.945   -8.630  -3.815  1.00 9.66  ? 1420 SER A N   1 
ATOM   894  C CA  . SER A 1 129 ? 11.214  -9.071  -3.186  1.00 10.38 ? 1420 SER A CA  1 
ATOM   895  C C   . SER A 1 129 ? 11.114  -8.961  -1.652  1.00 9.04  ? 1420 SER A C   1 
ATOM   896  O O   . SER A 1 129 ? 11.728  -9.730  -0.929  1.00 9.44  ? 1420 SER A O   1 
ATOM   897  C CB  . SER A 1 129 ? 12.411  -8.378  -3.751  1.00 12.02 ? 1420 SER A CB  1 
ATOM   898  O OG  . SER A 1 129 ? 12.432  -6.988  -3.524  1.00 17.29 ? 1420 SER A OG  1 
ATOM   899  N N   . VAL A 1 130 ? 10.424  -7.942  -1.191  1.00 8.62  ? 1421 VAL A N   1 
ATOM   900  C CA  . VAL A 1 130 ? 10.284  -7.695  0.271   1.00 7.55  ? 1421 VAL A CA  1 
ATOM   901  C C   . VAL A 1 130 ? 9.555   -8.895  0.880   1.00 8.72  ? 1421 VAL A C   1 
ATOM   902  O O   . VAL A 1 130 ? 9.980   -9.411  1.953   1.00 8.08  ? 1421 VAL A O   1 
ATOM   903  C CB  . VAL A 1 130 ? 9.546   -6.385  0.536   1.00 7.66  ? 1421 VAL A CB  1 
ATOM   904  C CG1 . VAL A 1 130 ? 9.347   -6.225  2.031   1.00 8.19  ? 1421 VAL A CG1 1 
ATOM   905  C CG2 . VAL A 1 130 ? 10.289  -5.183  -0.010  1.00 8.40  ? 1421 VAL A CG2 1 
ATOM   906  N N   . LEU A 1 131 ? 8.450   -9.299  0.257   1.00 8.44  ? 1422 LEU A N   1 
ATOM   907  C CA  . LEU A 1 131 ? 7.683   -10.453 0.759   1.00 8.36  ? 1422 LEU A CA  1 
ATOM   908  C C   . LEU A 1 131 ? 8.503   -11.740 0.677   1.00 8.93  ? 1422 LEU A C   1 
ATOM   909  O O   . LEU A 1 131 ? 8.529   -12.505 1.618   1.00 9.27  ? 1422 LEU A O   1 
ATOM   910  C CB  . LEU A 1 131 ? 6.396   -10.578 -0.078  1.00 8.09  ? 1422 LEU A CB  1 
ATOM   911  C CG  . LEU A 1 131 ? 5.317   -9.490  0.083   1.00 8.90  ? 1422 LEU A CG  1 
ATOM   912  C CD1 . LEU A 1 131 ? 4.207   -9.655  -0.947  1.00 9.42  ? 1422 LEU A CD1 1 
ATOM   913  C CD2 . LEU A 1 131 ? 4.774   -9.364  1.468   1.00 9.79  ? 1422 LEU A CD2 1 
ATOM   914  N N   . SER A 1 132 ? 9.160   -11.974 -0.462  1.00 9.66  ? 1423 SER A N   1 
ATOM   915  C CA  . SER A 1 132 ? 9.979   -13.192 -0.683  1.00 9.57  ? 1423 SER A CA  1 
ATOM   916  C C   . SER A 1 132 ? 11.066  -13.272 0.386   1.00 9.79  ? 1423 SER A C   1 
ATOM   917  O O   . SER A 1 132 ? 11.226  -14.339 0.999   1.00 10.02 ? 1423 SER A O   1 
ATOM   918  C CB  . SER A 1 132 ? 10.587  -13.216 -2.062  1.00 9.80  ? 1423 SER A CB  1 
ATOM   919  O OG  . SER A 1 132 ? 9.587   -13.398 -3.029  1.00 10.47 ? 1423 SER A OG  1 
ATOM   920  N N   . ASP A 1 133 ? 11.810  -12.183 0.552   1.00 9.25  ? 1424 ASP A N   1 
ATOM   921  C CA  . ASP A 1 133 ? 12.919  -12.172 1.529   1.00 9.59  ? 1424 ASP A CA  1 
ATOM   922  C C   . ASP A 1 133 ? 12.399  -12.420 2.947   1.00 8.52  ? 1424 ASP A C   1 
ATOM   923  O O   . ASP A 1 133 ? 13.059  -13.142 3.707   1.00 9.43  ? 1424 ASP A O   1 
ATOM   924  C CB  . ASP A 1 133 ? 13.734  -10.877 1.482   1.00 10.32 ? 1424 ASP A CB  1 
ATOM   925  C CG  . ASP A 1 133 ? 14.625  -10.705 0.279   1.00 14.02 ? 1424 ASP A CG  1 
ATOM   926  O OD1 . ASP A 1 133 ? 14.642  -11.615 -0.628  1.00 14.71 ? 1424 ASP A OD1 1 
ATOM   927  O OD2 . ASP A 1 133 ? 15.328  -9.683  0.291   1.00 20.95 ? 1424 ASP A OD2 1 
ATOM   928  N N   . TYR A 1 134 ? 11.294  -11.814 3.329   1.00 7.99  ? 1425 TYR A N   1 
ATOM   929  C CA  . TYR A 1 134 ? 10.727  -12.008 4.694   1.00 7.58  ? 1425 TYR A CA  1 
ATOM   930  C C   . TYR A 1 134 ? 10.377  -13.483 4.888   1.00 7.50  ? 1425 TYR A C   1 
ATOM   931  O O   . TYR A 1 134 ? 10.696  -14.090 5.922   1.00 9.32  ? 1425 TYR A O   1 
ATOM   932  C CB  . TYR A 1 134 ? 9.523   -11.095 4.914   1.00 7.99  ? 1425 TYR A CB  1 
ATOM   933  C CG  . TYR A 1 134 ? 8.822   -11.329 6.232   1.00 8.36  ? 1425 TYR A CG  1 
ATOM   934  C CD1 . TYR A 1 134 ? 9.371   -10.903 7.405   1.00 8.63  ? 1425 TYR A CD1 1 
ATOM   935  C CD2 . TYR A 1 134 ? 7.691   -12.113 6.324   1.00 9.19  ? 1425 TYR A CD2 1 
ATOM   936  C CE1 . TYR A 1 134 ? 8.775   -11.073 8.619   1.00 11.31 ? 1425 TYR A CE1 1 
ATOM   937  C CE2 . TYR A 1 134 ? 7.050   -12.313 7.528   1.00 10.07 ? 1425 TYR A CE2 1 
ATOM   938  C CZ  . TYR A 1 134 ? 7.620   -11.795 8.668   1.00 10.68 ? 1425 TYR A CZ  1 
ATOM   939  O OH  . TYR A 1 134 ? 7.094   -11.925 9.907   1.00 14.77 ? 1425 TYR A OH  1 
ATOM   940  N N   . LYS A 1 135 ? 9.620   -14.043 3.959   1.00 8.06  ? 1426 LYS A N   1 
ATOM   941  C CA  . LYS A 1 135 ? 9.114   -15.434 4.104   1.00 8.18  ? 1426 LYS A CA  1 
ATOM   942  C C   . LYS A 1 135 ? 10.295  -16.415 4.137   1.00 8.53  ? 1426 LYS A C   1 
ATOM   943  O O   . LYS A 1 135 ? 10.265  -17.368 4.927   1.00 8.33  ? 1426 LYS A O   1 
ATOM   944  C CB  . LYS A 1 135 ? 8.046   -15.760 3.065   1.00 9.06  ? 1426 LYS A CB  1 
ATOM   945  C CG  . LYS A 1 135 ? 6.797   -14.888 3.183   1.00 10.29 ? 1426 LYS A CG  1 
ATOM   946  C CD  . LYS A 1 135 ? 5.797   -15.207 2.089   1.00 11.79 ? 1426 LYS A CD  1 
ATOM   947  C CE  . LYS A 1 135 ? 4.549   -14.361 2.165   1.00 13.08 ? 1426 LYS A CE  1 
ATOM   948  N NZ  . LYS A 1 135 ? 3.508   -14.872 1.238   1.00 19.90 ? 1426 LYS A NZ  1 
ATOM   949  N N   A SER A 1 136 ? 11.338  -16.143 3.356   0.40 8.53  ? 1427 SER A N   1 
ATOM   950  N N   B SER A 1 136 ? 11.350  -16.148 3.368   0.10 8.78  ? 1427 SER A N   1 
ATOM   951  C CA  A SER A 1 136 ? 12.576  -16.966 3.327   0.40 9.04  ? 1427 SER A CA  1 
ATOM   952  C CA  B SER A 1 136 ? 12.550  -17.019 3.329   0.10 9.20  ? 1427 SER A CA  1 
ATOM   953  C C   A SER A 1 136 ? 13.252  -16.887 4.701   0.40 8.59  ? 1427 SER A C   1 
ATOM   954  C C   B SER A 1 136 ? 13.347  -16.866 4.636   0.10 9.16  ? 1427 SER A C   1 
ATOM   955  O O   A SER A 1 136 ? 13.604  -17.931 5.306   0.40 8.08  ? 1427 SER A O   1 
ATOM   956  O O   B SER A 1 136 ? 13.887  -17.876 5.113   0.10 9.22  ? 1427 SER A O   1 
ATOM   957  C CB  A SER A 1 136 ? 13.478  -16.481 2.251   0.40 9.46  ? 1427 SER A CB  1 
ATOM   958  C CB  B SER A 1 136 ? 13.364  -16.760 2.093   0.10 9.49  ? 1427 SER A CB  1 
ATOM   959  O OG  A SER A 1 136 ? 14.777  -17.048 2.394   0.40 12.51 ? 1427 SER A OG  1 
ATOM   960  O OG  B SER A 1 136 ? 14.017  -15.505 2.148   0.10 10.56 ? 1427 SER A OG  1 
ATOM   961  N N   . ALA A 1 137 ? 13.371  -15.667 5.237   1.00 9.48  ? 1428 ALA A N   1 
ATOM   962  C CA  . ALA A 1 137 ? 13.996  -15.425 6.546   1.00 10.16 ? 1428 ALA A CA  1 
ATOM   963  C C   . ALA A 1 137 ? 13.252  -16.178 7.614   1.00 10.00 ? 1428 ALA A C   1 
ATOM   964  O O   . ALA A 1 137 ? 13.876  -16.824 8.508   1.00 11.08 ? 1428 ALA A O   1 
ATOM   965  C CB  . ALA A 1 137 ? 14.025  -13.963 6.935   1.00 10.36 ? 1428 ALA A CB  1 
ATOM   966  N N   . LEU A 1 138 ? 11.922  -16.183 7.609   1.00 10.62 ? 1429 LEU A N   1 
ATOM   967  C CA  . LEU A 1 138 ? 11.171  -16.877 8.643   1.00 12.93 ? 1429 LEU A CA  1 
ATOM   968  C C   . LEU A 1 138 ? 11.350  -18.390 8.496   1.00 10.92 ? 1429 LEU A C   1 
ATOM   969  O O   . LEU A 1 138 ? 11.418  -19.109 9.555   1.00 10.99 ? 1429 LEU A O   1 
ATOM   970  C CB  . LEU A 1 138 ? 9.709   -16.419 8.553   1.00 16.69 ? 1429 LEU A CB  1 
ATOM   971  C CG  . LEU A 1 138 ? 9.038   -16.112 9.873   1.00 21.32 ? 1429 LEU A CG  1 
ATOM   972  C CD1 . LEU A 1 138 ? 9.790   -15.154 10.763  1.00 18.85 ? 1429 LEU A CD1 1 
ATOM   973  C CD2 . LEU A 1 138 ? 7.629   -15.600 9.622   1.00 22.54 ? 1429 LEU A CD2 1 
ATOM   974  N N   . ARG A 1 139 ? 11.359  -18.902 7.249   1.00 9.12  ? 1430 ARG A N   1 
ATOM   975  C CA  . ARG A 1 139 ? 11.610  -20.328 7.040   1.00 9.02  ? 1430 ARG A CA  1 
ATOM   976  C C   . ARG A 1 139 ? 12.979  -20.729 7.620   1.00 8.12  ? 1430 ARG A C   1 
ATOM   977  O O   . ARG A 1 139 ? 13.126  -21.791 8.270   1.00 8.99  ? 1430 ARG A O   1 
ATOM   978  C CB  . ARG A 1 139 ? 11.457  -20.701 5.564   1.00 8.74  ? 1430 ARG A CB  1 
ATOM   979  C CG  . ARG A 1 139 ? 10.007  -20.702 5.081   1.00 9.65  ? 1430 ARG A CG  1 
ATOM   980  C CD  . ARG A 1 139 ? 9.896   -21.245 3.702   1.00 9.87  ? 1430 ARG A CD  1 
ATOM   981  N NE  . ARG A 1 139 ? 10.620  -20.587 2.664   1.00 10.58 ? 1430 ARG A NE  1 
ATOM   982  C CZ  . ARG A 1 139 ? 10.174  -19.590 1.879   1.00 9.78  ? 1430 ARG A CZ  1 
ATOM   983  N NH1 . ARG A 1 139 ? 8.923   -19.178 1.993   1.00 9.62  ? 1430 ARG A NH1 1 
ATOM   984  N NH2 . ARG A 1 139 ? 10.913  -19.182 0.871   1.00 9.92  ? 1430 ARG A NH2 1 
ATOM   985  N N   . PHE A 1 140 ? 13.995  -19.898 7.416   1.00 8.67  ? 1431 PHE A N   1 
ATOM   986  C CA  . PHE A 1 140 ? 15.359  -20.198 7.886   1.00 8.25  ? 1431 PHE A CA  1 
ATOM   987  C C   . PHE A 1 140 ? 15.371  -20.178 9.408   1.00 9.33  ? 1431 PHE A C   1 
ATOM   988  O O   . PHE A 1 140 ? 15.883  -21.106 10.051  1.00 9.14  ? 1431 PHE A O   1 
ATOM   989  C CB  . PHE A 1 140 ? 16.350  -19.211 7.293   1.00 8.24  ? 1431 PHE A CB  1 
ATOM   990  C CG  . PHE A 1 140 ? 17.771  -19.538 7.644   1.00 10.18 ? 1431 PHE A CG  1 
ATOM   991  C CD1 . PHE A 1 140 ? 18.399  -20.550 6.936   1.00 11.52 ? 1431 PHE A CD1 1 
ATOM   992  C CD2 . PHE A 1 140 ? 18.453  -18.987 8.710   1.00 10.78 ? 1431 PHE A CD2 1 
ATOM   993  C CE1 . PHE A 1 140 ? 19.704  -20.930 7.201   1.00 12.77 ? 1431 PHE A CE1 1 
ATOM   994  C CE2 . PHE A 1 140 ? 19.749  -19.389 8.991   1.00 11.95 ? 1431 PHE A CE2 1 
ATOM   995  C CZ  . PHE A 1 140 ? 20.365  -20.338 8.208   1.00 12.32 ? 1431 PHE A CZ  1 
ATOM   996  N N   . HIS A 1 141 ? 14.640  -19.241 9.989   1.00 11.10 ? 1432 HIS A N   1 
ATOM   997  C CA  . HIS A 1 141 ? 14.488  -19.212 11.479  1.00 12.89 ? 1432 HIS A CA  1 
ATOM   998  C C   . HIS A 1 141 ? 13.905  -20.517 12.055  1.00 14.96 ? 1432 HIS A C   1 
ATOM   999  O O   . HIS A 1 141 ? 14.347  -20.969 13.117  1.00 15.40 ? 1432 HIS A O   1 
ATOM   1000 C CB  . HIS A 1 141 ? 13.702  -17.977 11.867  1.00 11.57 ? 1432 HIS A CB  1 
ATOM   1001 C CG  . HIS A 1 141 ? 13.705  -17.750 13.345  1.00 12.29 ? 1432 HIS A CG  1 
ATOM   1002 N ND1 . HIS A 1 141 ? 14.825  -17.218 13.958  1.00 11.47 ? 1432 HIS A ND1 1 
ATOM   1003 C CD2 . HIS A 1 141 ? 12.751  -17.888 14.273  1.00 13.26 ? 1432 HIS A CD2 1 
ATOM   1004 C CE1 . HIS A 1 141 ? 14.553  -17.094 15.288  1.00 12.41 ? 1432 HIS A CE1 1 
ATOM   1005 N NE2 . HIS A 1 141 ? 13.310  -17.495 15.485  1.00 12.56 ? 1432 HIS A NE2 1 
ATOM   1006 N N   . LYS A 1 142 ? 12.914  -21.109 11.386  1.00 14.67 ? 1433 LYS A N   1 
ATOM   1007 C CA  . LYS A 1 142 ? 12.213  -22.330 11.865  1.00 17.55 ? 1433 LYS A CA  1 
ATOM   1008 C C   . LYS A 1 142 ? 12.793  -23.585 11.194  1.00 18.27 ? 1433 LYS A C   1 
ATOM   1009 O O   . LYS A 1 142 ? 12.117  -24.631 11.219  1.00 20.85 ? 1433 LYS A O   1 
ATOM   1010 C CB  . LYS A 1 142 ? 10.709  -22.146 11.615  1.00 19.61 ? 1433 LYS A CB  1 
ATOM   1011 C CG  . LYS A 1 142 ? 10.102  -20.885 12.219  1.00 20.91 ? 1433 LYS A CG  1 
ATOM   1012 C CD  . LYS A 1 142 ? 8.633   -20.706 11.920  1.00 21.88 ? 1433 LYS A CD  1 
ATOM   1013 C CE  . LYS A 1 142 ? 8.279   -19.278 11.565  1.00 22.91 ? 1433 LYS A CE  1 
ATOM   1014 N NZ  . LYS A 1 142 ? 7.036   -19.202 10.760  1.00 22.24 ? 1433 LYS A NZ  1 
ATOM   1015 N N   . ARG A 1 143 ? 14.008  -23.518 10.643  1.00 17.49 ? 1434 ARG A N   1 
ATOM   1016 C CA  . ARG A 1 143 ? 14.626  -24.661 9.921   1.00 20.92 ? 1434 ARG A CA  1 
ATOM   1017 C C   . ARG A 1 143 ? 14.877  -25.884 10.819  1.00 30.25 ? 1434 ARG A C   1 
ATOM   1018 O O   . ARG A 1 143 ? 14.946  -27.026 10.263  1.00 32.29 ? 1434 ARG A O   1 
ATOM   1019 C CB  . ARG A 1 143 ? 15.863  -24.197 9.146   1.00 17.18 ? 1434 ARG A CB  1 
ATOM   1020 C CG  . ARG A 1 143 ? 17.067  -23.954 10.034  1.00 16.22 ? 1434 ARG A CG  1 
ATOM   1021 C CD  . ARG A 1 143 ? 18.163  -23.217 9.310   1.00 16.90 ? 1434 ARG A CD  1 
ATOM   1022 N NE  . ARG A 1 143 ? 19.311  -23.074 10.173  1.00 15.07 ? 1434 ARG A NE  1 
ATOM   1023 C CZ  . ARG A 1 143 ? 19.466  -22.222 11.135  1.00 15.91 ? 1434 ARG A CZ  1 
ATOM   1024 N NH1 . ARG A 1 143 ? 18.538  -21.318 11.421  1.00 13.62 ? 1434 ARG A NH1 1 
ATOM   1025 N NH2 . ARG A 1 143 ? 20.605  -22.237 11.797  1.00 18.64 ? 1434 ARG A NH2 1 
ATOM   1026 N N   . ASN A 1 144 ? 15.071  -25.659 12.122  1.00 28.79 ? 1435 ASN A N   1 
ATOM   1027 C CA  . ASN A 1 144 ? 15.397  -26.700 13.141  1.00 32.71 ? 1435 ASN A CA  1 
ATOM   1028 C C   . ASN A 1 144 ? 14.336  -26.674 14.252  1.00 32.51 ? 1435 ASN A C   1 
ATOM   1029 O O   . ASN A 1 144 ? 14.691  -26.995 15.413  1.00 35.31 ? 1435 ASN A O   1 
ATOM   1030 C CB  . ASN A 1 144 ? 16.796  -26.495 13.739  1.00 33.12 ? 1435 ASN A CB  1 
ATOM   1031 C CG  . ASN A 1 144 ? 17.930  -26.749 12.766  1.00 32.97 ? 1435 ASN A CG  1 
ATOM   1032 O OD1 . ASN A 1 144 ? 17.747  -27.367 11.719  1.00 31.91 ? 1435 ASN A OD1 1 
ATOM   1033 N ND2 . ASN A 1 144 ? 19.115  -26.274 13.111  1.00 32.93 ? 1435 ASN A ND2 1 
HETATM 1034 N N1  . ZLC B 2 .   ? -10.871 8.455   -4.749  0.57 8.52  ? 1901 ZLC A N1  1 
HETATM 1035 N N3  . ZLC B 2 .   ? -8.348  12.068  -2.373  0.57 10.99 ? 1901 ZLC A N3  1 
HETATM 1036 C C4  . ZLC B 2 .   ? -11.654 7.020   -8.141  0.57 7.63  ? 1901 ZLC A C4  1 
HETATM 1037 C C5  . ZLC B 2 .   ? -11.438 7.878   -7.116  0.57 7.90  ? 1901 ZLC A C5  1 
HETATM 1038 C C6  . ZLC B 2 .   ? -10.790 7.633   -5.820  0.57 8.01  ? 1901 ZLC A C6  1 
HETATM 1039 C C7  . ZLC B 2 .   ? -11.778 9.590   -4.557  0.57 8.81  ? 1901 ZLC A C7  1 
HETATM 1040 C C8  . ZLC B 2 .   ? -10.975 10.869  -4.673  0.57 9.30  ? 1901 ZLC A C8  1 
HETATM 1041 C C10 . ZLC B 2 .   ? -9.929  8.389   -3.638  0.57 8.58  ? 1901 ZLC A C10 1 
HETATM 1042 C C13 . ZLC B 2 .   ? -7.008  14.096  -2.763  0.57 13.37 ? 1901 ZLC A C13 1 
HETATM 1043 C C15 . ZLC B 2 .   ? -6.063  14.870  -4.715  0.57 14.82 ? 1901 ZLC A C15 1 
HETATM 1044 C C1  . ZLC B 2 .   ? -13.096 10.229  -9.249  0.57 7.47  ? 1901 ZLC A C1  1 
HETATM 1045 C C11 . ZLC B 2 .   ? -9.525  12.021  -3.033  0.57 10.01 ? 1901 ZLC A C11 1 
HETATM 1046 C C12 . ZLC B 2 .   ? -7.813  13.299  -1.809  0.57 12.57 ? 1901 ZLC A C12 1 
HETATM 1047 C C14 . ZLC B 2 .   ? -7.170  14.191  -4.158  0.57 13.82 ? 1901 ZLC A C14 1 
HETATM 1048 C C16 . ZLC B 2 .   ? -5.200  15.342  -3.800  0.57 15.22 ? 1901 ZLC A C16 1 
HETATM 1049 C C2  . ZLC B 2 .   ? -12.486 9.005   -8.691  0.57 7.79  ? 1901 ZLC A C2  1 
HETATM 1050 C C3  . ZLC B 2 .   ? -12.331 7.742   -9.140  0.57 7.38  ? 1901 ZLC A C3  1 
HETATM 1051 C C9  . ZLC B 2 .   ? -9.091  9.651   -3.621  0.57 8.53  ? 1901 ZLC A C9  1 
HETATM 1052 N N2  . ZLC B 2 .   ? -9.872  10.886  -3.709  0.57 9.26  ? 1901 ZLC A N2  1 
HETATM 1053 O O1  . ZLC B 2 .   ? -11.999 9.113   -7.416  0.57 7.47  ? 1901 ZLC A O1  1 
HETATM 1054 O O2  . ZLC B 2 .   ? -10.069 6.635   -5.741  0.57 7.95  ? 1901 ZLC A O2  1 
HETATM 1055 O O3  . ZLC B 2 .   ? -10.254 13.018  -3.101  0.57 10.12 ? 1901 ZLC A O3  1 
HETATM 1056 S S1  . ZLC B 2 .   ? -5.714  15.041  -2.213  0.57 17.64 ? 1901 ZLC A S1  1 
HETATM 1057 O O   . HOH C 3 .   ? -2.887  14.107  -1.372  0.57 53.72 ? 2001 HOH A O   1 
HETATM 1058 O O   . HOH C 3 .   ? 3.935   -14.370 -0.971  1.00 35.11 ? 2002 HOH A O   1 
HETATM 1059 O O   . HOH C 3 .   ? -17.127 0.408   7.819   1.00 39.03 ? 2003 HOH A O   1 
HETATM 1060 O O   . HOH C 3 .   ? -8.917  5.462   -22.657 1.00 31.91 ? 2004 HOH A O   1 
HETATM 1061 O O   . HOH C 3 .   ? 7.927   -11.098 11.989  1.00 29.05 ? 2005 HOH A O   1 
HETATM 1062 O O   . HOH C 3 .   ? -3.903  -1.777  9.412   1.00 30.70 ? 2006 HOH A O   1 
HETATM 1063 O O   . HOH C 3 .   ? -25.329 7.157   -2.656  1.00 26.45 ? 2007 HOH A O   1 
HETATM 1064 O O   . HOH C 3 .   ? -18.617 0.189   -6.758  1.00 13.86 ? 2008 HOH A O   1 
HETATM 1065 O O   . HOH C 3 .   ? -10.240 15.073  -5.946  0.57 17.86 ? 2009 HOH A O   1 
HETATM 1066 O O   . HOH C 3 .   ? -12.612 13.279  5.013   0.57 23.68 ? 2010 HOH A O   1 
HETATM 1067 O O   . HOH C 3 .   ? 15.815  -19.226 1.524   1.00 19.18 ? 2011 HOH A O   1 
HETATM 1068 O O   . HOH C 3 .   ? -2.159  12.507  5.066   0.57 21.99 ? 2012 HOH A O   1 
HETATM 1069 O O   . HOH C 3 .   ? 4.049   3.108   18.935  1.00 29.94 ? 2013 HOH A O   1 
HETATM 1070 O O   . HOH C 3 .   ? 12.069  -4.066  -3.700  1.00 28.38 ? 2014 HOH A O   1 
HETATM 1071 O O   . HOH C 3 .   ? 1.400   -11.885 8.841   1.00 24.91 ? 2015 HOH A O   1 
HETATM 1072 O O   . HOH C 3 .   ? -12.137 -2.056  -1.485  1.00 10.62 ? 2016 HOH A O   1 
HETATM 1073 O O   . HOH C 3 .   ? 5.013   13.877  -1.327  0.57 15.34 ? 2017 HOH A O   1 
HETATM 1074 O O   . HOH C 3 .   ? -10.122 2.790   7.743   1.00 22.72 ? 2018 HOH A O   1 
HETATM 1075 O O   . HOH C 3 .   ? -1.716  -3.589  -5.733  1.00 13.56 ? 2019 HOH A O   1 
HETATM 1076 O O   . HOH C 3 .   ? -4.041  9.608   -15.062 1.00 24.79 ? 2020 HOH A O   1 
HETATM 1077 O O   . HOH C 3 .   ? 17.801  -14.523 -0.638  1.00 44.41 ? 2021 HOH A O   1 
HETATM 1078 O O   . HOH C 3 .   ? -11.110 14.762  -1.312  0.57 10.73 ? 2022 HOH A O   1 
HETATM 1079 O O   . HOH C 3 .   ? 8.286   1.799   15.259  1.00 12.83 ? 2023 HOH A O   1 
HETATM 1080 O O   . HOH C 3 .   ? -10.577 5.224   -3.207  0.57 9.32  ? 2024 HOH A O   1 
HETATM 1081 O O   . HOH C 3 .   ? 13.853  -13.521 -2.310  1.00 31.02 ? 2025 HOH A O   1 
HETATM 1082 O O   . HOH C 3 .   ? 7.241   -5.003  -13.308 1.00 19.55 ? 2026 HOH A O   1 
HETATM 1083 O O   . HOH C 3 .   ? -21.502 10.568  -7.364  0.57 14.92 ? 2027 HOH A O   1 
HETATM 1084 O O   . HOH C 3 .   ? -9.924  4.756   0.466   0.57 8.82  ? 2028 HOH A O   1 
HETATM 1085 O O   . HOH C 3 .   ? 8.249   6.214   4.772   1.00 26.69 ? 2029 HOH A O   1 
HETATM 1086 O O   . HOH C 3 .   ? 3.285   -13.379 16.513  1.00 34.13 ? 2030 HOH A O   1 
HETATM 1087 O O   . HOH C 3 .   ? -16.763 1.178   -10.177 1.00 13.51 ? 2031 HOH A O   1 
HETATM 1088 O O   . HOH C 3 .   ? 5.845   17.171  -9.039  1.00 20.39 ? 2032 HOH A O   1 
HETATM 1089 O O   . HOH C 3 .   ? 7.795   -19.720 8.236   1.00 24.11 ? 2033 HOH A O   1 
HETATM 1090 O O   . HOH C 3 .   ? -7.427  6.384   -18.635 1.00 27.44 ? 2034 HOH A O   1 
HETATM 1091 O O   . HOH C 3 .   ? -19.648 12.166  -5.859  1.00 41.87 ? 2035 HOH A O   1 
HETATM 1092 O O   . HOH C 3 .   ? -1.367  2.764   14.337  1.00 28.81 ? 2036 HOH A O   1 
HETATM 1093 O O   . HOH C 3 .   ? -7.048  0.445   -8.404  1.00 9.60  ? 2037 HOH A O   1 
HETATM 1094 O O   . HOH C 3 .   ? -22.091 13.206  2.326   1.00 25.79 ? 2038 HOH A O   1 
HETATM 1095 O O   . HOH C 3 .   ? 15.381  -23.411 13.665  1.00 48.60 ? 2039 HOH A O   1 
HETATM 1096 O O   . HOH C 3 .   ? -12.704 13.900  -9.603  1.00 26.59 ? 2040 HOH A O   1 
HETATM 1097 O O   . HOH C 3 .   ? -0.525  2.432   18.389  1.00 27.25 ? 2041 HOH A O   1 
HETATM 1098 O O   . HOH C 3 .   ? 8.212   0.699   -12.289 1.00 11.33 ? 2042 HOH A O   1 
HETATM 1099 O O   . HOH C 3 .   ? -6.773  -5.700  0.846   1.00 11.02 ? 2043 HOH A O   1 
HETATM 1100 O O   . HOH C 3 .   ? 16.978  -16.789 12.343  1.00 10.93 ? 2044 HOH A O   1 
HETATM 1101 O O   . HOH C 3 .   ? 14.130  -2.875  9.123   1.00 10.35 ? 2045 HOH A O   1 
HETATM 1102 O O   . HOH C 3 .   ? -2.255  16.715  -14.512 0.57 8.32  ? 2046 HOH A O   1 
HETATM 1103 O O   . HOH C 3 .   ? -9.272  18.634  -1.376  0.57 19.19 ? 2047 HOH A O   1 
HETATM 1104 O O   . HOH C 3 .   ? -7.971  8.830   -0.192  0.57 15.46 ? 2048 HOH A O   1 
HETATM 1105 O O   . HOH C 3 .   ? 16.214  -16.086 9.757   1.00 11.71 ? 2049 HOH A O   1 
HETATM 1106 O O   . HOH C 3 .   ? -3.487  -5.320  7.270   1.00 19.83 ? 2050 HOH A O   1 
HETATM 1107 O O   . HOH C 3 .   ? -0.640  11.901  -12.700 1.00 20.93 ? 2051 HOH A O   1 
HETATM 1108 O O   . HOH C 3 .   ? -8.474  -5.047  -1.170  1.00 11.54 ? 2052 HOH A O   1 
HETATM 1109 O O   . HOH C 3 .   ? -6.707  6.437   -0.759  0.57 6.55  ? 2053 HOH A O   1 
HETATM 1110 O O   . HOH C 3 .   ? 4.658   -13.173 10.282  1.00 27.26 ? 2054 HOH A O   1 
HETATM 1111 O O   . HOH C 3 .   ? -4.292  -3.271  -8.933  1.00 22.52 ? 2055 HOH A O   1 
HETATM 1112 O O   . HOH C 3 .   ? -14.742 7.794   -19.254 0.57 16.57 ? 2056 HOH A O   1 
HETATM 1113 O O   . HOH C 3 .   ? 12.175  -2.160  -10.989 1.00 25.28 ? 2057 HOH A O   1 
HETATM 1114 O O   . HOH C 3 .   ? -8.172  7.198   4.420   1.00 18.27 ? 2058 HOH A O   1 
HETATM 1115 O O   . HOH C 3 .   ? 12.554  1.213   11.138  1.00 23.72 ? 2059 HOH A O   1 
HETATM 1116 O O   . HOH C 3 .   ? -0.901  -9.665  2.016   1.00 18.66 ? 2060 HOH A O   1 
HETATM 1117 O O   . HOH C 3 .   ? 3.914   -8.192  -6.020  1.00 14.75 ? 2061 HOH A O   1 
HETATM 1118 O O   . HOH C 3 .   ? -3.773  8.707   -17.035 0.57 14.96 ? 2062 HOH A O   1 
HETATM 1119 O O   . HOH C 3 .   ? 3.484   6.575   13.764  0.57 10.62 ? 2063 HOH A O   1 
HETATM 1120 O O   . HOH C 3 .   ? -12.655 9.534   -18.787 0.57 16.50 ? 2064 HOH A O   1 
HETATM 1121 O O   . HOH C 3 .   ? -1.996  -2.086  -12.212 1.00 18.54 ? 2065 HOH A O   1 
HETATM 1122 O O   . HOH C 3 .   ? -9.281  -1.687  -14.945 1.00 25.46 ? 2066 HOH A O   1 
HETATM 1123 O O   . HOH C 3 .   ? -19.189 3.323   5.136   1.00 23.37 ? 2067 HOH A O   1 
HETATM 1124 O O   . HOH C 3 .   ? 10.760  -6.816  -6.039  1.00 15.07 ? 2068 HOH A O   1 
HETATM 1125 O O   . HOH C 3 .   ? -8.373  4.655   -1.880  0.57 7.35  ? 2069 HOH A O   1 
HETATM 1126 O O   . HOH C 3 .   ? -3.344  3.634   -15.843 1.00 11.19 ? 2070 HOH A O   1 
HETATM 1127 O O   . HOH C 3 .   ? -6.271  -4.234  -4.767  1.00 10.72 ? 2071 HOH A O   1 
HETATM 1128 O O   . HOH C 3 .   ? 18.751  -18.893 12.811  1.00 20.46 ? 2072 HOH A O   1 
HETATM 1129 O O   . HOH C 3 .   ? 11.565  -0.669  14.663  1.00 14.73 ? 2073 HOH A O   1 
HETATM 1130 O O   . HOH C 3 .   ? 12.547  -0.883  -0.630  1.00 21.64 ? 2074 HOH A O   1 
HETATM 1131 O O   . HOH C 3 .   ? 6.708   -12.216 -3.666  1.00 17.00 ? 2075 HOH A O   1 
HETATM 1132 O O   . HOH C 3 .   ? 14.992  -20.225 4.019   1.00 12.95 ? 2076 HOH A O   1 
HETATM 1133 O O   . HOH C 3 .   ? 13.457  5.406   -0.392  0.50 23.76 ? 2077 HOH A O   1 
HETATM 1134 O O   . HOH C 3 .   ? 10.422  -12.294 -5.489  1.00 18.90 ? 2078 HOH A O   1 
HETATM 1135 O O   . HOH C 3 .   ? 12.185  -8.470  3.600   1.00 9.95  ? 2079 HOH A O   1 
HETATM 1136 O O   . HOH C 3 .   ? 9.303   -7.354  -9.639  1.00 25.16 ? 2080 HOH A O   1 
HETATM 1137 O O   . HOH C 3 .   ? 2.223   9.651   7.783   1.00 36.93 ? 2081 HOH A O   1 
HETATM 1138 O O   . HOH C 3 .   ? 13.245  -21.638 2.474   1.00 16.24 ? 2082 HOH A O   1 
HETATM 1139 O O   . HOH C 3 .   ? 19.634  -6.285  6.983   1.00 31.37 ? 2083 HOH A O   1 
HETATM 1140 O O   . HOH C 3 .   ? 4.009   2.692   -12.640 1.00 13.83 ? 2084 HOH A O   1 
HETATM 1141 O O   . HOH C 3 .   ? -9.698  17.053  -4.115  1.00 17.62 ? 2085 HOH A O   1 
HETATM 1142 O O   . HOH C 3 .   ? 7.662   -17.947 5.947   1.00 12.67 ? 2086 HOH A O   1 
HETATM 1143 O O   . HOH C 3 .   ? -20.691 9.365   2.042   1.00 23.99 ? 2087 HOH A O   1 
HETATM 1144 O O   . HOH C 3 .   ? -13.720 -0.487  1.679   1.00 14.23 ? 2088 HOH A O   1 
HETATM 1145 O O   . HOH C 3 .   ? 7.468   -12.139 -8.290  1.00 34.36 ? 2089 HOH A O   1 
HETATM 1146 O O   . HOH C 3 .   ? 15.882  -8.663  2.922   1.00 16.35 ? 2090 HOH A O   1 
HETATM 1147 O O   . HOH C 3 .   ? 0.786   16.140  -0.914  1.00 30.44 ? 2091 HOH A O   1 
HETATM 1148 O O   . HOH C 3 .   ? 15.539  -10.565 4.822   1.00 15.45 ? 2092 HOH A O   1 
HETATM 1149 O O   . HOH C 3 .   ? -13.945 -0.388  -11.819 0.57 20.50 ? 2093 HOH A O   1 
HETATM 1150 O O   . HOH C 3 .   ? -2.204  -3.240  11.535  1.00 21.90 ? 2094 HOH A O   1 
HETATM 1151 O O   . HOH C 3 .   ? 6.685   -12.028 14.533  0.50 52.56 ? 2095 HOH A O   1 
HETATM 1152 O O   . HOH C 3 .   ? 16.314  -3.275  5.624   1.00 18.35 ? 2096 HOH A O   1 
HETATM 1153 O O   . HOH C 3 .   ? -7.424  -3.718  -11.246 1.00 22.55 ? 2097 HOH A O   1 
HETATM 1154 O O   . HOH C 3 .   ? 11.575  -24.148 7.593   1.00 21.68 ? 2098 HOH A O   1 
HETATM 1155 O O   . HOH C 3 .   ? 6.801   -19.728 3.897   1.00 14.80 ? 2099 HOH A O   1 
HETATM 1156 O O   . HOH C 3 .   ? 6.492   14.783  -7.289  1.00 19.75 ? 2100 HOH A O   1 
HETATM 1157 O O   . HOH C 3 .   ? -7.196  -4.168  5.235   1.00 23.99 ? 2101 HOH A O   1 
HETATM 1158 O O   . HOH C 3 .   ? -12.610 -3.154  -5.993  1.00 17.64 ? 2102 HOH A O   1 
HETATM 1159 O O   . HOH C 3 .   ? 5.147   -1.791  12.068  1.00 9.55  ? 2103 HOH A O   1 
HETATM 1160 O O   . HOH C 3 .   ? -3.981  0.994   10.570  1.00 27.37 ? 2104 HOH A O   1 
HETATM 1161 O O   . HOH C 3 .   ? 3.703   -4.850  -11.499 1.00 18.18 ? 2105 HOH A O   1 
HETATM 1162 O O   . HOH C 3 .   ? 6.939   5.802   16.632  1.00 43.30 ? 2106 HOH A O   1 
HETATM 1163 O O   . HOH C 3 .   ? -1.665  4.865   -17.779 1.00 12.14 ? 2107 HOH A O   1 
HETATM 1164 O O   . HOH C 3 .   ? -15.093 14.833  4.906   1.00 28.69 ? 2108 HOH A O   1 
HETATM 1165 O O   . HOH C 3 .   ? 9.185   11.073  -0.278  1.00 20.28 ? 2109 HOH A O   1 
HETATM 1166 O O   . HOH C 3 .   ? 0.343   -11.612 -1.579  1.00 26.20 ? 2110 HOH A O   1 
HETATM 1167 O O   . HOH C 3 .   ? 9.954   -7.445  12.354  1.00 17.58 ? 2111 HOH A O   1 
HETATM 1168 O O   . HOH C 3 .   ? 10.510  -9.856  14.365  1.00 18.52 ? 2112 HOH A O   1 
HETATM 1169 O O   . HOH C 3 .   ? 9.536   7.805   -6.998  1.00 30.32 ? 2113 HOH A O   1 
HETATM 1170 O O   . HOH C 3 .   ? 12.505  -9.167  6.360   1.00 8.54  ? 2114 HOH A O   1 
HETATM 1171 O O   . HOH C 3 .   ? -3.141  -8.919  0.325   1.00 11.72 ? 2115 HOH A O   1 
HETATM 1172 O O   . HOH C 3 .   ? 4.356   14.967  -5.556  1.00 25.07 ? 2116 HOH A O   1 
HETATM 1173 O O   . HOH C 3 .   ? 16.523  -5.186  9.983   1.00 14.07 ? 2117 HOH A O   1 
HETATM 1174 O O   . HOH C 3 .   ? -10.701 -4.035  -14.708 1.00 29.03 ? 2118 HOH A O   1 
HETATM 1175 O O   . HOH C 3 .   ? 6.190   11.517  -10.491 1.00 20.07 ? 2119 HOH A O   1 
HETATM 1176 O O   . HOH C 3 .   ? -0.872  -3.947  -10.409 1.00 17.18 ? 2120 HOH A O   1 
HETATM 1177 O O   . HOH C 3 .   ? 2.110   1.483   19.068  1.00 21.99 ? 2121 HOH A O   1 
HETATM 1178 O O   . HOH C 3 .   ? 6.996   -8.517  -9.262  1.00 33.93 ? 2122 HOH A O   1 
HETATM 1179 O O   . HOH C 3 .   ? -11.344 8.547   2.884   0.57 16.23 ? 2123 HOH A O   1 
HETATM 1180 O O   . HOH C 3 .   ? -10.973 11.152  -11.604 1.00 12.43 ? 2124 HOH A O   1 
HETATM 1181 O O   . HOH C 3 .   ? 11.209  -4.959  11.815  1.00 12.60 ? 2125 HOH A O   1 
HETATM 1182 O O   . HOH C 3 .   ? 0.838   14.155  -12.866 0.57 17.44 ? 2126 HOH A O   1 
HETATM 1183 O O   . HOH C 3 .   ? 3.897   9.172   -10.704 0.57 14.60 ? 2127 HOH A O   1 
HETATM 1184 O O   . HOH C 3 .   ? 0.733   -13.796 2.008   1.00 25.78 ? 2128 HOH A O   1 
HETATM 1185 O O   . HOH C 3 .   ? -0.638  15.497  -11.271 1.00 24.34 ? 2129 HOH A O   1 
HETATM 1186 O O   . HOH C 3 .   ? 11.202  -9.540  -7.238  1.00 24.32 ? 2130 HOH A O   1 
HETATM 1187 O O   . HOH C 3 .   ? 19.011  -10.304 5.229   1.00 23.35 ? 2131 HOH A O   1 
HETATM 1188 O O   . HOH C 3 .   ? -14.377 -4.536  -12.487 0.57 21.80 ? 2132 HOH A O   1 
HETATM 1189 O O   . HOH C 3 .   ? -20.294 -3.558  0.855   0.57 24.39 ? 2133 HOH A O   1 
HETATM 1190 O O   . HOH C 3 .   ? 1.959   -11.163 -3.542  1.00 21.31 ? 2134 HOH A O   1 
HETATM 1191 O O   . HOH C 3 .   ? -7.202  5.569   6.308   0.57 14.01 ? 2135 HOH A O   1 
HETATM 1192 O O   . HOH C 3 .   ? -23.999 6.213   -3.349  1.00 33.02 ? 2136 HOH A O   1 
HETATM 1193 O O   . HOH C 3 .   ? -16.274 -1.014  0.567   1.00 25.32 ? 2137 HOH A O   1 
HETATM 1194 O O   . HOH C 3 .   ? -3.427  9.358   8.630   1.00 39.03 ? 2138 HOH A O   1 
HETATM 1195 O O   . HOH C 3 .   ? 13.959  -6.967  -0.607  1.00 31.86 ? 2139 HOH A O   1 
HETATM 1196 O O   . HOH C 3 .   ? -7.493  -2.530  7.503   1.00 41.00 ? 2140 HOH A O   1 
HETATM 1197 O O   . HOH C 3 .   ? 5.933   13.054  3.278   1.00 27.39 ? 2141 HOH A O   1 
HETATM 1198 O O   . HOH C 3 .   ? 3.544   5.677   -10.884 1.00 26.93 ? 2142 HOH A O   1 
HETATM 1199 O O   . HOH C 3 .   ? 0.649   -11.449 11.580  1.00 33.30 ? 2143 HOH A O   1 
HETATM 1200 O O   . HOH C 3 .   ? 14.136  4.617   5.909   1.00 34.34 ? 2144 HOH A O   1 
HETATM 1201 O O   . HOH C 3 .   ? 7.809   11.552  1.902   1.00 23.37 ? 2145 HOH A O   1 
HETATM 1202 O O   . HOH C 3 .   ? 5.407   -12.230 -6.694  1.00 36.87 ? 2146 HOH A O   1 
HETATM 1203 O O   . HOH C 3 .   ? 20.937  -18.213 0.089   0.57 26.96 ? 2147 HOH A O   1 
HETATM 1204 O O   . HOH C 3 .   ? 16.769  -1.477  3.353   1.00 26.45 ? 2148 HOH A O   1 
HETATM 1205 O O   . HOH C 3 .   ? -9.453  7.318   1.866   0.57 12.13 ? 2149 HOH A O   1 
HETATM 1206 O O   . HOH C 3 .   ? -18.557 12.384  -7.794  1.00 28.11 ? 2150 HOH A O   1 
HETATM 1207 O O   . HOH C 3 .   ? 2.911   10.971  5.705   1.00 30.81 ? 2151 HOH A O   1 
HETATM 1208 O O   . HOH C 3 .   ? 5.155   15.964  -2.852  1.00 23.09 ? 2152 HOH A O   1 
HETATM 1209 O O   . HOH C 3 .   ? 15.531  -22.547 5.618   1.00 11.69 ? 2153 HOH A O   1 
HETATM 1210 O O   . HOH C 3 .   ? 4.866   -7.279  -10.254 1.00 33.44 ? 2154 HOH A O   1 
HETATM 1211 O O   . HOH C 3 .   ? -8.013  -3.560  -6.955  1.00 11.62 ? 2155 HOH A O   1 
HETATM 1212 O O   . HOH C 3 .   ? 12.286  9.145   -1.987  1.00 31.13 ? 2156 HOH A O   1 
HETATM 1213 O O   . HOH C 3 .   ? 17.098  -19.824 15.244  1.00 40.12 ? 2157 HOH A O   1 
HETATM 1214 O O   . HOH C 3 .   ? 1.015   -10.864 0.886   1.00 24.05 ? 2158 HOH A O   1 
HETATM 1215 O O   . HOH C 3 .   ? 13.692  -24.614 5.957   1.00 33.81 ? 2159 HOH A O   1 
HETATM 1216 O O   . HOH C 3 .   ? -14.635 -3.025  -7.904  1.00 24.24 ? 2160 HOH A O   1 
HETATM 1217 O O   . HOH C 3 .   ? -2.145  -10.256 6.288   1.00 30.37 ? 2161 HOH A O   1 
HETATM 1218 O O   . HOH C 3 .   ? 3.478   17.750  -2.009  1.00 21.34 ? 2162 HOH A O   1 
HETATM 1219 O O   . HOH C 3 .   ? -5.490  2.934   -17.454 1.00 16.88 ? 2163 HOH A O   1 
HETATM 1220 O O   . HOH C 3 .   ? -2.474  20.770  -6.665  1.00 29.70 ? 2164 HOH A O   1 
HETATM 1221 O O   . HOH C 3 .   ? 18.292  -4.393  4.662   1.00 37.93 ? 2165 HOH A O   1 
HETATM 1222 O O   . HOH C 3 .   ? -4.011  -4.881  -6.204  1.00 14.80 ? 2166 HOH A O   1 
HETATM 1223 O O   . HOH C 3 .   ? 0.144   0.119   -15.476 1.00 27.81 ? 2167 HOH A O   1 
HETATM 1224 O O   . HOH C 3 .   ? -25.827 2.942   -0.866  0.57 20.46 ? 2168 HOH A O   1 
HETATM 1225 O O   . HOH C 3 .   ? 4.423   -10.553 -4.627  1.00 16.13 ? 2169 HOH A O   1 
HETATM 1226 O O   . HOH C 3 .   ? -13.188 -3.245  2.809   1.00 32.23 ? 2170 HOH A O   1 
HETATM 1227 O O   . HOH C 3 .   ? 13.656  10.605  1.515   1.00 28.51 ? 2171 HOH A O   1 
HETATM 1228 O O   . HOH C 3 .   ? 11.805  10.933  -0.448  0.50 14.97 ? 2172 HOH A O   1 
HETATM 1229 O O   . HOH C 3 .   ? 10.394  13.569  -4.790  0.50 16.83 ? 2173 HOH A O   1 
HETATM 1230 O O   . HOH C 3 .   ? 3.407   -17.177 4.644   1.00 35.64 ? 2174 HOH A O   1 
HETATM 1231 O O   . HOH C 3 .   ? -6.796  -2.224  -9.014  1.00 10.67 ? 2175 HOH A O   1 
HETATM 1232 O O   . HOH C 3 .   ? 8.688   15.748  -5.813  0.50 10.10 ? 2176 HOH A O   1 
HETATM 1233 O O   . HOH C 3 .   ? 15.384  -6.705  -6.529  1.00 30.56 ? 2177 HOH A O   1 
HETATM 1234 O O   . HOH C 3 .   ? -8.684  -0.686  -17.021 1.00 27.81 ? 2178 HOH A O   1 
HETATM 1235 O O   . HOH C 3 .   ? 13.803  -1.221  11.194  1.00 21.31 ? 2179 HOH A O   1 
HETATM 1236 O O   . HOH C 3 .   ? -8.440  -5.666  3.181   1.00 19.27 ? 2180 HOH A O   1 
HETATM 1237 O O   . HOH C 3 .   ? 16.905  -2.935  8.262   1.00 22.05 ? 2181 HOH A O   1 
HETATM 1238 O O   . HOH C 3 .   ? -2.110  0.890   -16.158 1.00 31.75 ? 2182 HOH A O   1 
HETATM 1239 O O   . HOH C 3 .   ? 5.462   -6.304  -12.126 1.00 29.99 ? 2183 HOH A O   1 
HETATM 1240 O O   . HOH C 3 .   ? 16.027  8.029   2.426   1.00 35.07 ? 2184 HOH A O   1 
HETATM 1241 O O   . HOH C 3 .   ? 11.725  -0.876  -3.118  1.00 25.07 ? 2185 HOH A O   1 
HETATM 1242 O O   . HOH C 3 .   ? 8.318   -22.387 8.026   1.00 34.44 ? 2186 HOH A O   1 
HETATM 1243 O O   . HOH C 3 .   ? -4.489  -9.339  -4.561  0.50 17.66 ? 2187 HOH A O   1 
HETATM 1244 O O   . HOH C 3 .   ? 6.300   13.744  0.984   1.00 45.15 ? 2188 HOH A O   1 
HETATM 1245 O O   . HOH C 3 .   ? 15.630  9.033   4.513   1.00 38.72 ? 2189 HOH A O   1 
HETATM 1246 O O   . HOH C 3 .   ? -6.440  -3.785  -13.678 1.00 29.23 ? 2190 HOH A O   1 
HETATM 1247 O O   . HOH C 3 .   ? 9.955   13.618  -2.365  0.50 17.02 ? 2191 HOH A O   1 
HETATM 1248 O O   . HOH C 3 .   ? 11.892  9.718   -4.683  0.50 27.21 ? 2192 HOH A O   1 
HETATM 1249 O O   . HOH C 3 .   ? 13.852  -13.135 -4.900  1.00 29.40 ? 2193 HOH A O   1 
HETATM 1250 O O   . HOH C 3 .   ? 0.673   -5.560  -11.077 1.00 30.28 ? 2194 HOH A O   1 
HETATM 1251 O O   . HOH C 3 .   ? 13.033  -3.343  13.650  0.50 5.55  ? 2195 HOH A O   1 
HETATM 1252 O O   . HOH C 3 .   ? 4.370   -15.613 8.772   1.00 20.62 ? 2196 HOH A O   1 
HETATM 1253 O O   . HOH C 3 .   ? -9.544  7.486   7.124   1.00 30.46 ? 2197 HOH A O   1 
HETATM 1254 O O   . HOH C 3 .   ? 13.822  -9.366  -7.370  1.00 29.99 ? 2198 HOH A O   1 
HETATM 1255 O O   . HOH C 3 .   ? 22.551  -0.173  2.562   1.00 28.12 ? 2199 HOH A O   1 
HETATM 1256 O O   . HOH C 3 .   ? -1.198  -13.855 -1.776  1.00 34.42 ? 2200 HOH A O   1 
HETATM 1257 O O   . HOH C 3 .   ? -3.647  -3.176  -14.192 1.00 32.78 ? 2201 HOH A O   1 
HETATM 1258 O O   . HOH C 3 .   ? 5.526   -15.954 6.319   1.00 20.89 ? 2202 HOH A O   1 
# 
